data_5QXQ
# 
_entry.id   5QXQ 
# 
_audit_conform.dict_name       mmcif_pdbx.dic 
_audit_conform.dict_version    5.387 
_audit_conform.dict_location   http://mmcif.pdb.org/dictionaries/ascii/mmcif_pdbx.dic 
# 
loop_
_database_2.database_id 
_database_2.database_code 
_database_2.pdbx_database_accession 
_database_2.pdbx_DOI 
PDB   5QXQ         pdb_00005qxq 10.2210/pdb5qxq/pdb 
WWPDB D_1001402450 ?            ?                   
# 
loop_
_pdbx_audit_revision_history.ordinal 
_pdbx_audit_revision_history.data_content_type 
_pdbx_audit_revision_history.major_revision 
_pdbx_audit_revision_history.minor_revision 
_pdbx_audit_revision_history.revision_date 
1 'Structure model' 1 0 2020-04-08 
2 'Structure model' 1 1 2024-03-06 
# 
_pdbx_audit_revision_details.ordinal             1 
_pdbx_audit_revision_details.revision_ordinal    1 
_pdbx_audit_revision_details.data_content_type   'Structure model' 
_pdbx_audit_revision_details.provider            repository 
_pdbx_audit_revision_details.type                'Initial release' 
_pdbx_audit_revision_details.description         ? 
_pdbx_audit_revision_details.details             ? 
# 
loop_
_pdbx_audit_revision_group.ordinal 
_pdbx_audit_revision_group.revision_ordinal 
_pdbx_audit_revision_group.data_content_type 
_pdbx_audit_revision_group.group 
1 2 'Structure model' 'Data collection'     
2 2 'Structure model' 'Database references' 
# 
loop_
_pdbx_audit_revision_category.ordinal 
_pdbx_audit_revision_category.revision_ordinal 
_pdbx_audit_revision_category.data_content_type 
_pdbx_audit_revision_category.category 
1 2 'Structure model' chem_comp_atom 
2 2 'Structure model' chem_comp_bond 
3 2 'Structure model' database_2     
# 
loop_
_pdbx_audit_revision_item.ordinal 
_pdbx_audit_revision_item.revision_ordinal 
_pdbx_audit_revision_item.data_content_type 
_pdbx_audit_revision_item.item 
1 2 'Structure model' '_database_2.pdbx_DOI'                
2 2 'Structure model' '_database_2.pdbx_database_accession' 
# 
_pdbx_database_status.entry_id                        5QXQ 
_pdbx_database_status.status_code                     REL 
_pdbx_database_status.status_code_sf                  REL 
_pdbx_database_status.status_code_mr                  ? 
_pdbx_database_status.status_code_cs                  ? 
_pdbx_database_status.recvd_initial_deposition_date   2020-02-11 
_pdbx_database_status.deposit_site                    RCSB 
_pdbx_database_status.process_site                    RCSB 
_pdbx_database_status.SG_entry                        ? 
_pdbx_database_status.pdb_format_compatible           Y 
_pdbx_database_status.methods_development_category    ? 
_pdbx_database_status.status_code_nmr_data            ? 
# 
loop_
_audit_author.name 
_audit_author.pdbx_ordinal 
'Snee, M.'         1 
'Talon, R.'        2 
'Fowley, D.'       3 
'Collins, P.'      4 
'Nelson, A.'       5 
'Arrowsmith, C.H.' 6 
'Bountra, C.'      7 
'Edwards, A.'      8 
'Von-Delft, F.'    9 
# 
_citation.id                        primary 
_citation.title                     'PanDDA analysis group deposition - Bromodomain of human ATAD2 fragment screening' 
_citation.journal_abbrev            'To Be Published' 
_citation.journal_volume            ? 
_citation.page_first                ? 
_citation.page_last                 ? 
_citation.year                      ? 
_citation.journal_id_ASTM           ? 
_citation.country                   ? 
_citation.journal_id_ISSN           ? 
_citation.journal_id_CSD            0353 
_citation.book_publisher            ? 
_citation.pdbx_database_id_PubMed   ? 
_citation.pdbx_database_id_DOI      ? 
# 
loop_
_citation_author.citation_id 
_citation_author.name 
_citation_author.identifier_ORCID 
_citation_author.ordinal 
primary 'Snee, M.'         ? 1 
primary 'Talon, R.'        ? 2 
primary 'Fowley, D.'       ? 3 
primary 'Collins, P.'      ? 4 
primary 'Nelson, A.'       ? 5 
primary 'Arrowsmith, C.H.' ? 6 
primary 'Bountra, C.'      ? 7 
primary 'Edwards, A.'      ? 8 
primary 'Von-Delft, F.'    ? 9 
# 
loop_
_entity.id 
_entity.type 
_entity.src_method 
_entity.pdbx_description 
_entity.formula_weight 
_entity.pdbx_number_of_molecules 
_entity.pdbx_ec 
_entity.pdbx_mutation 
_entity.pdbx_fragment 
_entity.details 
1 polymer     man 'ATPase family AAA domain-containing protein 2'             15512.562 1   3.6.1.3 ? ? ? 
2 non-polymer syn 'ethyl N-[(2R)-2-(4-methylpyridin-2-yl)propanoyl]glycinate' 250.294   1   ?       ? ? ? 
3 non-polymer syn 'SULFATE ION'                                               96.063    2   ?       ? ? ? 
4 non-polymer syn 1,2-ETHANEDIOL                                              62.068    3   ?       ? ? ? 
5 water       nat water                                                       18.015    221 ?       ? ? ? 
# 
_entity_name_com.entity_id   1 
_entity_name_com.name        'AAA nuclear coregulator cancer-associated protein,ANCCA' 
# 
_entity_poly.entity_id                      1 
_entity_poly.type                           'polypeptide(L)' 
_entity_poly.nstd_linkage                   no 
_entity_poly.nstd_monomer                   no 
_entity_poly.pdbx_seq_one_letter_code       
;SMQEEDTFRELRIFLRNVTHRLAIDKRFRVFTKPVDPDEVPDYRTVIKEPMDLSSVISKIDLHKYLTVKDYLRDIDLICS
NALEYNPDRDPGDRLIRHRACALRDTAYAIIKEELDEDFEQLCEEIQESR
;
_entity_poly.pdbx_seq_one_letter_code_can   
;SMQEEDTFRELRIFLRNVTHRLAIDKRFRVFTKPVDPDEVPDYRTVIKEPMDLSSVISKIDLHKYLTVKDYLRDIDLICS
NALEYNPDRDPGDRLIRHRACALRDTAYAIIKEELDEDFEQLCEEIQESR
;
_entity_poly.pdbx_strand_id                 A 
_entity_poly.pdbx_target_identifier         ? 
# 
loop_
_pdbx_entity_nonpoly.entity_id 
_pdbx_entity_nonpoly.name 
_pdbx_entity_nonpoly.comp_id 
2 'ethyl N-[(2R)-2-(4-methylpyridin-2-yl)propanoyl]glycinate' RHV 
3 'SULFATE ION'                                               SO4 
4 1,2-ETHANEDIOL                                              EDO 
5 water                                                       HOH 
# 
loop_
_entity_poly_seq.entity_id 
_entity_poly_seq.num 
_entity_poly_seq.mon_id 
_entity_poly_seq.hetero 
1 1   SER n 
1 2   MET n 
1 3   GLN n 
1 4   GLU n 
1 5   GLU n 
1 6   ASP n 
1 7   THR n 
1 8   PHE n 
1 9   ARG n 
1 10  GLU n 
1 11  LEU n 
1 12  ARG n 
1 13  ILE n 
1 14  PHE n 
1 15  LEU n 
1 16  ARG n 
1 17  ASN n 
1 18  VAL n 
1 19  THR n 
1 20  HIS n 
1 21  ARG n 
1 22  LEU n 
1 23  ALA n 
1 24  ILE n 
1 25  ASP n 
1 26  LYS n 
1 27  ARG n 
1 28  PHE n 
1 29  ARG n 
1 30  VAL n 
1 31  PHE n 
1 32  THR n 
1 33  LYS n 
1 34  PRO n 
1 35  VAL n 
1 36  ASP n 
1 37  PRO n 
1 38  ASP n 
1 39  GLU n 
1 40  VAL n 
1 41  PRO n 
1 42  ASP n 
1 43  TYR n 
1 44  ARG n 
1 45  THR n 
1 46  VAL n 
1 47  ILE n 
1 48  LYS n 
1 49  GLU n 
1 50  PRO n 
1 51  MET n 
1 52  ASP n 
1 53  LEU n 
1 54  SER n 
1 55  SER n 
1 56  VAL n 
1 57  ILE n 
1 58  SER n 
1 59  LYS n 
1 60  ILE n 
1 61  ASP n 
1 62  LEU n 
1 63  HIS n 
1 64  LYS n 
1 65  TYR n 
1 66  LEU n 
1 67  THR n 
1 68  VAL n 
1 69  LYS n 
1 70  ASP n 
1 71  TYR n 
1 72  LEU n 
1 73  ARG n 
1 74  ASP n 
1 75  ILE n 
1 76  ASP n 
1 77  LEU n 
1 78  ILE n 
1 79  CYS n 
1 80  SER n 
1 81  ASN n 
1 82  ALA n 
1 83  LEU n 
1 84  GLU n 
1 85  TYR n 
1 86  ASN n 
1 87  PRO n 
1 88  ASP n 
1 89  ARG n 
1 90  ASP n 
1 91  PRO n 
1 92  GLY n 
1 93  ASP n 
1 94  ARG n 
1 95  LEU n 
1 96  ILE n 
1 97  ARG n 
1 98  HIS n 
1 99  ARG n 
1 100 ALA n 
1 101 CYS n 
1 102 ALA n 
1 103 LEU n 
1 104 ARG n 
1 105 ASP n 
1 106 THR n 
1 107 ALA n 
1 108 TYR n 
1 109 ALA n 
1 110 ILE n 
1 111 ILE n 
1 112 LYS n 
1 113 GLU n 
1 114 GLU n 
1 115 LEU n 
1 116 ASP n 
1 117 GLU n 
1 118 ASP n 
1 119 PHE n 
1 120 GLU n 
1 121 GLN n 
1 122 LEU n 
1 123 CYS n 
1 124 GLU n 
1 125 GLU n 
1 126 ILE n 
1 127 GLN n 
1 128 GLU n 
1 129 SER n 
1 130 ARG n 
# 
_entity_src_gen.entity_id                          1 
_entity_src_gen.pdbx_src_id                        1 
_entity_src_gen.pdbx_alt_source_flag               sample 
_entity_src_gen.pdbx_seq_type                      'Biological sequence' 
_entity_src_gen.pdbx_beg_seq_num                   1 
_entity_src_gen.pdbx_end_seq_num                   130 
_entity_src_gen.gene_src_common_name               Human 
_entity_src_gen.gene_src_genus                     ? 
_entity_src_gen.pdbx_gene_src_gene                 'ATAD2, L16, PRO2000' 
_entity_src_gen.gene_src_species                   ? 
_entity_src_gen.gene_src_strain                    ? 
_entity_src_gen.gene_src_tissue                    ? 
_entity_src_gen.gene_src_tissue_fraction           ? 
_entity_src_gen.gene_src_details                   ? 
_entity_src_gen.pdbx_gene_src_fragment             ? 
_entity_src_gen.pdbx_gene_src_scientific_name      'Homo sapiens' 
_entity_src_gen.pdbx_gene_src_ncbi_taxonomy_id     9606 
_entity_src_gen.pdbx_gene_src_variant              ? 
_entity_src_gen.pdbx_gene_src_cell_line            ? 
_entity_src_gen.pdbx_gene_src_atcc                 ? 
_entity_src_gen.pdbx_gene_src_organ                ? 
_entity_src_gen.pdbx_gene_src_organelle            ? 
_entity_src_gen.pdbx_gene_src_cell                 ? 
_entity_src_gen.pdbx_gene_src_cellular_location    ? 
_entity_src_gen.host_org_common_name               ? 
_entity_src_gen.pdbx_host_org_scientific_name      'Escherichia coli' 
_entity_src_gen.pdbx_host_org_ncbi_taxonomy_id     562 
_entity_src_gen.host_org_genus                     ? 
_entity_src_gen.pdbx_host_org_gene                 ? 
_entity_src_gen.pdbx_host_org_organ                ? 
_entity_src_gen.host_org_species                   ? 
_entity_src_gen.pdbx_host_org_tissue               ? 
_entity_src_gen.pdbx_host_org_tissue_fraction      ? 
_entity_src_gen.pdbx_host_org_strain               ? 
_entity_src_gen.pdbx_host_org_variant              ? 
_entity_src_gen.pdbx_host_org_cell_line            ? 
_entity_src_gen.pdbx_host_org_atcc                 ? 
_entity_src_gen.pdbx_host_org_culture_collection   ? 
_entity_src_gen.pdbx_host_org_cell                 ? 
_entity_src_gen.pdbx_host_org_organelle            ? 
_entity_src_gen.pdbx_host_org_cellular_location    ? 
_entity_src_gen.pdbx_host_org_vector_type          ? 
_entity_src_gen.pdbx_host_org_vector               ? 
_entity_src_gen.host_org_details                   ? 
_entity_src_gen.expression_system_id               ? 
_entity_src_gen.plasmid_name                       ? 
_entity_src_gen.plasmid_details                    ? 
_entity_src_gen.pdbx_description                   ? 
# 
loop_
_chem_comp.id 
_chem_comp.type 
_chem_comp.mon_nstd_flag 
_chem_comp.name 
_chem_comp.pdbx_synonyms 
_chem_comp.formula 
_chem_comp.formula_weight 
ALA 'L-peptide linking' y ALANINE                                                     ?                 'C3 H7 N O2'     89.093  
ARG 'L-peptide linking' y ARGININE                                                    ?                 'C6 H15 N4 O2 1' 175.209 
ASN 'L-peptide linking' y ASPARAGINE                                                  ?                 'C4 H8 N2 O3'    132.118 
ASP 'L-peptide linking' y 'ASPARTIC ACID'                                             ?                 'C4 H7 N O4'     133.103 
CYS 'L-peptide linking' y CYSTEINE                                                    ?                 'C3 H7 N O2 S'   121.158 
EDO non-polymer         . 1,2-ETHANEDIOL                                              'ETHYLENE GLYCOL' 'C2 H6 O2'       62.068  
GLN 'L-peptide linking' y GLUTAMINE                                                   ?                 'C5 H10 N2 O3'   146.144 
GLU 'L-peptide linking' y 'GLUTAMIC ACID'                                             ?                 'C5 H9 N O4'     147.129 
GLY 'peptide linking'   y GLYCINE                                                     ?                 'C2 H5 N O2'     75.067  
HIS 'L-peptide linking' y HISTIDINE                                                   ?                 'C6 H10 N3 O2 1' 156.162 
HOH non-polymer         . WATER                                                       ?                 'H2 O'           18.015  
ILE 'L-peptide linking' y ISOLEUCINE                                                  ?                 'C6 H13 N O2'    131.173 
LEU 'L-peptide linking' y LEUCINE                                                     ?                 'C6 H13 N O2'    131.173 
LYS 'L-peptide linking' y LYSINE                                                      ?                 'C6 H15 N2 O2 1' 147.195 
MET 'L-peptide linking' y METHIONINE                                                  ?                 'C5 H11 N O2 S'  149.211 
PHE 'L-peptide linking' y PHENYLALANINE                                               ?                 'C9 H11 N O2'    165.189 
PRO 'L-peptide linking' y PROLINE                                                     ?                 'C5 H9 N O2'     115.130 
RHV non-polymer         . 'ethyl N-[(2R)-2-(4-methylpyridin-2-yl)propanoyl]glycinate' ?                 'C13 H18 N2 O3'  250.294 
SER 'L-peptide linking' y SERINE                                                      ?                 'C3 H7 N O3'     105.093 
SO4 non-polymer         . 'SULFATE ION'                                               ?                 'O4 S -2'        96.063  
THR 'L-peptide linking' y THREONINE                                                   ?                 'C4 H9 N O3'     119.119 
TYR 'L-peptide linking' y TYROSINE                                                    ?                 'C9 H11 N O3'    181.189 
VAL 'L-peptide linking' y VALINE                                                      ?                 'C5 H11 N O2'    117.146 
# 
loop_
_pdbx_poly_seq_scheme.asym_id 
_pdbx_poly_seq_scheme.entity_id 
_pdbx_poly_seq_scheme.seq_id 
_pdbx_poly_seq_scheme.mon_id 
_pdbx_poly_seq_scheme.ndb_seq_num 
_pdbx_poly_seq_scheme.pdb_seq_num 
_pdbx_poly_seq_scheme.auth_seq_num 
_pdbx_poly_seq_scheme.pdb_mon_id 
_pdbx_poly_seq_scheme.auth_mon_id 
_pdbx_poly_seq_scheme.pdb_strand_id 
_pdbx_poly_seq_scheme.pdb_ins_code 
_pdbx_poly_seq_scheme.hetero 
A 1 1   SER 1   979  979  SER SER A . n 
A 1 2   MET 2   980  980  MET MET A . n 
A 1 3   GLN 3   981  981  GLN GLN A . n 
A 1 4   GLU 4   982  982  GLU GLU A . n 
A 1 5   GLU 5   983  983  GLU GLU A . n 
A 1 6   ASP 6   984  984  ASP ASP A . n 
A 1 7   THR 7   985  985  THR THR A . n 
A 1 8   PHE 8   986  986  PHE PHE A . n 
A 1 9   ARG 9   987  987  ARG ARG A . n 
A 1 10  GLU 10  988  988  GLU GLU A . n 
A 1 11  LEU 11  989  989  LEU LEU A . n 
A 1 12  ARG 12  990  990  ARG ARG A . n 
A 1 13  ILE 13  991  991  ILE ILE A . n 
A 1 14  PHE 14  992  992  PHE PHE A . n 
A 1 15  LEU 15  993  993  LEU LEU A . n 
A 1 16  ARG 16  994  994  ARG ARG A . n 
A 1 17  ASN 17  995  995  ASN ASN A . n 
A 1 18  VAL 18  996  996  VAL VAL A . n 
A 1 19  THR 19  997  997  THR THR A . n 
A 1 20  HIS 20  998  998  HIS HIS A . n 
A 1 21  ARG 21  999  999  ARG ARG A . n 
A 1 22  LEU 22  1000 1000 LEU LEU A . n 
A 1 23  ALA 23  1001 1001 ALA ALA A . n 
A 1 24  ILE 24  1002 1002 ILE ILE A . n 
A 1 25  ASP 25  1003 1003 ASP ASP A . n 
A 1 26  LYS 26  1004 1004 LYS LYS A . n 
A 1 27  ARG 27  1005 1005 ARG ARG A . n 
A 1 28  PHE 28  1006 1006 PHE PHE A . n 
A 1 29  ARG 29  1007 1007 ARG ARG A . n 
A 1 30  VAL 30  1008 1008 VAL VAL A . n 
A 1 31  PHE 31  1009 1009 PHE PHE A . n 
A 1 32  THR 32  1010 1010 THR THR A . n 
A 1 33  LYS 33  1011 1011 LYS LYS A . n 
A 1 34  PRO 34  1012 1012 PRO PRO A . n 
A 1 35  VAL 35  1013 1013 VAL VAL A . n 
A 1 36  ASP 36  1014 1014 ASP ASP A . n 
A 1 37  PRO 37  1015 1015 PRO PRO A . n 
A 1 38  ASP 38  1016 1016 ASP ASP A . n 
A 1 39  GLU 39  1017 1017 GLU GLU A . n 
A 1 40  VAL 40  1018 1018 VAL VAL A . n 
A 1 41  PRO 41  1019 1019 PRO PRO A . n 
A 1 42  ASP 42  1020 1020 ASP ASP A . n 
A 1 43  TYR 43  1021 1021 TYR TYR A . n 
A 1 44  ARG 44  1022 1022 ARG ARG A . n 
A 1 45  THR 45  1023 1023 THR THR A . n 
A 1 46  VAL 46  1024 1024 VAL VAL A . n 
A 1 47  ILE 47  1025 1025 ILE ILE A . n 
A 1 48  LYS 48  1026 1026 LYS LYS A . n 
A 1 49  GLU 49  1027 1027 GLU GLU A . n 
A 1 50  PRO 50  1028 1028 PRO PRO A . n 
A 1 51  MET 51  1029 1029 MET MET A . n 
A 1 52  ASP 52  1030 1030 ASP ASP A . n 
A 1 53  LEU 53  1031 1031 LEU LEU A . n 
A 1 54  SER 54  1032 1032 SER SER A . n 
A 1 55  SER 55  1033 1033 SER SER A . n 
A 1 56  VAL 56  1034 1034 VAL VAL A . n 
A 1 57  ILE 57  1035 1035 ILE ILE A . n 
A 1 58  SER 58  1036 1036 SER SER A . n 
A 1 59  LYS 59  1037 1037 LYS LYS A . n 
A 1 60  ILE 60  1038 1038 ILE ILE A . n 
A 1 61  ASP 61  1039 1039 ASP ASP A . n 
A 1 62  LEU 62  1040 1040 LEU LEU A . n 
A 1 63  HIS 63  1041 1041 HIS HIS A . n 
A 1 64  LYS 64  1042 1042 LYS LYS A . n 
A 1 65  TYR 65  1043 1043 TYR TYR A . n 
A 1 66  LEU 66  1044 1044 LEU LEU A . n 
A 1 67  THR 67  1045 1045 THR THR A . n 
A 1 68  VAL 68  1046 1046 VAL VAL A . n 
A 1 69  LYS 69  1047 1047 LYS LYS A . n 
A 1 70  ASP 70  1048 1048 ASP ASP A . n 
A 1 71  TYR 71  1049 1049 TYR TYR A . n 
A 1 72  LEU 72  1050 1050 LEU LEU A . n 
A 1 73  ARG 73  1051 1051 ARG ARG A . n 
A 1 74  ASP 74  1052 1052 ASP ASP A . n 
A 1 75  ILE 75  1053 1053 ILE ILE A . n 
A 1 76  ASP 76  1054 1054 ASP ASP A . n 
A 1 77  LEU 77  1055 1055 LEU LEU A . n 
A 1 78  ILE 78  1056 1056 ILE ILE A . n 
A 1 79  CYS 79  1057 1057 CYS CYS A . n 
A 1 80  SER 80  1058 1058 SER SER A . n 
A 1 81  ASN 81  1059 1059 ASN ASN A . n 
A 1 82  ALA 82  1060 1060 ALA ALA A . n 
A 1 83  LEU 83  1061 1061 LEU LEU A . n 
A 1 84  GLU 84  1062 1062 GLU GLU A . n 
A 1 85  TYR 85  1063 1063 TYR TYR A . n 
A 1 86  ASN 86  1064 1064 ASN ASN A . n 
A 1 87  PRO 87  1065 1065 PRO PRO A . n 
A 1 88  ASP 88  1066 1066 ASP ASP A . n 
A 1 89  ARG 89  1067 1067 ARG ARG A . n 
A 1 90  ASP 90  1068 1068 ASP ASP A . n 
A 1 91  PRO 91  1069 1069 PRO PRO A . n 
A 1 92  GLY 92  1070 1070 GLY GLY A . n 
A 1 93  ASP 93  1071 1071 ASP ASP A . n 
A 1 94  ARG 94  1072 1072 ARG ARG A . n 
A 1 95  LEU 95  1073 1073 LEU LEU A . n 
A 1 96  ILE 96  1074 1074 ILE ILE A . n 
A 1 97  ARG 97  1075 1075 ARG ARG A . n 
A 1 98  HIS 98  1076 1076 HIS HIS A . n 
A 1 99  ARG 99  1077 1077 ARG ARG A . n 
A 1 100 ALA 100 1078 1078 ALA ALA A . n 
A 1 101 CYS 101 1079 1079 CYS CYS A . n 
A 1 102 ALA 102 1080 1080 ALA ALA A . n 
A 1 103 LEU 103 1081 1081 LEU LEU A . n 
A 1 104 ARG 104 1082 1082 ARG ARG A . n 
A 1 105 ASP 105 1083 1083 ASP ASP A . n 
A 1 106 THR 106 1084 1084 THR THR A . n 
A 1 107 ALA 107 1085 1085 ALA ALA A . n 
A 1 108 TYR 108 1086 1086 TYR TYR A . n 
A 1 109 ALA 109 1087 1087 ALA ALA A . n 
A 1 110 ILE 110 1088 1088 ILE ILE A . n 
A 1 111 ILE 111 1089 1089 ILE ILE A . n 
A 1 112 LYS 112 1090 1090 LYS LYS A . n 
A 1 113 GLU 113 1091 1091 GLU GLU A . n 
A 1 114 GLU 114 1092 1092 GLU GLU A . n 
A 1 115 LEU 115 1093 1093 LEU LEU A . n 
A 1 116 ASP 116 1094 1094 ASP ASP A . n 
A 1 117 GLU 117 1095 1095 GLU GLU A . n 
A 1 118 ASP 118 1096 1096 ASP ASP A . n 
A 1 119 PHE 119 1097 1097 PHE PHE A . n 
A 1 120 GLU 120 1098 1098 GLU GLU A . n 
A 1 121 GLN 121 1099 1099 GLN GLN A . n 
A 1 122 LEU 122 1100 1100 LEU LEU A . n 
A 1 123 CYS 123 1101 1101 CYS CYS A . n 
A 1 124 GLU 124 1102 1102 GLU GLU A . n 
A 1 125 GLU 125 1103 1103 GLU GLU A . n 
A 1 126 ILE 126 1104 1104 ILE ILE A . n 
A 1 127 GLN 127 1105 1105 GLN GLN A . n 
A 1 128 GLU 128 1106 1106 GLU GLU A . n 
A 1 129 SER 129 1107 1107 SER SER A . n 
A 1 130 ARG 130 1108 1108 ARG ARG A . n 
# 
loop_
_pdbx_nonpoly_scheme.asym_id 
_pdbx_nonpoly_scheme.entity_id 
_pdbx_nonpoly_scheme.mon_id 
_pdbx_nonpoly_scheme.ndb_seq_num 
_pdbx_nonpoly_scheme.pdb_seq_num 
_pdbx_nonpoly_scheme.auth_seq_num 
_pdbx_nonpoly_scheme.pdb_mon_id 
_pdbx_nonpoly_scheme.auth_mon_id 
_pdbx_nonpoly_scheme.pdb_strand_id 
_pdbx_nonpoly_scheme.pdb_ins_code 
B 2 RHV 1   1201 1201 RHV LIG A . 
C 3 SO4 1   1202 1    SO4 SO4 A . 
D 3 SO4 1   1203 2    SO4 SO4 A . 
E 4 EDO 1   1204 3    EDO EDO A . 
F 4 EDO 1   1205 5    EDO EDO A . 
G 4 EDO 1   1206 6    EDO EDO A . 
H 5 HOH 1   1301 158  HOH HOH A . 
H 5 HOH 2   1302 128  HOH HOH A . 
H 5 HOH 3   1303 79   HOH HOH A . 
H 5 HOH 4   1304 224  HOH HOH A . 
H 5 HOH 5   1305 134  HOH HOH A . 
H 5 HOH 6   1306 161  HOH HOH A . 
H 5 HOH 7   1307 256  HOH HOH A . 
H 5 HOH 8   1308 88   HOH HOH A . 
H 5 HOH 9   1309 184  HOH HOH A . 
H 5 HOH 10  1310 200  HOH HOH A . 
H 5 HOH 11  1311 129  HOH HOH A . 
H 5 HOH 12  1312 87   HOH HOH A . 
H 5 HOH 13  1313 171  HOH HOH A . 
H 5 HOH 14  1314 191  HOH HOH A . 
H 5 HOH 15  1315 94   HOH HOH A . 
H 5 HOH 16  1316 5    HOH HOH A . 
H 5 HOH 17  1317 111  HOH HOH A . 
H 5 HOH 18  1318 27   HOH HOH A . 
H 5 HOH 19  1319 132  HOH HOH A . 
H 5 HOH 20  1320 59   HOH HOH A . 
H 5 HOH 21  1321 68   HOH HOH A . 
H 5 HOH 22  1322 98   HOH HOH A . 
H 5 HOH 23  1323 70   HOH HOH A . 
H 5 HOH 24  1324 142  HOH HOH A . 
H 5 HOH 25  1325 28   HOH HOH A . 
H 5 HOH 26  1326 32   HOH HOH A . 
H 5 HOH 27  1327 201  HOH HOH A . 
H 5 HOH 28  1328 203  HOH HOH A . 
H 5 HOH 29  1329 50   HOH HOH A . 
H 5 HOH 30  1330 258  HOH HOH A . 
H 5 HOH 31  1331 194  HOH HOH A . 
H 5 HOH 32  1332 113  HOH HOH A . 
H 5 HOH 33  1333 64   HOH HOH A . 
H 5 HOH 34  1334 23   HOH HOH A . 
H 5 HOH 35  1335 106  HOH HOH A . 
H 5 HOH 36  1336 9    HOH HOH A . 
H 5 HOH 37  1337 109  HOH HOH A . 
H 5 HOH 38  1338 140  HOH HOH A . 
H 5 HOH 39  1339 16   HOH HOH A . 
H 5 HOH 40  1340 13   HOH HOH A . 
H 5 HOH 41  1341 56   HOH HOH A . 
H 5 HOH 42  1342 165  HOH HOH A . 
H 5 HOH 43  1343 189  HOH HOH A . 
H 5 HOH 44  1344 75   HOH HOH A . 
H 5 HOH 45  1345 47   HOH HOH A . 
H 5 HOH 46  1346 221  HOH HOH A . 
H 5 HOH 47  1347 118  HOH HOH A . 
H 5 HOH 48  1348 77   HOH HOH A . 
H 5 HOH 49  1349 21   HOH HOH A . 
H 5 HOH 50  1350 17   HOH HOH A . 
H 5 HOH 51  1351 162  HOH HOH A . 
H 5 HOH 52  1352 19   HOH HOH A . 
H 5 HOH 53  1353 31   HOH HOH A . 
H 5 HOH 54  1354 100  HOH HOH A . 
H 5 HOH 55  1355 55   HOH HOH A . 
H 5 HOH 56  1356 34   HOH HOH A . 
H 5 HOH 57  1357 261  HOH HOH A . 
H 5 HOH 58  1358 192  HOH HOH A . 
H 5 HOH 59  1359 206  HOH HOH A . 
H 5 HOH 60  1360 33   HOH HOH A . 
H 5 HOH 61  1361 2    HOH HOH A . 
H 5 HOH 62  1362 14   HOH HOH A . 
H 5 HOH 63  1363 25   HOH HOH A . 
H 5 HOH 64  1364 61   HOH HOH A . 
H 5 HOH 65  1365 42   HOH HOH A . 
H 5 HOH 66  1366 20   HOH HOH A . 
H 5 HOH 67  1367 197  HOH HOH A . 
H 5 HOH 68  1368 160  HOH HOH A . 
H 5 HOH 69  1369 46   HOH HOH A . 
H 5 HOH 70  1370 73   HOH HOH A . 
H 5 HOH 71  1371 141  HOH HOH A . 
H 5 HOH 72  1372 99   HOH HOH A . 
H 5 HOH 73  1373 51   HOH HOH A . 
H 5 HOH 74  1374 7    HOH HOH A . 
H 5 HOH 75  1375 22   HOH HOH A . 
H 5 HOH 76  1376 1    HOH HOH A . 
H 5 HOH 77  1377 187  HOH HOH A . 
H 5 HOH 78  1378 24   HOH HOH A . 
H 5 HOH 79  1379 76   HOH HOH A . 
H 5 HOH 80  1380 40   HOH HOH A . 
H 5 HOH 81  1381 176  HOH HOH A . 
H 5 HOH 82  1382 172  HOH HOH A . 
H 5 HOH 83  1383 252  HOH HOH A . 
H 5 HOH 84  1384 139  HOH HOH A . 
H 5 HOH 85  1385 236  HOH HOH A . 
H 5 HOH 86  1386 29   HOH HOH A . 
H 5 HOH 87  1387 45   HOH HOH A . 
H 5 HOH 88  1388 48   HOH HOH A . 
H 5 HOH 89  1389 253  HOH HOH A . 
H 5 HOH 90  1390 92   HOH HOH A . 
H 5 HOH 91  1391 30   HOH HOH A . 
H 5 HOH 92  1392 12   HOH HOH A . 
H 5 HOH 93  1393 15   HOH HOH A . 
H 5 HOH 94  1394 89   HOH HOH A . 
H 5 HOH 95  1395 52   HOH HOH A . 
H 5 HOH 96  1396 4    HOH HOH A . 
H 5 HOH 97  1397 177  HOH HOH A . 
H 5 HOH 98  1398 6    HOH HOH A . 
H 5 HOH 99  1399 131  HOH HOH A . 
H 5 HOH 100 1400 58   HOH HOH A . 
H 5 HOH 101 1401 83   HOH HOH A . 
H 5 HOH 102 1402 62   HOH HOH A . 
H 5 HOH 103 1403 104  HOH HOH A . 
H 5 HOH 104 1404 120  HOH HOH A . 
H 5 HOH 105 1405 216  HOH HOH A . 
H 5 HOH 106 1406 102  HOH HOH A . 
H 5 HOH 107 1407 154  HOH HOH A . 
H 5 HOH 108 1408 130  HOH HOH A . 
H 5 HOH 109 1409 237  HOH HOH A . 
H 5 HOH 110 1410 54   HOH HOH A . 
H 5 HOH 111 1411 107  HOH HOH A . 
H 5 HOH 112 1412 90   HOH HOH A . 
H 5 HOH 113 1413 39   HOH HOH A . 
H 5 HOH 114 1414 86   HOH HOH A . 
H 5 HOH 115 1415 115  HOH HOH A . 
H 5 HOH 116 1416 105  HOH HOH A . 
H 5 HOH 117 1417 147  HOH HOH A . 
H 5 HOH 118 1418 116  HOH HOH A . 
H 5 HOH 119 1419 145  HOH HOH A . 
H 5 HOH 120 1420 67   HOH HOH A . 
H 5 HOH 121 1421 101  HOH HOH A . 
H 5 HOH 122 1422 49   HOH HOH A . 
H 5 HOH 123 1423 85   HOH HOH A . 
H 5 HOH 124 1424 3    HOH HOH A . 
H 5 HOH 125 1425 207  HOH HOH A . 
H 5 HOH 126 1426 155  HOH HOH A . 
H 5 HOH 127 1427 124  HOH HOH A . 
H 5 HOH 128 1428 18   HOH HOH A . 
H 5 HOH 129 1429 72   HOH HOH A . 
H 5 HOH 130 1430 82   HOH HOH A . 
H 5 HOH 131 1431 123  HOH HOH A . 
H 5 HOH 132 1432 53   HOH HOH A . 
H 5 HOH 133 1433 97   HOH HOH A . 
H 5 HOH 134 1434 10   HOH HOH A . 
H 5 HOH 135 1435 11   HOH HOH A . 
H 5 HOH 136 1436 122  HOH HOH A . 
H 5 HOH 137 1437 26   HOH HOH A . 
H 5 HOH 138 1438 78   HOH HOH A . 
H 5 HOH 139 1439 190  HOH HOH A . 
H 5 HOH 140 1440 234  HOH HOH A . 
H 5 HOH 141 1441 209  HOH HOH A . 
H 5 HOH 142 1442 247  HOH HOH A . 
H 5 HOH 143 1443 246  HOH HOH A . 
H 5 HOH 144 1444 254  HOH HOH A . 
H 5 HOH 145 1445 36   HOH HOH A . 
H 5 HOH 146 1446 175  HOH HOH A . 
H 5 HOH 147 1447 96   HOH HOH A . 
H 5 HOH 148 1448 179  HOH HOH A . 
H 5 HOH 149 1449 215  HOH HOH A . 
H 5 HOH 150 1450 196  HOH HOH A . 
H 5 HOH 151 1451 240  HOH HOH A . 
H 5 HOH 152 1452 93   HOH HOH A . 
H 5 HOH 153 1453 230  HOH HOH A . 
H 5 HOH 154 1454 181  HOH HOH A . 
H 5 HOH 155 1455 178  HOH HOH A . 
H 5 HOH 156 1456 180  HOH HOH A . 
H 5 HOH 157 1457 144  HOH HOH A . 
H 5 HOH 158 1458 188  HOH HOH A . 
H 5 HOH 159 1459 164  HOH HOH A . 
H 5 HOH 160 1460 38   HOH HOH A . 
H 5 HOH 161 1461 152  HOH HOH A . 
H 5 HOH 162 1462 41   HOH HOH A . 
H 5 HOH 163 1463 69   HOH HOH A . 
H 5 HOH 164 1464 260  HOH HOH A . 
H 5 HOH 165 1465 81   HOH HOH A . 
H 5 HOH 166 1466 135  HOH HOH A . 
H 5 HOH 167 1467 243  HOH HOH A . 
H 5 HOH 168 1468 186  HOH HOH A . 
H 5 HOH 169 1469 250  HOH HOH A . 
H 5 HOH 170 1470 91   HOH HOH A . 
H 5 HOH 171 1471 244  HOH HOH A . 
H 5 HOH 172 1472 60   HOH HOH A . 
H 5 HOH 173 1473 150  HOH HOH A . 
H 5 HOH 174 1474 220  HOH HOH A . 
H 5 HOH 175 1475 217  HOH HOH A . 
H 5 HOH 176 1476 159  HOH HOH A . 
H 5 HOH 177 1477 225  HOH HOH A . 
H 5 HOH 178 1478 163  HOH HOH A . 
H 5 HOH 179 1479 259  HOH HOH A . 
H 5 HOH 180 1480 110  HOH HOH A . 
H 5 HOH 181 1481 151  HOH HOH A . 
H 5 HOH 182 1482 157  HOH HOH A . 
H 5 HOH 183 1483 37   HOH HOH A . 
H 5 HOH 184 1484 205  HOH HOH A . 
H 5 HOH 185 1485 210  HOH HOH A . 
H 5 HOH 186 1486 8    HOH HOH A . 
H 5 HOH 187 1487 112  HOH HOH A . 
H 5 HOH 188 1488 174  HOH HOH A . 
H 5 HOH 189 1489 103  HOH HOH A . 
H 5 HOH 190 1490 143  HOH HOH A . 
H 5 HOH 191 1491 233  HOH HOH A . 
H 5 HOH 192 1492 119  HOH HOH A . 
H 5 HOH 193 1493 146  HOH HOH A . 
H 5 HOH 194 1494 66   HOH HOH A . 
H 5 HOH 195 1495 74   HOH HOH A . 
H 5 HOH 196 1496 125  HOH HOH A . 
H 5 HOH 197 1497 44   HOH HOH A . 
H 5 HOH 198 1498 127  HOH HOH A . 
H 5 HOH 199 1499 71   HOH HOH A . 
H 5 HOH 200 1500 149  HOH HOH A . 
H 5 HOH 201 1501 63   HOH HOH A . 
H 5 HOH 202 1502 148  HOH HOH A . 
H 5 HOH 203 1503 185  HOH HOH A . 
H 5 HOH 204 1504 245  HOH HOH A . 
H 5 HOH 205 1505 251  HOH HOH A . 
H 5 HOH 206 1506 35   HOH HOH A . 
H 5 HOH 207 1507 168  HOH HOH A . 
H 5 HOH 208 1508 117  HOH HOH A . 
H 5 HOH 209 1509 248  HOH HOH A . 
H 5 HOH 210 1510 211  HOH HOH A . 
H 5 HOH 211 1511 137  HOH HOH A . 
H 5 HOH 212 1512 255  HOH HOH A . 
H 5 HOH 213 1513 257  HOH HOH A . 
H 5 HOH 214 1514 183  HOH HOH A . 
H 5 HOH 215 1515 249  HOH HOH A . 
H 5 HOH 216 1516 219  HOH HOH A . 
H 5 HOH 217 1517 202  HOH HOH A . 
H 5 HOH 218 1518 121  HOH HOH A . 
H 5 HOH 219 1519 136  HOH HOH A . 
H 5 HOH 220 1520 214  HOH HOH A . 
H 5 HOH 221 1521 204  HOH HOH A . 
# 
loop_
_pdbx_unobs_or_zero_occ_atoms.id 
_pdbx_unobs_or_zero_occ_atoms.PDB_model_num 
_pdbx_unobs_or_zero_occ_atoms.polymer_flag 
_pdbx_unobs_or_zero_occ_atoms.occupancy_flag 
_pdbx_unobs_or_zero_occ_atoms.auth_asym_id 
_pdbx_unobs_or_zero_occ_atoms.auth_comp_id 
_pdbx_unobs_or_zero_occ_atoms.auth_seq_id 
_pdbx_unobs_or_zero_occ_atoms.PDB_ins_code 
_pdbx_unobs_or_zero_occ_atoms.auth_atom_id 
_pdbx_unobs_or_zero_occ_atoms.label_alt_id 
_pdbx_unobs_or_zero_occ_atoms.label_asym_id 
_pdbx_unobs_or_zero_occ_atoms.label_comp_id 
_pdbx_unobs_or_zero_occ_atoms.label_seq_id 
_pdbx_unobs_or_zero_occ_atoms.label_atom_id 
1 1 Y 1 A LYS 1004 ? CG ? A LYS 26 CG 
2 1 Y 1 A LYS 1004 ? CD ? A LYS 26 CD 
3 1 Y 1 A LYS 1004 ? CE ? A LYS 26 CE 
4 1 Y 1 A LYS 1004 ? NZ ? A LYS 26 NZ 
# 
loop_
_software.pdbx_ordinal 
_software.name 
_software.version 
_software.date 
_software.type 
_software.contact_author 
_software.contact_author_email 
_software.classification 
_software.location 
_software.language 
_software.citation_id 
1 REFMAC      5.8.0238 ?               program 'Garib N. Murshudov' garib@ysbl.york.ac.uk    refinement        
http://www.ccp4.ac.uk/dist/html/refmac5.html        Fortran_77 ? 
2 Aimless     0.5.23   02/02/16        program 'Phil Evans'         ?                        'data scaling'    
http://www.mrc-lmb.cam.ac.uk/harry/pre/aimless.html ?          ? 
3 PDB_EXTRACT 3.23     'SEP. 23, 2016' package PDB                  deposit@deposit.rcsb.org 'data extraction' 
http://sw-tools.pdb.org/apps/PDB_EXTRACT/           C++        ? 
4 XDS         .        ?               program ?                    ?                        'data reduction'  ? ?          ? 
5 REFMAC      .        ?               program ?                    ?                        phasing           ? ?          ? 
# 
_cell.entry_id           5QXQ 
_cell.length_a           80.899 
_cell.length_b           80.899 
_cell.length_c           139.985 
_cell.angle_alpha        90.000 
_cell.angle_beta         90.000 
_cell.angle_gamma        120.000 
_cell.Z_PDB              12 
_cell.pdbx_unique_axis   ? 
# 
_symmetry.entry_id                         5QXQ 
_symmetry.space_group_name_H-M             'P 65 2 2' 
_symmetry.pdbx_full_space_group_name_H-M   ? 
_symmetry.cell_setting                     ? 
_symmetry.Int_Tables_number                179 
# 
_exptl.crystals_number   1 
_exptl.entry_id          5QXQ 
_exptl.method            'X-RAY DIFFRACTION' 
# 
_exptl_crystal.id                    1 
_exptl_crystal.pdbx_mosaicity        0.080 
_exptl_crystal.pdbx_mosaicity_esd    ? 
_exptl_crystal.density_Matthews      4.2 
_exptl_crystal.density_diffrn        ? 
_exptl_crystal.density_meas          ? 
_exptl_crystal.density_meas_temp     ? 
_exptl_crystal.density_percent_sol   70.7 
_exptl_crystal.size_max              ? 
_exptl_crystal.size_mid              ? 
_exptl_crystal.size_min              ? 
_exptl_crystal.size_rad              ? 
_exptl_crystal.description           ? 
# 
_exptl_crystal_grow.crystal_id      1 
_exptl_crystal_grow.method          'VAPOR DIFFUSION, SITTING DROP' 
_exptl_crystal_grow.pH              5.5 
_exptl_crystal_grow.temp            277 
_exptl_crystal_grow.pdbx_details    '1.6M Ammonium Sulfate, 0.1M bis-tris pH 5.5' 
_exptl_crystal_grow.temp_details    ? 
_exptl_crystal_grow.pdbx_pH_range   ? 
# 
_diffrn.id                     1 
_diffrn.ambient_temp           100 
_diffrn.crystal_id             1 
_diffrn.ambient_temp_details   ? 
# 
_diffrn_detector.detector               PIXEL 
_diffrn_detector.type                   'DECTRIS PILATUS 6M' 
_diffrn_detector.pdbx_collection_date   2016-04-23 
_diffrn_detector.diffrn_id              1 
_diffrn_detector.details                ? 
# 
_diffrn_radiation.diffrn_id                        1 
_diffrn_radiation.wavelength_id                    1 
_diffrn_radiation.pdbx_diffrn_protocol             'SINGLE WAVELENGTH' 
_diffrn_radiation.pdbx_monochromatic_or_laue_m_l   ? 
_diffrn_radiation.monochromator                    ? 
_diffrn_radiation.pdbx_scattering_type             x-ray 
# 
_diffrn_radiation_wavelength.id           1 
_diffrn_radiation_wavelength.wavelength   0.92819 
_diffrn_radiation_wavelength.wt           1.0 
# 
_diffrn_source.diffrn_id                   1 
_diffrn_source.source                      SYNCHROTRON 
_diffrn_source.type                        'DIAMOND BEAMLINE I04-1' 
_diffrn_source.pdbx_wavelength_list        0.92819 
_diffrn_source.pdbx_synchrotron_site       Diamond 
_diffrn_source.pdbx_synchrotron_beamline   I04-1 
_diffrn_source.pdbx_wavelength             ? 
# 
_reflns.entry_id                     5QXQ 
_reflns.pdbx_diffrn_id               1 
_reflns.pdbx_ordinal                 1 
_reflns.observed_criterion_sigma_I   ? 
_reflns.observed_criterion_sigma_F   ? 
_reflns.d_resolution_low             28.010 
_reflns.d_resolution_high            1.550 
_reflns.number_obs                   40362 
_reflns.number_all                   ? 
_reflns.percent_possible_obs         99.900 
_reflns.pdbx_Rmerge_I_obs            0.057 
_reflns.pdbx_Rsym_value              ? 
_reflns.pdbx_netI_over_sigmaI        33.200 
_reflns.B_iso_Wilson_estimate        ? 
_reflns.pdbx_redundancy              19.200 
_reflns.pdbx_Rrim_I_all              0.059 
_reflns.pdbx_Rpim_I_all              0.013 
_reflns.pdbx_CC_half                 1.000 
_reflns.pdbx_netI_over_av_sigmaI     ? 
_reflns.pdbx_number_measured_all     775458 
_reflns.pdbx_scaling_rejects         0 
_reflns.pdbx_chi_squared             ? 
_reflns.Rmerge_F_all                 ? 
_reflns.Rmerge_F_obs                 ? 
_reflns.observed_criterion_F_max     ? 
_reflns.observed_criterion_F_min     ? 
_reflns.observed_criterion_I_max     ? 
_reflns.observed_criterion_I_min     ? 
_reflns.pdbx_d_res_high_opt          ? 
_reflns.pdbx_d_res_low_opt           ? 
_reflns.details                      ? 
# 
loop_
_reflns_shell.pdbx_diffrn_id 
_reflns_shell.pdbx_ordinal 
_reflns_shell.d_res_high 
_reflns_shell.d_res_low 
_reflns_shell.number_measured_obs 
_reflns_shell.number_measured_all 
_reflns_shell.number_unique_obs 
_reflns_shell.pdbx_rejects 
_reflns_shell.Rmerge_I_obs 
_reflns_shell.meanI_over_sigI_obs 
_reflns_shell.pdbx_Rsym_value 
_reflns_shell.pdbx_chi_squared 
_reflns_shell.pdbx_redundancy 
_reflns_shell.percent_possible_obs 
_reflns_shell.pdbx_netI_over_sigmaI_obs 
_reflns_shell.number_possible 
_reflns_shell.number_unique_all 
_reflns_shell.Rmerge_F_all 
_reflns_shell.Rmerge_F_obs 
_reflns_shell.Rmerge_I_all 
_reflns_shell.meanI_over_sigI_all 
_reflns_shell.percent_possible_all 
_reflns_shell.pdbx_Rrim_I_all 
_reflns_shell.pdbx_Rpim_I_all 
_reflns_shell.pdbx_CC_half 
1 1 1.550 1.590  ? 55644 ? ? 0.793 ? ? ? 19.100 ? 4.100   ? 2916 ? ? ? ? 98.500 0.815 0.184 0.931 
1 2 6.910 28.010 ? 9556  ? ? 0.022 ? ? ? 17.200 ? 107.600 ? 554  ? ? ? ? 98.600 0.022 0.005 0.999 
# 
_refine.entry_id                                 5QXQ 
_refine.pdbx_refine_id                           'X-RAY DIFFRACTION' 
_refine.ls_d_res_high                            1.5500 
_refine.ls_d_res_low                             28.0300 
_refine.pdbx_ls_sigma_F                          0.000 
_refine.pdbx_data_cutoff_high_absF               ? 
_refine.pdbx_data_cutoff_low_absF                ? 
_refine.ls_percent_reflns_obs                    99.8500 
_refine.ls_number_reflns_obs                     38269 
_refine.ls_number_reflns_all                     ? 
_refine.pdbx_ls_cross_valid_method               THROUGHOUT 
_refine.ls_matrix_type                           ? 
_refine.pdbx_R_Free_selection_details            RANDOM 
_refine.details                                  
'HYDROGENS HAVE BEEN ADDED IN THE RIDING POSITIONS U VALUES      : REFINED INDIVIDUALLY' 
_refine.ls_R_factor_all                          ? 
_refine.ls_R_factor_obs                          0.1659 
_refine.ls_R_factor_R_work                       0.1654 
_refine.ls_wR_factor_R_work                      ? 
_refine.ls_R_factor_R_free                       0.1749 
_refine.ls_wR_factor_R_free                      ? 
_refine.ls_percent_reflns_R_free                 5.0000 
_refine.ls_number_reflns_R_free                  2026 
_refine.ls_number_reflns_R_work                  ? 
_refine.ls_R_factor_R_free_error                 ? 
_refine.B_iso_mean                               23.8610 
_refine.solvent_model_param_bsol                 ? 
_refine.solvent_model_param_ksol                 ? 
_refine.pdbx_isotropic_thermal_model             ? 
_refine.aniso_B[1][1]                            0.3300 
_refine.aniso_B[2][2]                            0.3300 
_refine.aniso_B[3][3]                            -1.0700 
_refine.aniso_B[1][2]                            0.1700 
_refine.aniso_B[1][3]                            -0.0000 
_refine.aniso_B[2][3]                            0.0000 
_refine.correlation_coeff_Fo_to_Fc               0.9680 
_refine.correlation_coeff_Fo_to_Fc_free          0.9660 
_refine.overall_SU_R_Cruickshank_DPI             ? 
_refine.pdbx_overall_SU_R_free_Cruickshank_DPI   ? 
_refine.pdbx_overall_SU_R_Blow_DPI               ? 
_refine.pdbx_overall_SU_R_free_Blow_DPI          ? 
_refine.overall_SU_R_free                        ? 
_refine.pdbx_overall_ESU_R                       0.0690 
_refine.pdbx_overall_ESU_R_Free                  0.0650 
_refine.overall_SU_ML                            0.0420 
_refine.overall_SU_B                             1.1620 
_refine.solvent_model_details                    MASK 
_refine.pdbx_solvent_vdw_probe_radii             1.2000 
_refine.pdbx_solvent_ion_probe_radii             0.8000 
_refine.pdbx_solvent_shrinkage_radii             0.8000 
_refine.ls_number_parameters                     ? 
_refine.ls_number_restraints                     ? 
_refine.pdbx_starting_model                      3DAI 
_refine.pdbx_method_to_determine_struct          'FOURIER SYNTHESIS' 
_refine.pdbx_stereochemistry_target_values       'MAXIMUM LIKELIHOOD' 
_refine.pdbx_stereochem_target_val_spec_case     ? 
_refine.overall_FOM_work_R_set                   ? 
_refine.B_iso_max                                100.430 
_refine.B_iso_min                                11.700 
_refine.pdbx_overall_phase_error                 ? 
_refine.occupancy_max                            ? 
_refine.occupancy_min                            ? 
_refine.pdbx_diffrn_id                           1 
_refine.pdbx_TLS_residual_ADP_flag               ? 
_refine.pdbx_ls_sigma_I                          ? 
_refine.pdbx_data_cutoff_high_rms_absF           ? 
_refine.ls_R_factor_R_free_error_details         ? 
# 
_refine_hist.cycle_id                         final 
_refine_hist.pdbx_refine_id                   'X-RAY DIFFRACTION' 
_refine_hist.d_res_high                       1.5500 
_refine_hist.d_res_low                        28.0300 
_refine_hist.pdbx_number_atoms_ligand         40 
_refine_hist.number_atoms_solvent             225 
_refine_hist.number_atoms_total               1349 
_refine_hist.pdbx_number_residues_total       130 
_refine_hist.pdbx_B_iso_mean_ligand           35.07 
_refine_hist.pdbx_B_iso_mean_solvent          37.35 
_refine_hist.pdbx_number_atoms_protein        1084 
_refine_hist.pdbx_number_atoms_nucleic_acid   0 
# 
loop_
_refine_ls_restr.pdbx_refine_id 
_refine_ls_restr.type 
_refine_ls_restr.number 
_refine_ls_restr.dev_ideal 
_refine_ls_restr.dev_ideal_target 
_refine_ls_restr.weight 
_refine_ls_restr.pdbx_restraint_function 
'X-RAY DIFFRACTION' r_bond_refined_d       2863 0.013  0.015  ? ? 
'X-RAY DIFFRACTION' r_bond_other_d         1711 0.001  0.017  ? ? 
'X-RAY DIFFRACTION' r_angle_refined_deg    2631 2.069  1.687  ? ? 
'X-RAY DIFFRACTION' r_angle_other_deg      3987 1.490  1.630  ? ? 
'X-RAY DIFFRACTION' r_dihedral_angle_1_deg 259  4.663  5.000  ? ? 
'X-RAY DIFFRACTION' r_dihedral_angle_2_deg 131  25.943 19.771 ? ? 
'X-RAY DIFFRACTION' r_dihedral_angle_3_deg 336  14.291 15.000 ? ? 
'X-RAY DIFFRACTION' r_dihedral_angle_4_deg 29   12.082 15.000 ? ? 
'X-RAY DIFFRACTION' r_chiral_restr         239  0.107  0.200  ? ? 
'X-RAY DIFFRACTION' r_gen_planes_refined   2395 0.010  0.020  ? ? 
'X-RAY DIFFRACTION' r_gen_planes_other     471  0.003  0.020  ? ? 
'X-RAY DIFFRACTION' r_mcbond_it            1362 1.568  1.950  ? ? 
'X-RAY DIFFRACTION' r_mcbond_other         1292 1.605  1.868  ? ? 
'X-RAY DIFFRACTION' r_mcangle_it           1197 2.737  2.877  ? ? 
# 
_refine_ls_shell.d_res_high                       1.5460 
_refine_ls_shell.d_res_low                        1.5860 
_refine_ls_shell.pdbx_total_number_of_bins_used   20 
_refine_ls_shell.percent_reflns_obs               98.7100 
_refine_ls_shell.number_reflns_R_work             2772 
_refine_ls_shell.R_factor_all                     ? 
_refine_ls_shell.R_factor_R_work                  0.2200 
_refine_ls_shell.R_factor_R_free                  0.2180 
_refine_ls_shell.percent_reflns_R_free            ? 
_refine_ls_shell.number_reflns_R_free             145 
_refine_ls_shell.R_factor_R_free_error            ? 
_refine_ls_shell.number_reflns_all                2917 
_refine_ls_shell.number_reflns_obs                ? 
_refine_ls_shell.pdbx_refine_id                   'X-RAY DIFFRACTION' 
# 
_struct.entry_id                  5QXQ 
_struct.title                     'PanDDA analysis group deposition -- Crystal Structure of ATAD2 in complex with TCJ779' 
_struct.pdbx_model_details        ? 
_struct.pdbx_CASP_flag            ? 
_struct.pdbx_model_type_details   ? 
# 
_struct_keywords.entry_id        5QXQ 
_struct_keywords.text            
'SGC - Diamond I04-1 fragment screening, PanDDA, XChemExplorer, HYDROLASE-HYDROLASE INHIBITOR complex' 
_struct_keywords.pdbx_keywords   'HYDROLASE/HYDROLASE INHIBITOR' 
# 
loop_
_struct_asym.id 
_struct_asym.pdbx_blank_PDB_chainid_flag 
_struct_asym.pdbx_modified 
_struct_asym.entity_id 
_struct_asym.details 
A N N 1 ? 
B N N 2 ? 
C N N 3 ? 
D N N 3 ? 
E N N 4 ? 
F N N 4 ? 
G N N 4 ? 
H N N 5 ? 
# 
_struct_ref.id                         1 
_struct_ref.db_name                    UNP 
_struct_ref.db_code                    ATAD2_HUMAN 
_struct_ref.pdbx_db_accession          Q6PL18 
_struct_ref.pdbx_db_isoform            ? 
_struct_ref.entity_id                  1 
_struct_ref.pdbx_seq_one_letter_code   
;QEEDTFRELRIFLRNVTHRLAIDKRFRVFTKPVDPDEVPDYVTVIKQPMDLSSVISKIDLHKYLTVKDYLRDIDLICSNA
LEYNPDRDPGDRLIRHRACALRDTAYAIIKEELDEDFEQLCEEIQESR
;
_struct_ref.pdbx_align_begin           981 
# 
_struct_ref_seq.align_id                      1 
_struct_ref_seq.ref_id                        1 
_struct_ref_seq.pdbx_PDB_id_code              5QXQ 
_struct_ref_seq.pdbx_strand_id                A 
_struct_ref_seq.seq_align_beg                 3 
_struct_ref_seq.pdbx_seq_align_beg_ins_code   ? 
_struct_ref_seq.seq_align_end                 130 
_struct_ref_seq.pdbx_seq_align_end_ins_code   ? 
_struct_ref_seq.pdbx_db_accession             Q6PL18 
_struct_ref_seq.db_align_beg                  981 
_struct_ref_seq.pdbx_db_align_beg_ins_code    ? 
_struct_ref_seq.db_align_end                  1108 
_struct_ref_seq.pdbx_db_align_end_ins_code    ? 
_struct_ref_seq.pdbx_auth_seq_align_beg       981 
_struct_ref_seq.pdbx_auth_seq_align_end       1108 
# 
loop_
_struct_ref_seq_dif.align_id 
_struct_ref_seq_dif.pdbx_pdb_id_code 
_struct_ref_seq_dif.mon_id 
_struct_ref_seq_dif.pdbx_pdb_strand_id 
_struct_ref_seq_dif.seq_num 
_struct_ref_seq_dif.pdbx_pdb_ins_code 
_struct_ref_seq_dif.pdbx_seq_db_name 
_struct_ref_seq_dif.pdbx_seq_db_accession_code 
_struct_ref_seq_dif.db_mon_id 
_struct_ref_seq_dif.pdbx_seq_db_seq_num 
_struct_ref_seq_dif.details 
_struct_ref_seq_dif.pdbx_auth_seq_num 
_struct_ref_seq_dif.pdbx_ordinal 
1 5QXQ SER A 1  ? UNP Q6PL18 ?   ?    'expression tag' 979  1 
1 5QXQ MET A 2  ? UNP Q6PL18 ?   ?    'expression tag' 980  2 
1 5QXQ ARG A 44 ? UNP Q6PL18 VAL 1022 conflict         1022 3 
1 5QXQ GLU A 49 ? UNP Q6PL18 GLN 1027 conflict         1027 4 
# 
_pdbx_struct_assembly.id                   1 
_pdbx_struct_assembly.details              author_and_software_defined_assembly 
_pdbx_struct_assembly.method_details       PISA 
_pdbx_struct_assembly.oligomeric_details   monomeric 
_pdbx_struct_assembly.oligomeric_count     1 
# 
_pdbx_struct_assembly_gen.assembly_id       1 
_pdbx_struct_assembly_gen.oper_expression   1 
_pdbx_struct_assembly_gen.asym_id_list      A,B,C,D,E,F,G,H 
# 
_pdbx_struct_oper_list.id                   1 
_pdbx_struct_oper_list.type                 'identity operation' 
_pdbx_struct_oper_list.name                 1_555 
_pdbx_struct_oper_list.symmetry_operation   x,y,z 
_pdbx_struct_oper_list.matrix[1][1]         1.0000000000 
_pdbx_struct_oper_list.matrix[1][2]         0.0000000000 
_pdbx_struct_oper_list.matrix[1][3]         0.0000000000 
_pdbx_struct_oper_list.vector[1]            0.0000000000 
_pdbx_struct_oper_list.matrix[2][1]         0.0000000000 
_pdbx_struct_oper_list.matrix[2][2]         1.0000000000 
_pdbx_struct_oper_list.matrix[2][3]         0.0000000000 
_pdbx_struct_oper_list.vector[2]            0.0000000000 
_pdbx_struct_oper_list.matrix[3][1]         0.0000000000 
_pdbx_struct_oper_list.matrix[3][2]         0.0000000000 
_pdbx_struct_oper_list.matrix[3][3]         1.0000000000 
_pdbx_struct_oper_list.vector[3]            0.0000000000 
# 
loop_
_struct_conf.conf_type_id 
_struct_conf.id 
_struct_conf.pdbx_PDB_helix_id 
_struct_conf.beg_label_comp_id 
_struct_conf.beg_label_asym_id 
_struct_conf.beg_label_seq_id 
_struct_conf.pdbx_beg_PDB_ins_code 
_struct_conf.end_label_comp_id 
_struct_conf.end_label_asym_id 
_struct_conf.end_label_seq_id 
_struct_conf.pdbx_end_PDB_ins_code 
_struct_conf.beg_auth_comp_id 
_struct_conf.beg_auth_asym_id 
_struct_conf.beg_auth_seq_id 
_struct_conf.end_auth_comp_id 
_struct_conf.end_auth_asym_id 
_struct_conf.end_auth_seq_id 
_struct_conf.pdbx_PDB_helix_class 
_struct_conf.details 
_struct_conf.pdbx_PDB_helix_length 
HELX_P HELX_P1 AA1 SER A 1   ? ILE A 24  ? SER A 979  ILE A 1002 1 ? 24 
HELX_P HELX_P2 AA2 ASP A 25  ? THR A 32  ? ASP A 1003 THR A 1010 5 ? 8  
HELX_P HELX_P3 AA3 ASP A 42  ? ILE A 47  ? ASP A 1020 ILE A 1025 1 ? 6  
HELX_P HELX_P4 AA4 ASP A 52  ? LEU A 62  ? ASP A 1030 LEU A 1040 1 ? 11 
HELX_P HELX_P5 AA5 THR A 67  ? ASN A 86  ? THR A 1045 ASN A 1064 1 ? 20 
HELX_P HELX_P6 AA6 ASP A 90  ? LEU A 115 ? ASP A 1068 LEU A 1093 1 ? 26 
HELX_P HELX_P7 AA7 ASP A 116 ? SER A 129 ? ASP A 1094 SER A 1107 1 ? 14 
# 
_struct_conf_type.id          HELX_P 
_struct_conf_type.criteria    ? 
_struct_conf_type.reference   ? 
# 
loop_
_struct_site.id 
_struct_site.pdbx_evidence_code 
_struct_site.pdbx_auth_asym_id 
_struct_site.pdbx_auth_comp_id 
_struct_site.pdbx_auth_seq_id 
_struct_site.pdbx_auth_ins_code 
_struct_site.pdbx_num_residues 
_struct_site.details 
AC1 Software A RHV 1201 ? 5 'binding site for residue RHV A 1201' 
AC2 Software A SO4 1202 ? 9 'binding site for residue SO4 A 1202' 
AC3 Software A SO4 1203 ? 8 'binding site for residue SO4 A 1203' 
AC4 Software A EDO 1204 ? 5 'binding site for residue EDO A 1204' 
AC5 Software A EDO 1205 ? 5 'binding site for residue EDO A 1205' 
AC6 Software A EDO 1206 ? 5 'binding site for residue EDO A 1206' 
# 
loop_
_struct_site_gen.id 
_struct_site_gen.site_id 
_struct_site_gen.pdbx_num_res 
_struct_site_gen.label_comp_id 
_struct_site_gen.label_asym_id 
_struct_site_gen.label_seq_id 
_struct_site_gen.pdbx_auth_ins_code 
_struct_site_gen.auth_comp_id 
_struct_site_gen.auth_asym_id 
_struct_site_gen.auth_seq_id 
_struct_site_gen.label_atom_id 
_struct_site_gen.label_alt_id 
_struct_site_gen.symmetry 
_struct_site_gen.details 
1  AC1 5 GLN A 3   ? GLN A 981  . ? 8_665  ? 
2  AC1 5 ARG A 97  ? ARG A 1075 . ? 1_555  ? 
3  AC1 5 HIS A 98  ? HIS A 1076 . ? 1_555  ? 
4  AC1 5 HOH H .   ? HOH A 1330 . ? 1_555  ? 
5  AC1 5 HOH H .   ? HOH A 1357 . ? 1_555  ? 
6  AC2 9 ARG A 9   ? ARG A 987  . ? 6_654  ? 
7  AC2 9 ARG A 12  ? ARG A 990  . ? 6_654  ? 
8  AC2 9 ARG A 16  ? ARG A 994  . ? 6_654  ? 
9  AC2 9 ARG A 89  ? ARG A 1067 . ? 1_555  ? 
10 AC2 9 ARG A 94  ? ARG A 1072 . ? 1_555  ? 
11 AC2 9 HOH H .   ? HOH A 1307 . ? 1_555  ? 
12 AC2 9 HOH H .   ? HOH A 1359 . ? 1_555  ? 
13 AC2 9 HOH H .   ? HOH A 1408 . ? 1_555  ? 
14 AC2 9 HOH H .   ? HOH A 1431 . ? 1_555  ? 
15 AC3 8 LYS A 64  ? LYS A 1042 . ? 12_564 ? 
16 AC3 8 LYS A 64  ? LYS A 1042 . ? 1_555  ? 
17 AC3 8 HOH H .   ? HOH A 1319 . ? 1_555  ? 
18 AC3 8 HOH H .   ? HOH A 1319 . ? 12_564 ? 
19 AC3 8 HOH H .   ? HOH A 1324 . ? 12_564 ? 
20 AC3 8 HOH H .   ? HOH A 1324 . ? 1_555  ? 
21 AC3 8 HOH H .   ? HOH A 1356 . ? 12_564 ? 
22 AC3 8 HOH H .   ? HOH A 1356 . ? 1_555  ? 
23 AC4 5 GLU A 10  ? GLU A 988  . ? 1_555  ? 
24 AC4 5 ASP A 116 ? ASP A 1094 . ? 1_555  ? 
25 AC4 5 PHE A 119 ? PHE A 1097 . ? 1_555  ? 
26 AC4 5 HOH H .   ? HOH A 1361 . ? 1_555  ? 
27 AC4 5 HOH H .   ? HOH A 1442 . ? 1_555  ? 
28 AC5 5 HIS A 20  ? HIS A 998  . ? 10_665 ? 
29 AC5 5 GLU A 113 ? GLU A 1091 . ? 1_555  ? 
30 AC5 5 GLU A 114 ? GLU A 1092 . ? 1_555  ? 
31 AC5 5 LEU A 115 ? LEU A 1093 . ? 1_555  ? 
32 AC5 5 ASP A 116 ? ASP A 1094 . ? 1_555  ? 
33 AC6 5 PRO A 50  ? PRO A 1028 . ? 12_564 ? 
34 AC6 5 SER A 58  ? SER A 1036 . ? 1_555  ? 
35 AC6 5 HOH H .   ? HOH A 1334 . ? 1_555  ? 
36 AC6 5 HOH H .   ? HOH A 1379 . ? 1_555  ? 
37 AC6 5 HOH H .   ? HOH A 1419 . ? 1_555  ? 
# 
_pdbx_validate_symm_contact.id                1 
_pdbx_validate_symm_contact.PDB_model_num     1 
_pdbx_validate_symm_contact.auth_atom_id_1    O 
_pdbx_validate_symm_contact.auth_asym_id_1    A 
_pdbx_validate_symm_contact.auth_comp_id_1    HOH 
_pdbx_validate_symm_contact.auth_seq_id_1     1402 
_pdbx_validate_symm_contact.PDB_ins_code_1    ? 
_pdbx_validate_symm_contact.label_alt_id_1    ? 
_pdbx_validate_symm_contact.site_symmetry_1   1_555 
_pdbx_validate_symm_contact.auth_atom_id_2    O 
_pdbx_validate_symm_contact.auth_asym_id_2    A 
_pdbx_validate_symm_contact.auth_comp_id_2    HOH 
_pdbx_validate_symm_contact.auth_seq_id_2     1411 
_pdbx_validate_symm_contact.PDB_ins_code_2    ? 
_pdbx_validate_symm_contact.label_alt_id_2    ? 
_pdbx_validate_symm_contact.site_symmetry_2   8_565 
_pdbx_validate_symm_contact.dist              2.15 
# 
_pdbx_validate_rmsd_bond.id                        1 
_pdbx_validate_rmsd_bond.PDB_model_num             1 
_pdbx_validate_rmsd_bond.auth_atom_id_1            CD 
_pdbx_validate_rmsd_bond.auth_asym_id_1            A 
_pdbx_validate_rmsd_bond.auth_comp_id_1            GLU 
_pdbx_validate_rmsd_bond.auth_seq_id_1             1102 
_pdbx_validate_rmsd_bond.PDB_ins_code_1            ? 
_pdbx_validate_rmsd_bond.label_alt_id_1            ? 
_pdbx_validate_rmsd_bond.auth_atom_id_2            OE2 
_pdbx_validate_rmsd_bond.auth_asym_id_2            A 
_pdbx_validate_rmsd_bond.auth_comp_id_2            GLU 
_pdbx_validate_rmsd_bond.auth_seq_id_2             1102 
_pdbx_validate_rmsd_bond.PDB_ins_code_2            ? 
_pdbx_validate_rmsd_bond.label_alt_id_2            ? 
_pdbx_validate_rmsd_bond.bond_value                1.368 
_pdbx_validate_rmsd_bond.bond_target_value         1.252 
_pdbx_validate_rmsd_bond.bond_deviation            0.116 
_pdbx_validate_rmsd_bond.bond_standard_deviation   0.011 
_pdbx_validate_rmsd_bond.linker_flag               N 
# 
loop_
_pdbx_validate_rmsd_angle.id 
_pdbx_validate_rmsd_angle.PDB_model_num 
_pdbx_validate_rmsd_angle.auth_atom_id_1 
_pdbx_validate_rmsd_angle.auth_asym_id_1 
_pdbx_validate_rmsd_angle.auth_comp_id_1 
_pdbx_validate_rmsd_angle.auth_seq_id_1 
_pdbx_validate_rmsd_angle.PDB_ins_code_1 
_pdbx_validate_rmsd_angle.label_alt_id_1 
_pdbx_validate_rmsd_angle.auth_atom_id_2 
_pdbx_validate_rmsd_angle.auth_asym_id_2 
_pdbx_validate_rmsd_angle.auth_comp_id_2 
_pdbx_validate_rmsd_angle.auth_seq_id_2 
_pdbx_validate_rmsd_angle.PDB_ins_code_2 
_pdbx_validate_rmsd_angle.label_alt_id_2 
_pdbx_validate_rmsd_angle.auth_atom_id_3 
_pdbx_validate_rmsd_angle.auth_asym_id_3 
_pdbx_validate_rmsd_angle.auth_comp_id_3 
_pdbx_validate_rmsd_angle.auth_seq_id_3 
_pdbx_validate_rmsd_angle.PDB_ins_code_3 
_pdbx_validate_rmsd_angle.label_alt_id_3 
_pdbx_validate_rmsd_angle.angle_value 
_pdbx_validate_rmsd_angle.angle_target_value 
_pdbx_validate_rmsd_angle.angle_deviation 
_pdbx_validate_rmsd_angle.angle_standard_deviation 
_pdbx_validate_rmsd_angle.linker_flag 
1 1 NE A ARG 987  ? B CZ A ARG 987  ? B NH1 A ARG 987  ? B 115.08 120.30 -5.22 0.50 N 
2 1 NE A ARG 987  ? C CZ A ARG 987  ? C NH1 A ARG 987  ? C 116.51 120.30 -3.79 0.50 N 
3 1 NE A ARG 987  ? B CZ A ARG 987  ? B NH2 A ARG 987  ? B 124.99 120.30 4.69  0.50 N 
4 1 NE A ARG 994  ? ? CZ A ARG 994  ? ? NH1 A ARG 994  ? ? 123.97 120.30 3.67  0.50 N 
5 1 NE A ARG 994  ? ? CZ A ARG 994  ? ? NH2 A ARG 994  ? ? 116.07 120.30 -4.23 0.50 N 
6 1 NE A ARG 1067 ? ? CZ A ARG 1067 ? ? NH2 A ARG 1067 ? ? 115.11 120.30 -5.19 0.50 N 
# 
loop_
_pdbx_struct_special_symmetry.id 
_pdbx_struct_special_symmetry.PDB_model_num 
_pdbx_struct_special_symmetry.auth_asym_id 
_pdbx_struct_special_symmetry.auth_comp_id 
_pdbx_struct_special_symmetry.auth_seq_id 
_pdbx_struct_special_symmetry.PDB_ins_code 
_pdbx_struct_special_symmetry.label_asym_id 
_pdbx_struct_special_symmetry.label_comp_id 
_pdbx_struct_special_symmetry.label_seq_id 
1 1 A SO4 1203 ? D SO4 . 
2 1 A HOH 1333 ? H HOH . 
# 
_phasing.method   MR 
# 
_pdbx_entry_details.entry_id                 5QXQ 
_pdbx_entry_details.has_ligand_of_interest   Y 
_pdbx_entry_details.compound_details         ? 
_pdbx_entry_details.source_details           ? 
_pdbx_entry_details.nonpolymer_details       ? 
_pdbx_entry_details.sequence_details         ? 
# 
loop_
_pdbx_distant_solvent_atoms.id 
_pdbx_distant_solvent_atoms.PDB_model_num 
_pdbx_distant_solvent_atoms.auth_atom_id 
_pdbx_distant_solvent_atoms.label_alt_id 
_pdbx_distant_solvent_atoms.auth_asym_id 
_pdbx_distant_solvent_atoms.auth_comp_id 
_pdbx_distant_solvent_atoms.auth_seq_id 
_pdbx_distant_solvent_atoms.PDB_ins_code 
_pdbx_distant_solvent_atoms.neighbor_macromolecule_distance 
_pdbx_distant_solvent_atoms.neighbor_ligand_distance 
1 1 O ? A HOH 1520 ? 5.86 . 
2 1 O ? A HOH 1521 ? 6.45 . 
# 
loop_
_chem_comp_atom.comp_id 
_chem_comp_atom.atom_id 
_chem_comp_atom.type_symbol 
_chem_comp_atom.pdbx_aromatic_flag 
_chem_comp_atom.pdbx_stereo_config 
_chem_comp_atom.pdbx_ordinal 
ALA N    N N N 1   
ALA CA   C N S 2   
ALA C    C N N 3   
ALA O    O N N 4   
ALA CB   C N N 5   
ALA OXT  O N N 6   
ALA H    H N N 7   
ALA H2   H N N 8   
ALA HA   H N N 9   
ALA HB1  H N N 10  
ALA HB2  H N N 11  
ALA HB3  H N N 12  
ALA HXT  H N N 13  
ARG N    N N N 14  
ARG CA   C N S 15  
ARG C    C N N 16  
ARG O    O N N 17  
ARG CB   C N N 18  
ARG CG   C N N 19  
ARG CD   C N N 20  
ARG NE   N N N 21  
ARG CZ   C N N 22  
ARG NH1  N N N 23  
ARG NH2  N N N 24  
ARG OXT  O N N 25  
ARG H    H N N 26  
ARG H2   H N N 27  
ARG HA   H N N 28  
ARG HB2  H N N 29  
ARG HB3  H N N 30  
ARG HG2  H N N 31  
ARG HG3  H N N 32  
ARG HD2  H N N 33  
ARG HD3  H N N 34  
ARG HE   H N N 35  
ARG HH11 H N N 36  
ARG HH12 H N N 37  
ARG HH21 H N N 38  
ARG HH22 H N N 39  
ARG HXT  H N N 40  
ASN N    N N N 41  
ASN CA   C N S 42  
ASN C    C N N 43  
ASN O    O N N 44  
ASN CB   C N N 45  
ASN CG   C N N 46  
ASN OD1  O N N 47  
ASN ND2  N N N 48  
ASN OXT  O N N 49  
ASN H    H N N 50  
ASN H2   H N N 51  
ASN HA   H N N 52  
ASN HB2  H N N 53  
ASN HB3  H N N 54  
ASN HD21 H N N 55  
ASN HD22 H N N 56  
ASN HXT  H N N 57  
ASP N    N N N 58  
ASP CA   C N S 59  
ASP C    C N N 60  
ASP O    O N N 61  
ASP CB   C N N 62  
ASP CG   C N N 63  
ASP OD1  O N N 64  
ASP OD2  O N N 65  
ASP OXT  O N N 66  
ASP H    H N N 67  
ASP H2   H N N 68  
ASP HA   H N N 69  
ASP HB2  H N N 70  
ASP HB3  H N N 71  
ASP HD2  H N N 72  
ASP HXT  H N N 73  
CYS N    N N N 74  
CYS CA   C N R 75  
CYS C    C N N 76  
CYS O    O N N 77  
CYS CB   C N N 78  
CYS SG   S N N 79  
CYS OXT  O N N 80  
CYS H    H N N 81  
CYS H2   H N N 82  
CYS HA   H N N 83  
CYS HB2  H N N 84  
CYS HB3  H N N 85  
CYS HG   H N N 86  
CYS HXT  H N N 87  
EDO C1   C N N 88  
EDO O1   O N N 89  
EDO C2   C N N 90  
EDO O2   O N N 91  
EDO H11  H N N 92  
EDO H12  H N N 93  
EDO HO1  H N N 94  
EDO H21  H N N 95  
EDO H22  H N N 96  
EDO HO2  H N N 97  
GLN N    N N N 98  
GLN CA   C N S 99  
GLN C    C N N 100 
GLN O    O N N 101 
GLN CB   C N N 102 
GLN CG   C N N 103 
GLN CD   C N N 104 
GLN OE1  O N N 105 
GLN NE2  N N N 106 
GLN OXT  O N N 107 
GLN H    H N N 108 
GLN H2   H N N 109 
GLN HA   H N N 110 
GLN HB2  H N N 111 
GLN HB3  H N N 112 
GLN HG2  H N N 113 
GLN HG3  H N N 114 
GLN HE21 H N N 115 
GLN HE22 H N N 116 
GLN HXT  H N N 117 
GLU N    N N N 118 
GLU CA   C N S 119 
GLU C    C N N 120 
GLU O    O N N 121 
GLU CB   C N N 122 
GLU CG   C N N 123 
GLU CD   C N N 124 
GLU OE1  O N N 125 
GLU OE2  O N N 126 
GLU OXT  O N N 127 
GLU H    H N N 128 
GLU H2   H N N 129 
GLU HA   H N N 130 
GLU HB2  H N N 131 
GLU HB3  H N N 132 
GLU HG2  H N N 133 
GLU HG3  H N N 134 
GLU HE2  H N N 135 
GLU HXT  H N N 136 
GLY N    N N N 137 
GLY CA   C N N 138 
GLY C    C N N 139 
GLY O    O N N 140 
GLY OXT  O N N 141 
GLY H    H N N 142 
GLY H2   H N N 143 
GLY HA2  H N N 144 
GLY HA3  H N N 145 
GLY HXT  H N N 146 
HIS N    N N N 147 
HIS CA   C N S 148 
HIS C    C N N 149 
HIS O    O N N 150 
HIS CB   C N N 151 
HIS CG   C Y N 152 
HIS ND1  N Y N 153 
HIS CD2  C Y N 154 
HIS CE1  C Y N 155 
HIS NE2  N Y N 156 
HIS OXT  O N N 157 
HIS H    H N N 158 
HIS H2   H N N 159 
HIS HA   H N N 160 
HIS HB2  H N N 161 
HIS HB3  H N N 162 
HIS HD1  H N N 163 
HIS HD2  H N N 164 
HIS HE1  H N N 165 
HIS HE2  H N N 166 
HIS HXT  H N N 167 
HOH O    O N N 168 
HOH H1   H N N 169 
HOH H2   H N N 170 
ILE N    N N N 171 
ILE CA   C N S 172 
ILE C    C N N 173 
ILE O    O N N 174 
ILE CB   C N S 175 
ILE CG1  C N N 176 
ILE CG2  C N N 177 
ILE CD1  C N N 178 
ILE OXT  O N N 179 
ILE H    H N N 180 
ILE H2   H N N 181 
ILE HA   H N N 182 
ILE HB   H N N 183 
ILE HG12 H N N 184 
ILE HG13 H N N 185 
ILE HG21 H N N 186 
ILE HG22 H N N 187 
ILE HG23 H N N 188 
ILE HD11 H N N 189 
ILE HD12 H N N 190 
ILE HD13 H N N 191 
ILE HXT  H N N 192 
LEU N    N N N 193 
LEU CA   C N S 194 
LEU C    C N N 195 
LEU O    O N N 196 
LEU CB   C N N 197 
LEU CG   C N N 198 
LEU CD1  C N N 199 
LEU CD2  C N N 200 
LEU OXT  O N N 201 
LEU H    H N N 202 
LEU H2   H N N 203 
LEU HA   H N N 204 
LEU HB2  H N N 205 
LEU HB3  H N N 206 
LEU HG   H N N 207 
LEU HD11 H N N 208 
LEU HD12 H N N 209 
LEU HD13 H N N 210 
LEU HD21 H N N 211 
LEU HD22 H N N 212 
LEU HD23 H N N 213 
LEU HXT  H N N 214 
LYS N    N N N 215 
LYS CA   C N S 216 
LYS C    C N N 217 
LYS O    O N N 218 
LYS CB   C N N 219 
LYS CG   C N N 220 
LYS CD   C N N 221 
LYS CE   C N N 222 
LYS NZ   N N N 223 
LYS OXT  O N N 224 
LYS H    H N N 225 
LYS H2   H N N 226 
LYS HA   H N N 227 
LYS HB2  H N N 228 
LYS HB3  H N N 229 
LYS HG2  H N N 230 
LYS HG3  H N N 231 
LYS HD2  H N N 232 
LYS HD3  H N N 233 
LYS HE2  H N N 234 
LYS HE3  H N N 235 
LYS HZ1  H N N 236 
LYS HZ2  H N N 237 
LYS HZ3  H N N 238 
LYS HXT  H N N 239 
MET N    N N N 240 
MET CA   C N S 241 
MET C    C N N 242 
MET O    O N N 243 
MET CB   C N N 244 
MET CG   C N N 245 
MET SD   S N N 246 
MET CE   C N N 247 
MET OXT  O N N 248 
MET H    H N N 249 
MET H2   H N N 250 
MET HA   H N N 251 
MET HB2  H N N 252 
MET HB3  H N N 253 
MET HG2  H N N 254 
MET HG3  H N N 255 
MET HE1  H N N 256 
MET HE2  H N N 257 
MET HE3  H N N 258 
MET HXT  H N N 259 
PHE N    N N N 260 
PHE CA   C N S 261 
PHE C    C N N 262 
PHE O    O N N 263 
PHE CB   C N N 264 
PHE CG   C Y N 265 
PHE CD1  C Y N 266 
PHE CD2  C Y N 267 
PHE CE1  C Y N 268 
PHE CE2  C Y N 269 
PHE CZ   C Y N 270 
PHE OXT  O N N 271 
PHE H    H N N 272 
PHE H2   H N N 273 
PHE HA   H N N 274 
PHE HB2  H N N 275 
PHE HB3  H N N 276 
PHE HD1  H N N 277 
PHE HD2  H N N 278 
PHE HE1  H N N 279 
PHE HE2  H N N 280 
PHE HZ   H N N 281 
PHE HXT  H N N 282 
PRO N    N N N 283 
PRO CA   C N S 284 
PRO C    C N N 285 
PRO O    O N N 286 
PRO CB   C N N 287 
PRO CG   C N N 288 
PRO CD   C N N 289 
PRO OXT  O N N 290 
PRO H    H N N 291 
PRO HA   H N N 292 
PRO HB2  H N N 293 
PRO HB3  H N N 294 
PRO HG2  H N N 295 
PRO HG3  H N N 296 
PRO HD2  H N N 297 
PRO HD3  H N N 298 
PRO HXT  H N N 299 
RHV C10  C N R 300 
RHV C13  C Y N 301 
RHV C15  C N N 302 
RHV C17  C Y N 303 
RHV C01  C N N 304 
RHV C02  C N N 305 
RHV C04  C N N 306 
RHV C06  C N N 307 
RHV C08  C N N 308 
RHV C11  C N N 309 
RHV C12  C Y N 310 
RHV C14  C Y N 311 
RHV C16  C Y N 312 
RHV N07  N N N 313 
RHV N18  N Y N 314 
RHV O03  O N N 315 
RHV O05  O N N 316 
RHV O09  O N N 317 
RHV H1   H N N 318 
RHV H2   H N N 319 
RHV H3   H N N 320 
RHV H4   H N N 321 
RHV H5   H N N 322 
RHV H6   H N N 323 
RHV H7   H N N 324 
RHV H8   H N N 325 
RHV H9   H N N 326 
RHV H10  H N N 327 
RHV H11  H N N 328 
RHV H12  H N N 329 
RHV H13  H N N 330 
RHV H14  H N N 331 
RHV H15  H N N 332 
RHV H16  H N N 333 
RHV H17  H N N 334 
RHV H18  H N N 335 
SER N    N N N 336 
SER CA   C N S 337 
SER C    C N N 338 
SER O    O N N 339 
SER CB   C N N 340 
SER OG   O N N 341 
SER OXT  O N N 342 
SER H    H N N 343 
SER H2   H N N 344 
SER HA   H N N 345 
SER HB2  H N N 346 
SER HB3  H N N 347 
SER HG   H N N 348 
SER HXT  H N N 349 
SO4 S    S N N 350 
SO4 O1   O N N 351 
SO4 O2   O N N 352 
SO4 O3   O N N 353 
SO4 O4   O N N 354 
THR N    N N N 355 
THR CA   C N S 356 
THR C    C N N 357 
THR O    O N N 358 
THR CB   C N R 359 
THR OG1  O N N 360 
THR CG2  C N N 361 
THR OXT  O N N 362 
THR H    H N N 363 
THR H2   H N N 364 
THR HA   H N N 365 
THR HB   H N N 366 
THR HG1  H N N 367 
THR HG21 H N N 368 
THR HG22 H N N 369 
THR HG23 H N N 370 
THR HXT  H N N 371 
TYR N    N N N 372 
TYR CA   C N S 373 
TYR C    C N N 374 
TYR O    O N N 375 
TYR CB   C N N 376 
TYR CG   C Y N 377 
TYR CD1  C Y N 378 
TYR CD2  C Y N 379 
TYR CE1  C Y N 380 
TYR CE2  C Y N 381 
TYR CZ   C Y N 382 
TYR OH   O N N 383 
TYR OXT  O N N 384 
TYR H    H N N 385 
TYR H2   H N N 386 
TYR HA   H N N 387 
TYR HB2  H N N 388 
TYR HB3  H N N 389 
TYR HD1  H N N 390 
TYR HD2  H N N 391 
TYR HE1  H N N 392 
TYR HE2  H N N 393 
TYR HH   H N N 394 
TYR HXT  H N N 395 
VAL N    N N N 396 
VAL CA   C N S 397 
VAL C    C N N 398 
VAL O    O N N 399 
VAL CB   C N N 400 
VAL CG1  C N N 401 
VAL CG2  C N N 402 
VAL OXT  O N N 403 
VAL H    H N N 404 
VAL H2   H N N 405 
VAL HA   H N N 406 
VAL HB   H N N 407 
VAL HG11 H N N 408 
VAL HG12 H N N 409 
VAL HG13 H N N 410 
VAL HG21 H N N 411 
VAL HG22 H N N 412 
VAL HG23 H N N 413 
VAL HXT  H N N 414 
# 
loop_
_chem_comp_bond.comp_id 
_chem_comp_bond.atom_id_1 
_chem_comp_bond.atom_id_2 
_chem_comp_bond.value_order 
_chem_comp_bond.pdbx_aromatic_flag 
_chem_comp_bond.pdbx_stereo_config 
_chem_comp_bond.pdbx_ordinal 
ALA N   CA   sing N N 1   
ALA N   H    sing N N 2   
ALA N   H2   sing N N 3   
ALA CA  C    sing N N 4   
ALA CA  CB   sing N N 5   
ALA CA  HA   sing N N 6   
ALA C   O    doub N N 7   
ALA C   OXT  sing N N 8   
ALA CB  HB1  sing N N 9   
ALA CB  HB2  sing N N 10  
ALA CB  HB3  sing N N 11  
ALA OXT HXT  sing N N 12  
ARG N   CA   sing N N 13  
ARG N   H    sing N N 14  
ARG N   H2   sing N N 15  
ARG CA  C    sing N N 16  
ARG CA  CB   sing N N 17  
ARG CA  HA   sing N N 18  
ARG C   O    doub N N 19  
ARG C   OXT  sing N N 20  
ARG CB  CG   sing N N 21  
ARG CB  HB2  sing N N 22  
ARG CB  HB3  sing N N 23  
ARG CG  CD   sing N N 24  
ARG CG  HG2  sing N N 25  
ARG CG  HG3  sing N N 26  
ARG CD  NE   sing N N 27  
ARG CD  HD2  sing N N 28  
ARG CD  HD3  sing N N 29  
ARG NE  CZ   sing N N 30  
ARG NE  HE   sing N N 31  
ARG CZ  NH1  sing N N 32  
ARG CZ  NH2  doub N N 33  
ARG NH1 HH11 sing N N 34  
ARG NH1 HH12 sing N N 35  
ARG NH2 HH21 sing N N 36  
ARG NH2 HH22 sing N N 37  
ARG OXT HXT  sing N N 38  
ASN N   CA   sing N N 39  
ASN N   H    sing N N 40  
ASN N   H2   sing N N 41  
ASN CA  C    sing N N 42  
ASN CA  CB   sing N N 43  
ASN CA  HA   sing N N 44  
ASN C   O    doub N N 45  
ASN C   OXT  sing N N 46  
ASN CB  CG   sing N N 47  
ASN CB  HB2  sing N N 48  
ASN CB  HB3  sing N N 49  
ASN CG  OD1  doub N N 50  
ASN CG  ND2  sing N N 51  
ASN ND2 HD21 sing N N 52  
ASN ND2 HD22 sing N N 53  
ASN OXT HXT  sing N N 54  
ASP N   CA   sing N N 55  
ASP N   H    sing N N 56  
ASP N   H2   sing N N 57  
ASP CA  C    sing N N 58  
ASP CA  CB   sing N N 59  
ASP CA  HA   sing N N 60  
ASP C   O    doub N N 61  
ASP C   OXT  sing N N 62  
ASP CB  CG   sing N N 63  
ASP CB  HB2  sing N N 64  
ASP CB  HB3  sing N N 65  
ASP CG  OD1  doub N N 66  
ASP CG  OD2  sing N N 67  
ASP OD2 HD2  sing N N 68  
ASP OXT HXT  sing N N 69  
CYS N   CA   sing N N 70  
CYS N   H    sing N N 71  
CYS N   H2   sing N N 72  
CYS CA  C    sing N N 73  
CYS CA  CB   sing N N 74  
CYS CA  HA   sing N N 75  
CYS C   O    doub N N 76  
CYS C   OXT  sing N N 77  
CYS CB  SG   sing N N 78  
CYS CB  HB2  sing N N 79  
CYS CB  HB3  sing N N 80  
CYS SG  HG   sing N N 81  
CYS OXT HXT  sing N N 82  
EDO C1  O1   sing N N 83  
EDO C1  C2   sing N N 84  
EDO C1  H11  sing N N 85  
EDO C1  H12  sing N N 86  
EDO O1  HO1  sing N N 87  
EDO C2  O2   sing N N 88  
EDO C2  H21  sing N N 89  
EDO C2  H22  sing N N 90  
EDO O2  HO2  sing N N 91  
GLN N   CA   sing N N 92  
GLN N   H    sing N N 93  
GLN N   H2   sing N N 94  
GLN CA  C    sing N N 95  
GLN CA  CB   sing N N 96  
GLN CA  HA   sing N N 97  
GLN C   O    doub N N 98  
GLN C   OXT  sing N N 99  
GLN CB  CG   sing N N 100 
GLN CB  HB2  sing N N 101 
GLN CB  HB3  sing N N 102 
GLN CG  CD   sing N N 103 
GLN CG  HG2  sing N N 104 
GLN CG  HG3  sing N N 105 
GLN CD  OE1  doub N N 106 
GLN CD  NE2  sing N N 107 
GLN NE2 HE21 sing N N 108 
GLN NE2 HE22 sing N N 109 
GLN OXT HXT  sing N N 110 
GLU N   CA   sing N N 111 
GLU N   H    sing N N 112 
GLU N   H2   sing N N 113 
GLU CA  C    sing N N 114 
GLU CA  CB   sing N N 115 
GLU CA  HA   sing N N 116 
GLU C   O    doub N N 117 
GLU C   OXT  sing N N 118 
GLU CB  CG   sing N N 119 
GLU CB  HB2  sing N N 120 
GLU CB  HB3  sing N N 121 
GLU CG  CD   sing N N 122 
GLU CG  HG2  sing N N 123 
GLU CG  HG3  sing N N 124 
GLU CD  OE1  doub N N 125 
GLU CD  OE2  sing N N 126 
GLU OE2 HE2  sing N N 127 
GLU OXT HXT  sing N N 128 
GLY N   CA   sing N N 129 
GLY N   H    sing N N 130 
GLY N   H2   sing N N 131 
GLY CA  C    sing N N 132 
GLY CA  HA2  sing N N 133 
GLY CA  HA3  sing N N 134 
GLY C   O    doub N N 135 
GLY C   OXT  sing N N 136 
GLY OXT HXT  sing N N 137 
HIS N   CA   sing N N 138 
HIS N   H    sing N N 139 
HIS N   H2   sing N N 140 
HIS CA  C    sing N N 141 
HIS CA  CB   sing N N 142 
HIS CA  HA   sing N N 143 
HIS C   O    doub N N 144 
HIS C   OXT  sing N N 145 
HIS CB  CG   sing N N 146 
HIS CB  HB2  sing N N 147 
HIS CB  HB3  sing N N 148 
HIS CG  ND1  sing Y N 149 
HIS CG  CD2  doub Y N 150 
HIS ND1 CE1  doub Y N 151 
HIS ND1 HD1  sing N N 152 
HIS CD2 NE2  sing Y N 153 
HIS CD2 HD2  sing N N 154 
HIS CE1 NE2  sing Y N 155 
HIS CE1 HE1  sing N N 156 
HIS NE2 HE2  sing N N 157 
HIS OXT HXT  sing N N 158 
HOH O   H1   sing N N 159 
HOH O   H2   sing N N 160 
ILE N   CA   sing N N 161 
ILE N   H    sing N N 162 
ILE N   H2   sing N N 163 
ILE CA  C    sing N N 164 
ILE CA  CB   sing N N 165 
ILE CA  HA   sing N N 166 
ILE C   O    doub N N 167 
ILE C   OXT  sing N N 168 
ILE CB  CG1  sing N N 169 
ILE CB  CG2  sing N N 170 
ILE CB  HB   sing N N 171 
ILE CG1 CD1  sing N N 172 
ILE CG1 HG12 sing N N 173 
ILE CG1 HG13 sing N N 174 
ILE CG2 HG21 sing N N 175 
ILE CG2 HG22 sing N N 176 
ILE CG2 HG23 sing N N 177 
ILE CD1 HD11 sing N N 178 
ILE CD1 HD12 sing N N 179 
ILE CD1 HD13 sing N N 180 
ILE OXT HXT  sing N N 181 
LEU N   CA   sing N N 182 
LEU N   H    sing N N 183 
LEU N   H2   sing N N 184 
LEU CA  C    sing N N 185 
LEU CA  CB   sing N N 186 
LEU CA  HA   sing N N 187 
LEU C   O    doub N N 188 
LEU C   OXT  sing N N 189 
LEU CB  CG   sing N N 190 
LEU CB  HB2  sing N N 191 
LEU CB  HB3  sing N N 192 
LEU CG  CD1  sing N N 193 
LEU CG  CD2  sing N N 194 
LEU CG  HG   sing N N 195 
LEU CD1 HD11 sing N N 196 
LEU CD1 HD12 sing N N 197 
LEU CD1 HD13 sing N N 198 
LEU CD2 HD21 sing N N 199 
LEU CD2 HD22 sing N N 200 
LEU CD2 HD23 sing N N 201 
LEU OXT HXT  sing N N 202 
LYS N   CA   sing N N 203 
LYS N   H    sing N N 204 
LYS N   H2   sing N N 205 
LYS CA  C    sing N N 206 
LYS CA  CB   sing N N 207 
LYS CA  HA   sing N N 208 
LYS C   O    doub N N 209 
LYS C   OXT  sing N N 210 
LYS CB  CG   sing N N 211 
LYS CB  HB2  sing N N 212 
LYS CB  HB3  sing N N 213 
LYS CG  CD   sing N N 214 
LYS CG  HG2  sing N N 215 
LYS CG  HG3  sing N N 216 
LYS CD  CE   sing N N 217 
LYS CD  HD2  sing N N 218 
LYS CD  HD3  sing N N 219 
LYS CE  NZ   sing N N 220 
LYS CE  HE2  sing N N 221 
LYS CE  HE3  sing N N 222 
LYS NZ  HZ1  sing N N 223 
LYS NZ  HZ2  sing N N 224 
LYS NZ  HZ3  sing N N 225 
LYS OXT HXT  sing N N 226 
MET N   CA   sing N N 227 
MET N   H    sing N N 228 
MET N   H2   sing N N 229 
MET CA  C    sing N N 230 
MET CA  CB   sing N N 231 
MET CA  HA   sing N N 232 
MET C   O    doub N N 233 
MET C   OXT  sing N N 234 
MET CB  CG   sing N N 235 
MET CB  HB2  sing N N 236 
MET CB  HB3  sing N N 237 
MET CG  SD   sing N N 238 
MET CG  HG2  sing N N 239 
MET CG  HG3  sing N N 240 
MET SD  CE   sing N N 241 
MET CE  HE1  sing N N 242 
MET CE  HE2  sing N N 243 
MET CE  HE3  sing N N 244 
MET OXT HXT  sing N N 245 
PHE N   CA   sing N N 246 
PHE N   H    sing N N 247 
PHE N   H2   sing N N 248 
PHE CA  C    sing N N 249 
PHE CA  CB   sing N N 250 
PHE CA  HA   sing N N 251 
PHE C   O    doub N N 252 
PHE C   OXT  sing N N 253 
PHE CB  CG   sing N N 254 
PHE CB  HB2  sing N N 255 
PHE CB  HB3  sing N N 256 
PHE CG  CD1  doub Y N 257 
PHE CG  CD2  sing Y N 258 
PHE CD1 CE1  sing Y N 259 
PHE CD1 HD1  sing N N 260 
PHE CD2 CE2  doub Y N 261 
PHE CD2 HD2  sing N N 262 
PHE CE1 CZ   doub Y N 263 
PHE CE1 HE1  sing N N 264 
PHE CE2 CZ   sing Y N 265 
PHE CE2 HE2  sing N N 266 
PHE CZ  HZ   sing N N 267 
PHE OXT HXT  sing N N 268 
PRO N   CA   sing N N 269 
PRO N   CD   sing N N 270 
PRO N   H    sing N N 271 
PRO CA  C    sing N N 272 
PRO CA  CB   sing N N 273 
PRO CA  HA   sing N N 274 
PRO C   O    doub N N 275 
PRO C   OXT  sing N N 276 
PRO CB  CG   sing N N 277 
PRO CB  HB2  sing N N 278 
PRO CB  HB3  sing N N 279 
PRO CG  CD   sing N N 280 
PRO CG  HG2  sing N N 281 
PRO CG  HG3  sing N N 282 
PRO CD  HD2  sing N N 283 
PRO CD  HD3  sing N N 284 
PRO OXT HXT  sing N N 285 
RHV C15 C14  sing N N 286 
RHV C16 C14  doub Y N 287 
RHV C16 C17  sing Y N 288 
RHV C14 C13  sing Y N 289 
RHV C17 N18  doub Y N 290 
RHV C13 C12  doub Y N 291 
RHV N18 C12  sing Y N 292 
RHV C12 C10  sing N N 293 
RHV C11 C10  sing N N 294 
RHV C10 C08  sing N N 295 
RHV O09 C08  doub N N 296 
RHV C08 N07  sing N N 297 
RHV O05 C04  doub N N 298 
RHV N07 C06  sing N N 299 
RHV C04 C06  sing N N 300 
RHV C04 O03  sing N N 301 
RHV C02 O03  sing N N 302 
RHV C02 C01  sing N N 303 
RHV C10 H1   sing N N 304 
RHV C13 H2   sing N N 305 
RHV C15 H3   sing N N 306 
RHV C15 H4   sing N N 307 
RHV C15 H5   sing N N 308 
RHV C17 H6   sing N N 309 
RHV C01 H7   sing N N 310 
RHV C01 H8   sing N N 311 
RHV C01 H9   sing N N 312 
RHV C02 H10  sing N N 313 
RHV C02 H11  sing N N 314 
RHV C06 H12  sing N N 315 
RHV C06 H13  sing N N 316 
RHV C11 H14  sing N N 317 
RHV C11 H15  sing N N 318 
RHV C11 H16  sing N N 319 
RHV C16 H17  sing N N 320 
RHV N07 H18  sing N N 321 
SER N   CA   sing N N 322 
SER N   H    sing N N 323 
SER N   H2   sing N N 324 
SER CA  C    sing N N 325 
SER CA  CB   sing N N 326 
SER CA  HA   sing N N 327 
SER C   O    doub N N 328 
SER C   OXT  sing N N 329 
SER CB  OG   sing N N 330 
SER CB  HB2  sing N N 331 
SER CB  HB3  sing N N 332 
SER OG  HG   sing N N 333 
SER OXT HXT  sing N N 334 
SO4 S   O1   doub N N 335 
SO4 S   O2   doub N N 336 
SO4 S   O3   sing N N 337 
SO4 S   O4   sing N N 338 
THR N   CA   sing N N 339 
THR N   H    sing N N 340 
THR N   H2   sing N N 341 
THR CA  C    sing N N 342 
THR CA  CB   sing N N 343 
THR CA  HA   sing N N 344 
THR C   O    doub N N 345 
THR C   OXT  sing N N 346 
THR CB  OG1  sing N N 347 
THR CB  CG2  sing N N 348 
THR CB  HB   sing N N 349 
THR OG1 HG1  sing N N 350 
THR CG2 HG21 sing N N 351 
THR CG2 HG22 sing N N 352 
THR CG2 HG23 sing N N 353 
THR OXT HXT  sing N N 354 
TYR N   CA   sing N N 355 
TYR N   H    sing N N 356 
TYR N   H2   sing N N 357 
TYR CA  C    sing N N 358 
TYR CA  CB   sing N N 359 
TYR CA  HA   sing N N 360 
TYR C   O    doub N N 361 
TYR C   OXT  sing N N 362 
TYR CB  CG   sing N N 363 
TYR CB  HB2  sing N N 364 
TYR CB  HB3  sing N N 365 
TYR CG  CD1  doub Y N 366 
TYR CG  CD2  sing Y N 367 
TYR CD1 CE1  sing Y N 368 
TYR CD1 HD1  sing N N 369 
TYR CD2 CE2  doub Y N 370 
TYR CD2 HD2  sing N N 371 
TYR CE1 CZ   doub Y N 372 
TYR CE1 HE1  sing N N 373 
TYR CE2 CZ   sing Y N 374 
TYR CE2 HE2  sing N N 375 
TYR CZ  OH   sing N N 376 
TYR OH  HH   sing N N 377 
TYR OXT HXT  sing N N 378 
VAL N   CA   sing N N 379 
VAL N   H    sing N N 380 
VAL N   H2   sing N N 381 
VAL CA  C    sing N N 382 
VAL CA  CB   sing N N 383 
VAL CA  HA   sing N N 384 
VAL C   O    doub N N 385 
VAL C   OXT  sing N N 386 
VAL CB  CG1  sing N N 387 
VAL CB  CG2  sing N N 388 
VAL CB  HB   sing N N 389 
VAL CG1 HG11 sing N N 390 
VAL CG1 HG12 sing N N 391 
VAL CG1 HG13 sing N N 392 
VAL CG2 HG21 sing N N 393 
VAL CG2 HG22 sing N N 394 
VAL CG2 HG23 sing N N 395 
VAL OXT HXT  sing N N 396 
# 
_pdbx_deposit_group.group_id            G_1002118 
_pdbx_deposit_group.group_description   
;Bromodomain of human ATAD2 screened against the Leeds 3D Fragment Library by X-ray Crystallography at the XChem
facility of Diamond Light Source beamline I04-1
;
_pdbx_deposit_group.group_title         'PanDDA analysis group deposition - Bromodomain of human ATAD2 fragment screening' 
_pdbx_deposit_group.group_type          'changed state' 
# 
_pdbx_entity_instance_feature.ordinal        1 
_pdbx_entity_instance_feature.comp_id        RHV 
_pdbx_entity_instance_feature.asym_id        ? 
_pdbx_entity_instance_feature.seq_num        ? 
_pdbx_entity_instance_feature.auth_comp_id   RHV 
_pdbx_entity_instance_feature.auth_asym_id   ? 
_pdbx_entity_instance_feature.auth_seq_num   ? 
_pdbx_entity_instance_feature.feature_type   'SUBJECT OF INVESTIGATION' 
_pdbx_entity_instance_feature.details        ? 
# 
_atom_sites.entry_id                    5QXQ 
_atom_sites.fract_transf_matrix[1][1]   0.00729825 
_atom_sites.fract_transf_matrix[1][2]   -0.00428424 
_atom_sites.fract_transf_matrix[1][3]   -0.01149400 
_atom_sites.fract_transf_matrix[2][1]   0.00928420 
_atom_sites.fract_transf_matrix[2][2]   0.00884708 
_atom_sites.fract_transf_matrix[2][3]   -0.00626510 
_atom_sites.fract_transf_matrix[3][1]   0.00520446 
_atom_sites.fract_transf_matrix[3][2]   -0.00246956 
_atom_sites.fract_transf_matrix[3][3]   0.00422512 
_atom_sites.fract_transf_vector[1]      0.447542 
_atom_sites.fract_transf_vector[2]      0.600579 
_atom_sites.fract_transf_vector[3]      -0.025216 
# 
loop_
_atom_type.symbol 
C 
N 
O 
S 
# 
loop_
_atom_site.group_PDB 
_atom_site.id 
_atom_site.type_symbol 
_atom_site.label_atom_id 
_atom_site.label_alt_id 
_atom_site.label_comp_id 
_atom_site.label_asym_id 
_atom_site.label_entity_id 
_atom_site.label_seq_id 
_atom_site.pdbx_PDB_ins_code 
_atom_site.Cartn_x 
_atom_site.Cartn_y 
_atom_site.Cartn_z 
_atom_site.occupancy 
_atom_site.B_iso_or_equiv 
_atom_site.pdbx_formal_charge 
_atom_site.auth_seq_id 
_atom_site.auth_comp_id 
_atom_site.auth_asym_id 
_atom_site.auth_atom_id 
_atom_site.pdbx_PDB_model_num 
ATOM   1    N N   . SER A 1 1   ? 2.703   18.283  19.170  1.00 30.53  ? 979  SER A N   1 
ATOM   2    C CA  . SER A 1 1   ? 3.747   18.159  20.165  1.00 31.52  ? 979  SER A CA  1 
ATOM   3    C C   . SER A 1 1   ? 4.903   17.297  19.596  1.00 36.16  ? 979  SER A C   1 
ATOM   4    O O   . SER A 1 1   ? 4.712   16.648  18.521  1.00 29.71  ? 979  SER A O   1 
ATOM   5    C CB  . SER A 1 1   ? 3.230   17.542  21.405  1.00 36.22  ? 979  SER A CB  1 
ATOM   6    O OG  . SER A 1 1   ? 2.930   16.135  21.174  1.00 32.78  ? 979  SER A OG  1 
ATOM   7    N N   . MET A 1 2   ? 6.080   17.377  20.207  1.00 34.87  ? 980  MET A N   1 
ATOM   8    C CA  . MET A 1 2   ? 7.246   16.570  19.768  1.00 40.39  ? 980  MET A CA  1 
ATOM   9    C C   . MET A 1 2   ? 6.877   15.082  19.932  1.00 32.53  ? 980  MET A C   1 
ATOM   10   O O   . MET A 1 2   ? 7.333   14.237  19.125  1.00 28.57  ? 980  MET A O   1 
ATOM   11   C CB  . MET A 1 2   ? 8.485   16.919  20.613  1.00 42.82  ? 980  MET A CB  1 
ATOM   12   C CG  . MET A 1 2   ? 9.603   15.870  20.554  1.00 56.32  ? 980  MET A CG  1 
ATOM   13   S SD  . MET A 1 2   ? 10.757  16.150  19.167  1.00 88.31  ? 980  MET A SD  1 
ATOM   14   C CE  . MET A 1 2   ? 9.761   15.831  17.709  1.00 65.79  ? 980  MET A CE  1 
ATOM   15   N N   . GLN A 1 3   ? 6.158   14.718  20.976  1.00 27.57  ? 981  GLN A N   1 
ATOM   16   C CA  . GLN A 1 3   ? 5.745   13.325  21.240  1.00 31.32  ? 981  GLN A CA  1 
ATOM   17   C C   . GLN A 1 3   ? 4.882   12.842  20.061  1.00 25.11  ? 981  GLN A C   1 
ATOM   18   O O   . GLN A 1 3   ? 4.994   11.636  19.683  1.00 25.15  ? 981  GLN A O   1 
ATOM   19   C CB  . GLN A 1 3   ? 4.981   13.184  22.547  1.00 35.76  ? 981  GLN A CB  1 
ATOM   20   C CG  . GLN A 1 3   ? 5.828   13.717  23.727  1.00 54.92  ? 981  GLN A CG  1 
ATOM   21   C CD  . GLN A 1 3   ? 5.472   15.155  24.079  1.00 59.13  ? 981  GLN A CD  1 
ATOM   22   O OE1 . GLN A 1 3   ? 5.990   16.148  23.506  1.00 52.39  ? 981  GLN A OE1 1 
ATOM   23   N NE2 . GLN A 1 3   ? 4.494   15.269  24.972  1.00 71.84  ? 981  GLN A NE2 1 
ATOM   24   N N   . GLU A 1 4   ? 3.982   13.655  19.551  1.00 22.50  ? 982  GLU A N   1 
ATOM   25   C CA  . GLU A 1 4   ? 3.133   13.303  18.394  1.00 20.32  ? 982  GLU A CA  1 
ATOM   26   C C   . GLU A 1 4   ? 4.050   13.167  17.163  1.00 19.60  ? 982  GLU A C   1 
ATOM   27   O O   . GLU A 1 4   ? 3.810   12.197  16.364  1.00 18.02  ? 982  GLU A O   1 
ATOM   28   C CB  . GLU A 1 4   ? 2.024   14.356  18.192  1.00 20.12  ? 982  GLU A CB  1 
ATOM   29   C CG  . GLU A 1 4   ? 0.925   14.233  19.251  1.00 22.80  ? 982  GLU A CG  1 
ATOM   30   C CD  . GLU A 1 4   ? -0.080  15.380  19.239  1.00 28.46  ? 982  GLU A CD  1 
ATOM   31   O OE1 . GLU A 1 4   ? 0.247   16.402  18.576  1.00 28.58  ? 982  GLU A OE1 1 
ATOM   32   O OE2 . GLU A 1 4   ? -1.208  15.244  19.870  1.00 25.58  ? 982  GLU A OE2 1 
ATOM   33   N N   . GLU A 1 5   ? 5.022   14.032  16.914  1.00 19.74  ? 983  GLU A N   1 
ATOM   34   C CA  . GLU A 1 5   ? 5.924   13.886  15.744  1.00 21.55  ? 983  GLU A CA  1 
ATOM   35   C C   . GLU A 1 5   ? 6.752   12.582  15.897  1.00 20.79  ? 983  GLU A C   1 
ATOM   36   O O   . GLU A 1 5   ? 6.953   11.935  14.831  1.00 20.19  ? 983  GLU A O   1 
ATOM   37   C CB  . GLU A 1 5   ? 6.816   15.129  15.535  1.00 28.25  ? 983  GLU A CB  1 
ATOM   38   C CG  . GLU A 1 5   ? 5.968   16.376  15.170  1.00 31.92  ? 983  GLU A CG  1 
ATOM   39   C CD  . GLU A 1 5   ? 4.917   16.220  14.056  1.00 42.93  ? 983  GLU A CD  1 
ATOM   40   O OE1 . GLU A 1 5   ? 5.272   15.623  12.987  1.00 49.15  ? 983  GLU A OE1 1 
ATOM   41   O OE2 . GLU A 1 5   ? 3.668   16.568  14.277  1.00 47.95  ? 983  GLU A OE2 1 
ATOM   42   N N   . ASP A 1 6   ? 7.142   12.166  17.085  1.00 19.84  ? 984  ASP A N   1 
ATOM   43   C CA  . ASP A 1 6   ? 7.874   10.890  17.310  1.00 19.69  ? 984  ASP A CA  1 
ATOM   44   C C   . ASP A 1 6   ? 6.912   9.725   16.944  1.00 18.59  ? 984  ASP A C   1 
ATOM   45   O O   . ASP A 1 6   ? 7.344   8.678   16.366  1.00 17.25  ? 984  ASP A O   1 
ATOM   46   C CB  . ASP A 1 6   ? 8.377   10.727  18.732  1.00 24.08  ? 984  ASP A CB  1 
ATOM   47   C CG  . ASP A 1 6   ? 9.635   11.573  19.056  1.00 26.90  ? 984  ASP A CG  1 
ATOM   48   O OD1 . ASP A 1 6   ? 10.178  12.220  18.157  1.00 31.91  ? 984  ASP A OD1 1 
ATOM   49   O OD2 . ASP A 1 6   ? 9.919   11.630  20.195  1.00 36.37  ? 984  ASP A OD2 1 
ATOM   50   N N   . THR A 1 7   ? 5.623   9.815   17.276  1.00 16.60  ? 985  THR A N   1 
ATOM   51   C CA  . THR A 1 7   ? 4.597   8.799   16.921  1.00 14.39  ? 985  THR A CA  1 
ATOM   52   C C   . THR A 1 7   ? 4.587   8.638   15.390  1.00 16.01  ? 985  THR A C   1 
ATOM   53   O O   . THR A 1 7   ? 4.658   7.470   14.886  1.00 15.02  ? 985  THR A O   1 
ATOM   54   C CB  . THR A 1 7   ? 3.193   9.078   17.487  1.00 15.37  ? 985  THR A CB  1 
ATOM   55   O OG1 . THR A 1 7   ? 3.286   9.211   18.931  1.00 18.49  ? 985  THR A OG1 1 
ATOM   56   C CG2 . THR A 1 7   ? 2.155   8.058   17.112  1.00 16.44  ? 985  THR A CG2 1 
ATOM   57   N N   . PHE A 1 8   ? 4.428   9.716   14.619  1.00 15.92  ? 986  PHE A N   1 
ATOM   58   C CA  . PHE A 1 8   ? 4.369   9.604   13.145  1.00 15.08  ? 986  PHE A CA  1 
ATOM   59   C C   . PHE A 1 8   ? 5.699   9.100   12.544  1.00 16.03  ? 986  PHE A C   1 
ATOM   60   O O   . PHE A 1 8   ? 5.675   8.386   11.532  1.00 16.27  ? 986  PHE A O   1 
ATOM   61   C CB  . PHE A 1 8   ? 3.842   10.895  12.482  1.00 16.23  ? 986  PHE A CB  1 
ATOM   62   C CG  . PHE A 1 8   ? 2.438   11.263  12.843  1.00 16.45  ? 986  PHE A CG  1 
ATOM   63   C CD1 . PHE A 1 8   ? 1.374   10.404  12.677  1.00 17.06  ? 986  PHE A CD1 1 
ATOM   64   C CD2 . PHE A 1 8   ? 2.143   12.533  13.300  1.00 18.12  ? 986  PHE A CD2 1 
ATOM   65   C CE1 . PHE A 1 8   ? 0.056   10.716  13.001  1.00 19.34  ? 986  PHE A CE1 1 
ATOM   66   C CE2 . PHE A 1 8   ? 0.843   12.872  13.559  1.00 19.03  ? 986  PHE A CE2 1 
ATOM   67   C CZ  . PHE A 1 8   ? -0.204  12.016  13.405  1.00 19.66  ? 986  PHE A CZ  1 
ATOM   68   N N   A ARG A 1 9   ? 6.836   9.424   13.155  0.23 15.85  ? 987  ARG A N   1 
ATOM   69   N N   B ARG A 1 9   ? 6.829   9.452   13.143  0.23 15.69  ? 987  ARG A N   1 
ATOM   70   N N   C ARG A 1 9   ? 6.848   9.401   13.161  0.04 14.00  ? 987  ARG A N   1 
ATOM   71   C CA  A ARG A 1 9   ? 8.157   8.922   12.687  0.23 16.46  ? 987  ARG A CA  1 
ATOM   72   C CA  B ARG A 1 9   ? 8.134   8.925   12.678  0.23 16.24  ? 987  ARG A CA  1 
ATOM   73   C CA  C ARG A 1 9   ? 8.173   8.908   12.678  0.04 13.00  ? 987  ARG A CA  1 
ATOM   74   C C   A ARG A 1 9   ? 8.238   7.392   12.880  0.23 15.56  ? 987  ARG A C   1 
ATOM   75   C C   B ARG A 1 9   ? 8.141   7.393   12.829  0.23 15.56  ? 987  ARG A C   1 
ATOM   76   C C   C ARG A 1 9   ? 8.296   7.395   12.899  0.04 13.33  ? 987  ARG A C   1 
ATOM   77   O O   A ARG A 1 9   ? 8.760   6.685   11.989  0.23 14.46  ? 987  ARG A O   1 
ATOM   78   O O   B ARG A 1 9   ? 8.470   6.699   11.835  0.23 14.48  ? 987  ARG A O   1 
ATOM   79   O O   C ARG A 1 9   ? 8.967   6.728   12.087  0.04 12.99  ? 987  ARG A O   1 
ATOM   80   C CB  A ARG A 1 9   ? 9.284   9.662   13.402  0.23 20.09  ? 987  ARG A CB  1 
ATOM   81   C CB  B ARG A 1 9   ? 9.287   9.584   13.423  0.23 19.51  ? 987  ARG A CB  1 
ATOM   82   C CB  C ARG A 1 9   ? 9.342   9.608   13.373  0.04 12.09  ? 987  ARG A CB  1 
ATOM   83   C CG  A ARG A 1 9   ? 10.574  9.690   12.605  0.23 22.03  ? 987  ARG A CG  1 
ATOM   84   C CG  B ARG A 1 9   ? 10.626  9.279   12.784  0.23 20.99  ? 987  ARG A CG  1 
ATOM   85   C CG  C ARG A 1 9   ? 10.709  9.085   12.947  0.04 11.14  ? 987  ARG A CG  1 
ATOM   86   C CD  A ARG A 1 9   ? 11.650  10.542  13.245  0.23 22.44  ? 987  ARG A CD  1 
ATOM   87   C CD  B ARG A 1 9   ? 11.737  10.072  13.432  0.23 21.21  ? 987  ARG A CD  1 
ATOM   88   C CD  C ARG A 1 9   ? 11.474  10.255  12.376  0.04 10.09  ? 987  ARG A CD  1 
ATOM   89   N NE  A ARG A 1 9   ? 11.255  11.928  13.384  0.23 27.09  ? 987  ARG A NE  1 
ATOM   90   N NE  B ARG A 1 9   ? 13.018  9.610   12.919  0.23 23.67  ? 987  ARG A NE  1 
ATOM   91   N NE  C ARG A 1 9   ? 12.910  10.172  12.153  0.04 9.01   ? 987  ARG A NE  1 
ATOM   92   C CZ  A ARG A 1 9   ? 11.002  12.523  14.548  0.23 25.31  ? 987  ARG A CZ  1 
ATOM   93   C CZ  B ARG A 1 9   ? 13.860  8.735   13.496  0.23 17.39  ? 987  ARG A CZ  1 
ATOM   94   C CZ  C ARG A 1 9   ? 13.696  9.101   12.039  0.04 8.40   ? 987  ARG A CZ  1 
ATOM   95   N NH1 A ARG A 1 9   ? 11.120  11.856  15.672  0.23 23.90  ? 987  ARG A NH1 1 
ATOM   96   N NH1 B ARG A 1 9   ? 14.973  8.506   12.827  0.23 24.91  ? 987  ARG A NH1 1 
ATOM   97   N NH1 C ARG A 1 9   ? 14.987  9.332   11.871  0.04 8.03   ? 987  ARG A NH1 1 
ATOM   98   N NH2 A ARG A 1 9   ? 10.643  13.781  14.568  0.23 23.70  ? 987  ARG A NH2 1 
ATOM   99   N NH2 B ARG A 1 9   ? 13.618  8.073   14.635  0.23 15.12  ? 987  ARG A NH2 1 
ATOM   100  N NH2 C ARG A 1 9   ? 13.233  7.851   12.034  0.04 7.41   ? 987  ARG A NH2 1 
ATOM   101  N N   . GLU A 1 10  ? 7.719   6.879   13.984  1.00 13.79  ? 988  GLU A N   1 
ATOM   102  C CA  . GLU A 1 10  ? 7.650   5.400   14.232  1.00 13.37  ? 988  GLU A CA  1 
ATOM   103  C C   . GLU A 1 10  ? 6.677   4.797   13.193  1.00 13.26  ? 988  GLU A C   1 
ATOM   104  O O   . GLU A 1 10  ? 7.025   3.703   12.610  1.00 12.38  ? 988  GLU A O   1 
ATOM   105  C CB  . GLU A 1 10  ? 7.222   5.077   15.660  1.00 12.94  ? 988  GLU A CB  1 
ATOM   106  C CG  . GLU A 1 10  ? 7.058   3.600   15.925  1.00 14.47  ? 988  GLU A CG  1 
ATOM   107  C CD  . GLU A 1 10  ? 7.117   3.075   17.319  1.00 16.19  ? 988  GLU A CD  1 
ATOM   108  O OE1 . GLU A 1 10  ? 6.885   1.839   17.530  1.00 17.66  ? 988  GLU A OE1 1 
ATOM   109  O OE2 . GLU A 1 10  ? 7.418   3.927   18.232  1.00 17.85  ? 988  GLU A OE2 1 
ATOM   110  N N   . LEU A 1 11  ? 5.548   5.426   12.899  1.00 12.85  ? 989  LEU A N   1 
ATOM   111  C CA  . LEU A 1 11  ? 4.641   4.897   11.860  1.00 12.29  ? 989  LEU A CA  1 
ATOM   112  C C   . LEU A 1 11  ? 5.377   4.799   10.531  1.00 12.91  ? 989  LEU A C   1 
ATOM   113  O O   . LEU A 1 11  ? 5.297   3.725   9.833   1.00 13.48  ? 989  LEU A O   1 
ATOM   114  C CB  . LEU A 1 11  ? 3.446   5.824   11.696  1.00 13.97  ? 989  LEU A CB  1 
ATOM   115  C CG  . LEU A 1 11  ? 2.486   5.456   10.555  1.00 14.86  ? 989  LEU A CG  1 
ATOM   116  C CD1 . LEU A 1 11  ? 1.802   4.133   10.785  1.00 17.70  ? 989  LEU A CD1 1 
ATOM   117  C CD2 . LEU A 1 11  ? 1.486   6.592   10.309  1.00 19.48  ? 989  LEU A CD2 1 
ATOM   118  N N   . ARG A 1 12  ? 6.122   5.840   10.122  1.00 12.80  ? 990  ARG A N   1 
ATOM   119  C CA  . ARG A 1 12  ? 6.840   5.774   8.824   1.00 12.48  ? 990  ARG A CA  1 
ATOM   120  C C   . ARG A 1 12  ? 7.878   4.637   8.800   1.00 13.01  ? 990  ARG A C   1 
ATOM   121  O O   . ARG A 1 12  ? 8.023   3.943   7.744   1.00 12.80  ? 990  ARG A O   1 
ATOM   122  C CB  . ARG A 1 12  ? 7.487   7.123   8.452   1.00 13.28  ? 990  ARG A CB  1 
ATOM   123  C CG  . ARG A 1 12  ? 6.454   8.199   8.197   1.00 14.56  ? 990  ARG A CG  1 
ATOM   124  C CD  . ARG A 1 12  ? 7.012   9.532   7.688   1.00 14.88  ? 990  ARG A CD  1 
ATOM   125  N NE  . ARG A 1 12  ? 7.990   10.151  8.586   1.00 15.70  ? 990  ARG A NE  1 
ATOM   126  C CZ  . ARG A 1 12  ? 7.632   11.088  9.480   1.00 15.28  ? 990  ARG A CZ  1 
ATOM   127  N NH1 . ARG A 1 12  ? 8.586   11.640  10.231  1.00 19.93  ? 990  ARG A NH1 1 
ATOM   128  N NH2 . ARG A 1 12  ? 6.390   11.404  9.678   1.00 16.37  ? 990  ARG A NH2 1 
ATOM   129  N N   . ILE A 1 13  ? 8.639   4.438   9.872   1.00 12.69  ? 991  ILE A N   1 
ATOM   130  C CA  . ILE A 1 13  ? 9.636   3.343   9.976   1.00 12.66  ? 991  ILE A CA  1 
ATOM   131  C C   . ILE A 1 13  ? 8.900   1.989   9.779   1.00 12.17  ? 991  ILE A C   1 
ATOM   132  O O   . ILE A 1 13  ? 9.354   1.134   8.942   1.00 13.05  ? 991  ILE A O   1 
ATOM   133  C CB  . ILE A 1 13  ? 10.402  3.390   11.308  1.00 15.89  ? 991  ILE A CB  1 
ATOM   134  C CG1 . ILE A 1 13  ? 11.282  4.638   11.291  1.00 20.32  ? 991  ILE A CG1 1 
ATOM   135  C CG2 . ILE A 1 13  ? 11.212  2.119   11.524  1.00 17.04  ? 991  ILE A CG2 1 
ATOM   136  C CD1 . ILE A 1 13  ? 11.724  4.982   12.691  1.00 25.40  ? 991  ILE A CD1 1 
ATOM   137  N N   . PHE A 1 14  ? 7.789   1.790   10.457  1.00 13.37  ? 992  PHE A N   1 
ATOM   138  C CA  . PHE A 1 14  ? 6.994   0.555   10.345  1.00 12.82  ? 992  PHE A CA  1 
ATOM   139  C C   . PHE A 1 14  ? 6.524   0.369   8.884   1.00 13.10  ? 992  PHE A C   1 
ATOM   140  O O   . PHE A 1 14  ? 6.673   -0.762  8.330   1.00 13.23  ? 992  PHE A O   1 
ATOM   141  C CB  . PHE A 1 14  ? 5.846   0.568   11.340  1.00 13.32  ? 992  PHE A CB  1 
ATOM   142  C CG  . PHE A 1 14  ? 4.854   -0.567  11.229  1.00 15.06  ? 992  PHE A CG  1 
ATOM   143  C CD1 . PHE A 1 14  ? 5.230   -1.817  11.648  1.00 17.73  ? 992  PHE A CD1 1 
ATOM   144  C CD2 . PHE A 1 14  ? 3.602   -0.367  10.698  1.00 16.55  ? 992  PHE A CD2 1 
ATOM   145  C CE1 . PHE A 1 14  ? 4.332   -2.902  11.560  1.00 17.67  ? 992  PHE A CE1 1 
ATOM   146  C CE2 . PHE A 1 14  ? 2.725   -1.459  10.600  1.00 18.28  ? 992  PHE A CE2 1 
ATOM   147  C CZ  . PHE A 1 14  ? 3.125   -2.706  10.998  1.00 16.95  ? 992  PHE A CZ  1 
ATOM   148  N N   . LEU A 1 15  ? 5.980   1.416   8.268   1.00 12.18  ? 993  LEU A N   1 
ATOM   149  C CA  . LEU A 1 15  ? 5.438   1.271   6.894   1.00 12.35  ? 993  LEU A CA  1 
ATOM   150  C C   . LEU A 1 15  ? 6.523   1.019   5.888   1.00 12.91  ? 993  LEU A C   1 
ATOM   151  O O   . LEU A 1 15  ? 6.340   0.203   4.919   1.00 13.45  ? 993  LEU A O   1 
ATOM   152  C CB  . LEU A 1 15  ? 4.641   2.512   6.511   1.00 12.90  ? 993  LEU A CB  1 
ATOM   153  C CG  . LEU A 1 15  ? 3.381   2.777   7.324   1.00 14.16  ? 993  LEU A CG  1 
ATOM   154  C CD1 . LEU A 1 15  ? 2.675   4.067   6.836   1.00 15.36  ? 993  LEU A CD1 1 
ATOM   155  C CD2 . LEU A 1 15  ? 2.426   1.581   7.298   1.00 13.84  ? 993  LEU A CD2 1 
ATOM   156  N N   . ARG A 1 16  ? 7.702   1.617   6.014   1.00 12.46  ? 994  ARG A N   1 
ATOM   157  C CA  . ARG A 1 16  ? 8.815   1.349   5.100   1.00 11.70  ? 994  ARG A CA  1 
ATOM   158  C C   . ARG A 1 16  ? 9.228   -0.136  5.179   1.00 13.71  ? 994  ARG A C   1 
ATOM   159  O O   . ARG A 1 16  ? 9.570   -0.767  4.152   1.00 14.11  ? 994  ARG A O   1 
ATOM   160  C CB  . ARG A 1 16  ? 10.062  2.240   5.329   1.00 14.43  ? 994  ARG A CB  1 
ATOM   161  C CG  . ARG A 1 16  ? 9.893   3.734   5.104   1.00 14.94  ? 994  ARG A CG  1 
ATOM   162  C CD  . ARG A 1 16  ? 11.278  4.456   5.112   1.00 16.57  ? 994  ARG A CD  1 
ATOM   163  N NE  . ARG A 1 16  ? 11.033  5.888   5.231   1.00 16.60  ? 994  ARG A NE  1 
ATOM   164  C CZ  . ARG A 1 16  ? 10.864  6.557   6.313   1.00 17.27  ? 994  ARG A CZ  1 
ATOM   165  N NH1 . ARG A 1 16  ? 11.154  6.102   7.506   1.00 15.28  ? 994  ARG A NH1 1 
ATOM   166  N NH2 . ARG A 1 16  ? 10.451  7.824   6.164   1.00 20.76  ? 994  ARG A NH2 1 
ATOM   167  N N   . ASN A 1 17  ? 9.275   -0.680  6.399   1.00 12.84  ? 995  ASN A N   1 
ATOM   168  C CA  . ASN A 1 17  ? 9.708   -2.079  6.625   1.00 13.01  ? 995  ASN A CA  1 
ATOM   169  C C   . ASN A 1 17  ? 8.676   -3.026  5.991   1.00 13.61  ? 995  ASN A C   1 
ATOM   170  O O   . ASN A 1 17  ? 9.126   -3.973  5.227   1.00 13.35  ? 995  ASN A O   1 
ATOM   171  C CB  . ASN A 1 17  ? 9.932   -2.352  8.116   1.00 13.91  ? 995  ASN A CB  1 
ATOM   172  C CG  . ASN A 1 17  ? 10.321  -3.799  8.298   1.00 18.42  ? 995  ASN A CG  1 
ATOM   173  O OD1 . ASN A 1 17  ? 9.455   -4.513  8.567   1.00 17.74  ? 995  ASN A OD1 1 
ATOM   174  N ND2 . ASN A 1 17  ? 11.575  -4.176  8.070   1.00 21.18  ? 995  ASN A ND2 1 
ATOM   175  N N   . VAL A 1 18  ? 7.393   -2.842  6.222   1.00 13.31  ? 996  VAL A N   1 
ATOM   176  C CA  . VAL A 1 18  ? 6.355   -3.731  5.612   1.00 12.78  ? 996  VAL A CA  1 
ATOM   177  C C   . VAL A 1 18  ? 6.510   -3.639  4.082   1.00 13.32  ? 996  VAL A C   1 
ATOM   178  O O   . VAL A 1 18  ? 6.488   -4.661  3.348   1.00 13.02  ? 996  VAL A O   1 
ATOM   179  C CB  . VAL A 1 18  ? 4.947   -3.331  6.050   1.00 13.08  ? 996  VAL A CB  1 
ATOM   180  C CG1 . VAL A 1 18  ? 3.882   -4.123  5.276   1.00 13.58  ? 996  VAL A CG1 1 
ATOM   181  C CG2 . VAL A 1 18  ? 4.775   -3.511  7.562   1.00 14.21  ? 996  VAL A CG2 1 
ATOM   182  N N   . THR A 1 19  ? 6.615   -2.429  3.532   1.00 12.83  ? 997  THR A N   1 
ATOM   183  C CA  . THR A 1 19  ? 6.601   -2.216  2.048   1.00 12.20  ? 997  THR A CA  1 
ATOM   184  C C   . THR A 1 19  ? 7.847   -2.902  1.452   1.00 14.08  ? 997  THR A C   1 
ATOM   185  O O   . THR A 1 19  ? 7.726   -3.520  0.350   1.00 14.99  ? 997  THR A O   1 
ATOM   186  C CB  . THR A 1 19  ? 6.570   -0.712  1.683   1.00 12.96  ? 997  THR A CB  1 
ATOM   187  O OG1 . THR A 1 19  ? 5.432   -0.136  2.359   1.00 13.26  ? 997  THR A OG1 1 
ATOM   188  C CG2 . THR A 1 19  ? 6.389   -0.455  0.198   1.00 15.30  ? 997  THR A CG2 1 
ATOM   189  N N   . HIS A 1 20  ? 9.027   -2.789  2.079   1.00 13.53  ? 998  HIS A N   1 
ATOM   190  C CA  . HIS A 1 20  ? 10.243  -3.465  1.564   1.00 14.39  ? 998  HIS A CA  1 
ATOM   191  C C   . HIS A 1 20  ? 10.018  -4.976  1.509   1.00 15.04  ? 998  HIS A C   1 
ATOM   192  O O   . HIS A 1 20  ? 10.441  -5.613  0.516   1.00 15.69  ? 998  HIS A O   1 
ATOM   193  C CB  . HIS A 1 20  ? 11.435  -3.162  2.493   1.00 17.01  ? 998  HIS A CB  1 
ATOM   194  C CG  . HIS A 1 20  ? 12.699  -3.837  2.073   1.00 21.56  ? 998  HIS A CG  1 
ATOM   195  N ND1 . HIS A 1 20  ? 13.347  -4.896  2.751   1.00 28.03  ? 998  HIS A ND1 1 
ATOM   196  C CD2 . HIS A 1 20  ? 13.481  -3.552  1.001   1.00 24.20  ? 998  HIS A CD2 1 
ATOM   197  C CE1 . HIS A 1 20  ? 14.479  -5.197  2.109   1.00 23.65  ? 998  HIS A CE1 1 
ATOM   198  N NE2 . HIS A 1 20  ? 14.552  -4.435  0.989   1.00 29.29  ? 998  HIS A NE2 1 
ATOM   199  N N   . ARG A 1 21  ? 9.411   -5.572  2.520   1.00 13.57  ? 999  ARG A N   1 
ATOM   200  C CA  . ARG A 1 21  ? 9.200   -7.025  2.592   1.00 15.02  ? 999  ARG A CA  1 
ATOM   201  C C   . ARG A 1 21  ? 8.253   -7.460  1.440   1.00 17.00  ? 999  ARG A C   1 
ATOM   202  O O   . ARG A 1 21  ? 8.468   -8.528  0.808   1.00 18.64  ? 999  ARG A O   1 
ATOM   203  C CB  . ARG A 1 21  ? 8.732   -7.483  3.949   1.00 15.57  ? 999  ARG A CB  1 
ATOM   204  C CG  . ARG A 1 21  ? 9.863   -7.350  5.015   1.00 18.01  ? 999  ARG A CG  1 
ATOM   205  C CD  . ARG A 1 21  ? 9.353   -7.123  6.448   1.00 17.19  ? 999  ARG A CD  1 
ATOM   206  N NE  . ARG A 1 21  ? 8.629   -8.259  6.872   1.00 16.81  ? 999  ARG A NE  1 
ATOM   207  C CZ  . ARG A 1 21  ? 7.955   -8.269  8.001   1.00 14.91  ? 999  ARG A CZ  1 
ATOM   208  N NH1 . ARG A 1 21  ? 7.308   -9.337  8.393   1.00 16.87  ? 999  ARG A NH1 1 
ATOM   209  N NH2 . ARG A 1 21  ? 7.920   -7.194  8.788   1.00 16.67  ? 999  ARG A NH2 1 
ATOM   210  N N   . LEU A 1 22  ? 7.252   -6.646  1.088   1.00 15.18  ? 1000 LEU A N   1 
ATOM   211  C CA  . LEU A 1 22  ? 6.374   -6.941  -0.069  1.00 13.89  ? 1000 LEU A CA  1 
ATOM   212  C C   . LEU A 1 22  ? 7.168   -6.790  -1.343  1.00 15.31  ? 1000 LEU A C   1 
ATOM   213  O O   . LEU A 1 22  ? 7.082   -7.670  -2.287  1.00 15.97  ? 1000 LEU A O   1 
ATOM   214  C CB  . LEU A 1 22  ? 5.150   -6.030  -0.030  1.00 14.57  ? 1000 LEU A CB  1 
ATOM   215  C CG  . LEU A 1 22  ? 4.222   -6.135  1.175   1.00 14.92  ? 1000 LEU A CG  1 
ATOM   216  C CD1 . LEU A 1 22  ? 3.189   -5.029  1.135   1.00 16.35  ? 1000 LEU A CD1 1 
ATOM   217  C CD2 . LEU A 1 22  ? 3.593   -7.534  1.318   1.00 15.92  ? 1000 LEU A CD2 1 
ATOM   218  N N   . ALA A 1 23  ? 7.986   -5.770  -1.525  1.00 14.76  ? 1001 ALA A N   1 
ATOM   219  C CA  . ALA A 1 23  ? 8.667   -5.410  -2.784  1.00 15.48  ? 1001 ALA A CA  1 
ATOM   220  C C   . ALA A 1 23  ? 9.737   -6.418  -3.178  1.00 17.77  ? 1001 ALA A C   1 
ATOM   221  O O   . ALA A 1 23  ? 9.967   -6.553  -4.411  1.00 19.33  ? 1001 ALA A O   1 
ATOM   222  C CB  . ALA A 1 23  ? 9.224   -4.014  -2.690  1.00 18.32  ? 1001 ALA A CB  1 
ATOM   223  N N   . ILE A 1 24  ? 10.309  -7.121  -2.210  1.00 17.69  ? 1002 ILE A N   1 
ATOM   224  C CA  . ILE A 1 24  ? 11.379  -8.128  -2.544  1.00 18.41  ? 1002 ILE A CA  1 
ATOM   225  C C   . ILE A 1 24  ? 10.741  -9.473  -2.881  1.00 20.48  ? 1002 ILE A C   1 
ATOM   226  O O   . ILE A 1 24  ? 11.531  -10.404 -3.295  1.00 23.06  ? 1002 ILE A O   1 
ATOM   227  C CB  . ILE A 1 24  ? 12.465  -8.216  -1.445  1.00 19.30  ? 1002 ILE A CB  1 
ATOM   228  C CG1 . ILE A 1 24  ? 11.914  -8.759  -0.149  1.00 20.90  ? 1002 ILE A CG1 1 
ATOM   229  C CG2 . ILE A 1 24  ? 13.158  -6.871  -1.331  1.00 22.36  ? 1002 ILE A CG2 1 
ATOM   230  C CD1 . ILE A 1 24  ? 13.009  -8.835  0.985   1.00 28.48  ? 1002 ILE A CD1 1 
ATOM   231  N N   . ASP A 1 25  ? 9.462   -9.741  -2.646  1.00 19.08  ? 1003 ASP A N   1 
ATOM   232  C CA  . ASP A 1 25  ? 8.848   -11.063 -2.905  1.00 19.45  ? 1003 ASP A CA  1 
ATOM   233  C C   . ASP A 1 25  ? 8.695   -11.210 -4.424  1.00 21.33  ? 1003 ASP A C   1 
ATOM   234  O O   . ASP A 1 25  ? 8.068   -10.371 -5.085  1.00 19.41  ? 1003 ASP A O   1 
ATOM   235  C CB  . ASP A 1 25  ? 7.531   -11.172 -2.187  1.00 19.48  ? 1003 ASP A CB  1 
ATOM   236  C CG  . ASP A 1 25  ? 6.906   -12.553 -2.208  1.00 22.37  ? 1003 ASP A CG  1 
ATOM   237  O OD1 . ASP A 1 25  ? 6.712   -13.072 -3.323  1.00 22.79  ? 1003 ASP A OD1 1 
ATOM   238  O OD2 . ASP A 1 25  ? 6.467   -12.998 -1.132  1.00 23.99  ? 1003 ASP A OD2 1 
ATOM   239  N N   . LYS A 1 26  ? 9.300   -12.246 -5.047  1.00 20.72  ? 1004 LYS A N   1 
ATOM   240  C CA  . LYS A 1 26  ? 9.241   -12.445 -6.521  1.00 22.03  ? 1004 LYS A CA  1 
ATOM   241  C C   . LYS A 1 26  ? 7.829   -12.437 -7.108  1.00 19.44  ? 1004 LYS A C   1 
ATOM   242  O O   . LYS A 1 26  ? 7.674   -12.052 -8.270  1.00 22.05  ? 1004 LYS A O   1 
ATOM   243  C CB  . LYS A 1 26  ? 9.914   -13.809 -6.889  1.00 26.82  ? 1004 LYS A CB  1 
ATOM   244  N N   . ARG A 1 27  ? 6.848   -12.876 -6.367  1.00 17.93  ? 1005 ARG A N   1 
ATOM   245  C CA  . ARG A 1 27  ? 5.416   -12.952 -6.820  1.00 18.46  ? 1005 ARG A CA  1 
ATOM   246  C C   . ARG A 1 27  ? 4.946   -11.539 -7.184  1.00 18.99  ? 1005 ARG A C   1 
ATOM   247  O O   . ARG A 1 27  ? 4.008   -11.394 -7.986  1.00 19.92  ? 1005 ARG A O   1 
ATOM   248  C CB  . ARG A 1 27  ? 4.455   -13.580 -5.836  1.00 17.71  ? 1005 ARG A CB  1 
ATOM   249  C CG  . ARG A 1 27  ? 4.714   -15.068 -5.494  1.00 19.41  ? 1005 ARG A CG  1 
ATOM   250  C CD  . ARG A 1 27  ? 3.835   -15.521 -4.386  1.00 20.02  ? 1005 ARG A CD  1 
ATOM   251  N NE  . ARG A 1 27  ? 4.253   -14.935 -3.097  1.00 19.17  ? 1005 ARG A NE  1 
ATOM   252  C CZ  . ARG A 1 27  ? 3.590   -15.046 -1.976  1.00 18.55  ? 1005 ARG A CZ  1 
ATOM   253  N NH1 . ARG A 1 27  ? 2.436   -15.675 -1.908  1.00 21.25  ? 1005 ARG A NH1 1 
ATOM   254  N NH2 . ARG A 1 27  ? 4.059   -14.475 -0.873  1.00 22.27  ? 1005 ARG A NH2 1 
ATOM   255  N N   . PHE A 1 28  ? 5.490   -10.543 -6.474  1.00 17.62  ? 1006 PHE A N   1 
ATOM   256  C CA  . PHE A 1 28  ? 4.878   -9.179  -6.499  1.00 16.97  ? 1006 PHE A CA  1 
ATOM   257  C C   . PHE A 1 28  ? 5.653   -8.255  -7.398  1.00 19.61  ? 1006 PHE A C   1 
ATOM   258  O O   . PHE A 1 28  ? 5.426   -6.996  -7.393  1.00 18.72  ? 1006 PHE A O   1 
ATOM   259  C CB  . PHE A 1 28  ? 4.781   -8.621  -5.083  1.00 15.85  ? 1006 PHE A CB  1 
ATOM   260  C CG  . PHE A 1 28  ? 4.003   -9.533  -4.158  1.00 16.94  ? 1006 PHE A CG  1 
ATOM   261  C CD1 . PHE A 1 28  ? 2.976   -10.398 -4.594  1.00 16.78  ? 1006 PHE A CD1 1 
ATOM   262  C CD2 . PHE A 1 28  ? 4.286   -9.566  -2.792  1.00 16.28  ? 1006 PHE A CD2 1 
ATOM   263  C CE1 . PHE A 1 28  ? 2.318   -11.217 -3.707  1.00 17.24  ? 1006 PHE A CE1 1 
ATOM   264  C CE2 . PHE A 1 28  ? 3.675   -10.411 -1.920  1.00 16.10  ? 1006 PHE A CE2 1 
ATOM   265  C CZ  . PHE A 1 28  ? 2.669   -11.267 -2.351  1.00 17.49  ? 1006 PHE A CZ  1 
ATOM   266  N N   . ARG A 1 29  ? 6.611   -8.731  -8.200  1.00 17.89  ? 1007 ARG A N   1 
ATOM   267  C CA  . ARG A 1 29  ? 7.415   -7.872  -9.099  1.00 19.11  ? 1007 ARG A CA  1 
ATOM   268  C C   . ARG A 1 29  ? 6.563   -6.954  -9.964  1.00 19.12  ? 1007 ARG A C   1 
ATOM   269  O O   . ARG A 1 29  ? 6.984   -5.799  -10.158 1.00 21.50  ? 1007 ARG A O   1 
ATOM   270  C CB  . ARG A 1 29  ? 8.342   -8.769  -9.951  1.00 24.79  ? 1007 ARG A CB  1 
ATOM   271  C CG  . ARG A 1 29  ? 9.350   -7.964  -10.735 1.00 30.10  ? 1007 ARG A CG  1 
ATOM   272  C CD  . ARG A 1 29  ? 10.179  -8.879  -11.639 1.00 46.77  ? 1007 ARG A CD  1 
ATOM   273  N NE  . ARG A 1 29  ? 11.294  -8.183  -12.295 1.00 61.72  ? 1007 ARG A NE  1 
ATOM   274  C CZ  . ARG A 1 29  ? 11.195  -7.359  -13.351 1.00 83.20  ? 1007 ARG A CZ  1 
ATOM   275  N NH1 . ARG A 1 29  ? 12.287  -6.804  -13.855 1.00 89.17  ? 1007 ARG A NH1 1 
ATOM   276  N NH2 . ARG A 1 29  ? 10.019  -7.074  -13.894 1.00 90.44  ? 1007 ARG A NH2 1 
ATOM   277  N N   . VAL A 1 30  ? 5.487   -7.467  -10.552 1.00 19.87  ? 1008 VAL A N   1 
ATOM   278  C CA  . VAL A 1 30  ? 4.645   -6.665  -11.478 1.00 20.80  ? 1008 VAL A CA  1 
ATOM   279  C C   . VAL A 1 30  ? 4.032   -5.456  -10.742 1.00 21.04  ? 1008 VAL A C   1 
ATOM   280  O O   . VAL A 1 30  ? 3.662   -4.476  -11.431 1.00 24.44  ? 1008 VAL A O   1 
ATOM   281  C CB  . VAL A 1 30  ? 3.537   -7.538  -12.071 1.00 24.37  ? 1008 VAL A CB  1 
ATOM   282  C CG1 . VAL A 1 30  ? 2.479   -8.008  -11.105 1.00 27.46  ? 1008 VAL A CG1 1 
ATOM   283  C CG2 . VAL A 1 30  ? 2.862   -6.862  -13.230 1.00 32.93  ? 1008 VAL A CG2 1 
ATOM   284  N N   . PHE A 1 31  ? 3.955   -5.457  -9.393  1.00 17.64  ? 1009 PHE A N   1 
ATOM   285  C CA  . PHE A 1 31  ? 3.350   -4.337  -8.626  1.00 17.74  ? 1009 PHE A CA  1 
ATOM   286  C C   . PHE A 1 31  ? 4.438   -3.373  -8.118  1.00 17.94  ? 1009 PHE A C   1 
ATOM   287  O O   . PHE A 1 31  ? 4.061   -2.456  -7.331  1.00 18.04  ? 1009 PHE A O   1 
ATOM   288  C CB  . PHE A 1 31  ? 2.539   -4.926  -7.479  1.00 16.46  ? 1009 PHE A CB  1 
ATOM   289  C CG  . PHE A 1 31  ? 1.527   -5.988  -7.860  1.00 16.11  ? 1009 PHE A CG  1 
ATOM   290  C CD1 . PHE A 1 31  ? 0.508   -5.719  -8.756  1.00 17.69  ? 1009 PHE A CD1 1 
ATOM   291  C CD2 . PHE A 1 31  ? 1.603   -7.266  -7.345  1.00 19.04  ? 1009 PHE A CD2 1 
ATOM   292  C CE1 . PHE A 1 31  ? -0.371  -6.705  -9.195  1.00 18.21  ? 1009 PHE A CE1 1 
ATOM   293  C CE2 . PHE A 1 31  ? 0.694   -8.264  -7.739  1.00 20.33  ? 1009 PHE A CE2 1 
ATOM   294  C CZ  . PHE A 1 31  ? -0.293  -7.987  -8.664  1.00 19.19  ? 1009 PHE A CZ  1 
ATOM   295  N N   . THR A 1 32  ? 5.709   -3.532  -8.445  1.00 17.52  ? 1010 THR A N   1 
ATOM   296  C CA  . THR A 1 32  ? 6.830   -2.717  -7.906  1.00 18.95  ? 1010 THR A CA  1 
ATOM   297  C C   . THR A 1 32  ? 7.044   -1.379  -8.620  1.00 21.59  ? 1010 THR A C   1 
ATOM   298  O O   . THR A 1 32  ? 7.662   -0.552  -7.989  1.00 26.73  ? 1010 THR A O   1 
ATOM   299  C CB  . THR A 1 32  ? 8.144   -3.481  -7.802  1.00 19.51  ? 1010 THR A CB  1 
ATOM   300  O OG1 . THR A 1 32  ? 8.615   -3.858  -9.104  1.00 20.76  ? 1010 THR A OG1 1 
ATOM   301  C CG2 . THR A 1 32  ? 7.989   -4.646  -6.860  1.00 21.43  ? 1010 THR A CG2 1 
ATOM   302  N N   . LYS A 1 33  ? 6.517   -1.204  -9.828  1.00 20.56  ? 1011 LYS A N   1 
ATOM   303  C CA  . LYS A 1 33  ? 6.786   0.000   -10.643 1.00 24.40  ? 1011 LYS A CA  1 
ATOM   304  C C   . LYS A 1 33  ? 5.489   0.343   -11.357 1.00 21.92  ? 1011 LYS A C   1 
ATOM   305  O O   . LYS A 1 33  ? 4.649   -0.535  -11.628 1.00 21.28  ? 1011 LYS A O   1 
ATOM   306  C CB  . LYS A 1 33  ? 7.927   -0.215  -11.647 1.00 32.40  ? 1011 LYS A CB  1 
ATOM   307  C CG  . LYS A 1 33  ? 9.300   -0.449  -11.024 1.00 39.47  ? 1011 LYS A CG  1 
ATOM   308  C CD  . LYS A 1 33  ? 10.493  -0.261  -11.974 1.00 56.42  ? 1011 LYS A CD  1 
ATOM   309  C CE  . LYS A 1 33  ? 10.530  -1.225  -13.148 1.00 67.02  ? 1011 LYS A CE  1 
ATOM   310  N NZ  . LYS A 1 33  ? 11.683  -0.942  -14.044 1.00 77.37  ? 1011 LYS A NZ  1 
ATOM   311  N N   . PRO A 1 34  ? 5.344   1.643   -11.743 1.00 24.75  ? 1012 PRO A N   1 
ATOM   312  C CA  . PRO A 1 34  ? 4.190   2.037   -12.529 1.00 29.02  ? 1012 PRO A CA  1 
ATOM   313  C C   . PRO A 1 34  ? 4.152   1.270   -13.865 1.00 29.66  ? 1012 PRO A C   1 
ATOM   314  O O   . PRO A 1 34  ? 5.180   0.853   -14.398 1.00 32.53  ? 1012 PRO A O   1 
ATOM   315  C CB  . PRO A 1 34  ? 4.349   3.564   -12.738 1.00 28.70  ? 1012 PRO A CB  1 
ATOM   316  C CG  . PRO A 1 34  ? 5.325   4.017   -11.657 1.00 31.01  ? 1012 PRO A CG  1 
ATOM   317  C CD  . PRO A 1 34  ? 6.191   2.771   -11.367 1.00 27.93  ? 1012 PRO A CD  1 
ATOM   318  N N   . VAL A 1 35  ? 2.970   1.072   -14.395 1.00 34.36  ? 1013 VAL A N   1 
ATOM   319  C CA  . VAL A 1 35  ? 2.773   0.479   -15.755 1.00 39.05  ? 1013 VAL A CA  1 
ATOM   320  C C   . VAL A 1 35  ? 3.346   1.452   -16.812 1.00 46.35  ? 1013 VAL A C   1 
ATOM   321  O O   . VAL A 1 35  ? 3.085   2.688   -16.744 1.00 45.59  ? 1013 VAL A O   1 
ATOM   322  C CB  . VAL A 1 35  ? 1.287   0.188   -16.033 1.00 33.64  ? 1013 VAL A CB  1 
ATOM   323  C CG1 . VAL A 1 35  ? 1.047   -0.131  -17.508 1.00 42.59  ? 1013 VAL A CG1 1 
ATOM   324  C CG2 . VAL A 1 35  ? 0.750   -0.902  -15.175 1.00 33.64  ? 1013 VAL A CG2 1 
ATOM   325  N N   . ASP A 1 36  ? 4.088   0.934   -17.793 1.00 49.91  ? 1014 ASP A N   1 
ATOM   326  C CA  . ASP A 1 36  ? 4.786   1.775   -18.805 1.00 61.49  ? 1014 ASP A CA  1 
ATOM   327  C C   . ASP A 1 36  ? 3.758   2.254   -19.835 1.00 59.56  ? 1014 ASP A C   1 
ATOM   328  O O   . ASP A 1 36  ? 3.104   1.435   -20.474 1.00 57.85  ? 1014 ASP A O   1 
ATOM   329  C CB  . ASP A 1 36  ? 5.962   1.005   -19.412 1.00 66.27  ? 1014 ASP A CB  1 
ATOM   330  C CG  . ASP A 1 36  ? 6.794   1.822   -20.390 1.00 81.38  ? 1014 ASP A CG  1 
ATOM   331  O OD1 . ASP A 1 36  ? 6.667   3.083   -20.399 1.00 70.16  ? 1014 ASP A OD1 1 
ATOM   332  O OD2 . ASP A 1 36  ? 7.547   1.188   -21.156 1.00 91.91  ? 1014 ASP A OD2 1 
ATOM   333  N N   . PRO A 1 37  ? 3.526   3.582   -19.994 1.00 67.41  ? 1015 PRO A N   1 
ATOM   334  C CA  . PRO A 1 37  ? 2.593   4.083   -21.010 1.00 76.89  ? 1015 PRO A CA  1 
ATOM   335  C C   . PRO A 1 37  ? 2.823   3.473   -22.401 1.00 85.78  ? 1015 PRO A C   1 
ATOM   336  O O   . PRO A 1 37  ? 1.857   3.113   -23.067 1.00 88.86  ? 1015 PRO A O   1 
ATOM   337  C CB  . PRO A 1 37  ? 2.887   5.585   -21.053 1.00 71.34  ? 1015 PRO A CB  1 
ATOM   338  C CG  . PRO A 1 37  ? 3.355   5.900   -19.647 1.00 72.96  ? 1015 PRO A CG  1 
ATOM   339  C CD  . PRO A 1 37  ? 4.130   4.673   -19.208 1.00 70.53  ? 1015 PRO A CD  1 
ATOM   340  N N   . ASP A 1 38  ? 4.096   3.348   -22.788 1.00 88.27  ? 1016 ASP A N   1 
ATOM   341  C CA  . ASP A 1 38  ? 4.521   2.804   -24.104 1.00 88.06  ? 1016 ASP A CA  1 
ATOM   342  C C   . ASP A 1 38  ? 3.927   1.409   -24.263 1.00 88.55  ? 1016 ASP A C   1 
ATOM   343  O O   . ASP A 1 38  ? 3.033   1.233   -25.108 1.00 93.12  ? 1016 ASP A O   1 
ATOM   344  C CB  . ASP A 1 38  ? 6.042   2.775   -24.224 1.00 89.40  ? 1016 ASP A CB  1 
ATOM   345  C CG  . ASP A 1 38  ? 6.679   4.145   -24.071 1.00 90.10  ? 1016 ASP A CG  1 
ATOM   346  O OD1 . ASP A 1 38  ? 5.959   5.165   -24.245 1.00 75.13  ? 1016 ASP A OD1 1 
ATOM   347  O OD2 . ASP A 1 38  ? 7.883   4.177   -23.762 1.00 99.26  ? 1016 ASP A OD2 1 
ATOM   348  N N   . GLU A 1 39  ? 4.369   0.473   -23.431 1.00 80.73  ? 1017 GLU A N   1 
ATOM   349  C CA  . GLU A 1 39  ? 3.983   -0.952  -23.555 1.00 75.33  ? 1017 GLU A CA  1 
ATOM   350  C C   . GLU A 1 39  ? 2.462   -1.112  -23.442 1.00 72.70  ? 1017 GLU A C   1 
ATOM   351  O O   . GLU A 1 39  ? 1.951   -2.086  -24.033 1.00 72.17  ? 1017 GLU A O   1 
ATOM   352  C CB  . GLU A 1 39  ? 4.672   -1.783  -22.477 1.00 85.55  ? 1017 GLU A CB  1 
ATOM   353  C CG  . GLU A 1 39  ? 6.182   -1.819  -22.591 1.00 90.59  ? 1017 GLU A CG  1 
ATOM   354  C CD  . GLU A 1 39  ? 6.812   -2.743  -21.564 1.00 99.23  ? 1017 GLU A CD  1 
ATOM   355  O OE1 . GLU A 1 39  ? 7.764   -2.303  -20.888 1.00 100.43 ? 1017 GLU A OE1 1 
ATOM   356  O OE2 . GLU A 1 39  ? 6.328   -3.896  -21.425 1.00 94.14  ? 1017 GLU A OE2 1 
ATOM   357  N N   . VAL A 1 40  ? 1.771   -0.261  -22.661 1.00 63.43  ? 1018 VAL A N   1 
ATOM   358  C CA  . VAL A 1 40  ? 0.310   -0.428  -22.369 1.00 52.92  ? 1018 VAL A CA  1 
ATOM   359  C C   . VAL A 1 40  ? -0.380  0.938   -22.410 1.00 60.12  ? 1018 VAL A C   1 
ATOM   360  O O   . VAL A 1 40  ? -0.716  1.496   -21.365 1.00 46.37  ? 1018 VAL A O   1 
ATOM   361  C CB  . VAL A 1 40  ? 0.075   -1.130  -21.013 1.00 55.47  ? 1018 VAL A CB  1 
ATOM   362  C CG1 . VAL A 1 40  ? -1.328  -1.707  -20.923 1.00 51.02  ? 1018 VAL A CG1 1 
ATOM   363  C CG2 . VAL A 1 40  ? 1.100   -2.218  -20.700 1.00 51.96  ? 1018 VAL A CG2 1 
ATOM   364  N N   . PRO A 1 41  ? -0.650  1.523   -23.610 1.00 58.28  ? 1019 PRO A N   1 
ATOM   365  C CA  . PRO A 1 41  ? -1.177  2.895   -23.697 1.00 50.50  ? 1019 PRO A CA  1 
ATOM   366  C C   . PRO A 1 41  ? -2.647  2.982   -23.247 1.00 39.50  ? 1019 PRO A C   1 
ATOM   367  O O   . PRO A 1 41  ? -3.180  4.006   -22.819 1.00 43.26  ? 1019 PRO A O   1 
ATOM   368  C CB  . PRO A 1 41  ? -1.025  3.214   -25.199 1.00 56.26  ? 1019 PRO A CB  1 
ATOM   369  C CG  . PRO A 1 41  ? -1.215  1.856   -25.864 1.00 59.73  ? 1019 PRO A CG  1 
ATOM   370  C CD  . PRO A 1 41  ? -0.526  0.873   -24.930 1.00 61.71  ? 1019 PRO A CD  1 
ATOM   371  N N   . ASP A 1 42  ? -3.312  1.863   -23.333 1.00 38.82  ? 1020 ASP A N   1 
ATOM   372  C CA  . ASP A 1 42  ? -4.705  1.653   -22.899 1.00 33.89  ? 1020 ASP A CA  1 
ATOM   373  C C   . ASP A 1 42  ? -4.852  1.707   -21.343 1.00 32.13  ? 1020 ASP A C   1 
ATOM   374  O O   . ASP A 1 42  ? -5.983  1.838   -20.835 1.00 33.77  ? 1020 ASP A O   1 
ATOM   375  C CB  . ASP A 1 42  ? -5.023  0.300   -23.498 1.00 44.73  ? 1020 ASP A CB  1 
ATOM   376  C CG  . ASP A 1 42  ? -6.324  -0.214  -23.009 1.00 48.47  ? 1020 ASP A CG  1 
ATOM   377  O OD1 . ASP A 1 42  ? -7.336  0.415   -23.372 1.00 57.88  ? 1020 ASP A OD1 1 
ATOM   378  O OD2 . ASP A 1 42  ? -6.292  -1.200  -22.243 1.00 48.37  ? 1020 ASP A OD2 1 
ATOM   379  N N   . TYR A 1 43  ? -3.777  1.508   -20.580 1.00 33.74  ? 1021 TYR A N   1 
ATOM   380  C CA  . TYR A 1 43  ? -3.940  1.255   -19.106 1.00 31.90  ? 1021 TYR A CA  1 
ATOM   381  C C   . TYR A 1 43  ? -4.583  2.484   -18.436 1.00 28.96  ? 1021 TYR A C   1 
ATOM   382  O O   . TYR A 1 43  ? -5.560  2.324   -17.662 1.00 29.65  ? 1021 TYR A O   1 
ATOM   383  C CB  . TYR A 1 43  ? -2.590  0.869   -18.467 1.00 30.50  ? 1021 TYR A CB  1 
ATOM   384  C CG  . TYR A 1 43  ? -2.687  0.446   -17.003 1.00 26.18  ? 1021 TYR A CG  1 
ATOM   385  C CD1 . TYR A 1 43  ? -3.128  -0.813  -16.675 1.00 25.06  ? 1021 TYR A CD1 1 
ATOM   386  C CD2 . TYR A 1 43  ? -2.402  1.342   -15.966 1.00 26.38  ? 1021 TYR A CD2 1 
ATOM   387  C CE1 . TYR A 1 43  ? -3.297  -1.210  -15.340 1.00 24.83  ? 1021 TYR A CE1 1 
ATOM   388  C CE2 . TYR A 1 43  ? -2.528  0.944   -14.629 1.00 25.61  ? 1021 TYR A CE2 1 
ATOM   389  C CZ  . TYR A 1 43  ? -2.983  -0.324  -14.330 1.00 23.25  ? 1021 TYR A CZ  1 
ATOM   390  O OH  . TYR A 1 43  ? -3.188  -0.743  -13.038 1.00 22.15  ? 1021 TYR A OH  1 
ATOM   391  N N   . ARG A 1 44  ? -4.027  3.654   -18.737 1.00 33.25  ? 1022 ARG A N   1 
ATOM   392  C CA  . ARG A 1 44  ? -4.433  4.943   -18.107 1.00 36.03  ? 1022 ARG A CA  1 
ATOM   393  C C   . ARG A 1 44  ? -5.780  5.437   -18.624 1.00 36.87  ? 1022 ARG A C   1 
ATOM   394  O O   . ARG A 1 44  ? -6.376  6.220   -17.891 1.00 43.75  ? 1022 ARG A O   1 
ATOM   395  C CB  . ARG A 1 44  ? -3.311  5.964   -18.203 1.00 40.29  ? 1022 ARG A CB  1 
ATOM   396  C CG  . ARG A 1 44  ? -2.332  5.821   -17.056 1.00 46.33  ? 1022 ARG A CG  1 
ATOM   397  C CD  . ARG A 1 44  ? -1.040  6.590   -17.211 1.00 55.76  ? 1022 ARG A CD  1 
ATOM   398  N NE  . ARG A 1 44  ? -0.160  6.060   -16.173 1.00 58.43  ? 1022 ARG A NE  1 
ATOM   399  C CZ  . ARG A 1 44  ? 0.525   4.907   -16.233 1.00 64.07  ? 1022 ARG A CZ  1 
ATOM   400  N NH1 . ARG A 1 44  ? 0.531   4.149   -17.335 1.00 51.51  ? 1022 ARG A NH1 1 
ATOM   401  N NH2 . ARG A 1 44  ? 1.267   4.563   -15.183 1.00 63.04  ? 1022 ARG A NH2 1 
ATOM   402  N N   . THR A 1 45  ? -6.345  4.844   -19.667 1.00 38.58  ? 1023 THR A N   1 
ATOM   403  C CA  . THR A 1 45  ? -7.751  5.136   -20.035 1.00 44.55  ? 1023 THR A CA  1 
ATOM   404  C C   . THR A 1 45  ? -8.726  4.314   -19.191 1.00 41.94  ? 1023 THR A C   1 
ATOM   405  O O   . THR A 1 45  ? -9.810  4.833   -18.926 1.00 46.02  ? 1023 THR A O   1 
ATOM   406  C CB  . THR A 1 45  ? -7.905  5.071   -21.566 1.00 46.43  ? 1023 THR A CB  1 
ATOM   407  O OG1 . THR A 1 45  ? -7.990  3.740   -22.095 1.00 48.05  ? 1023 THR A OG1 1 
ATOM   408  C CG2 . THR A 1 45  ? -6.732  5.780   -22.197 1.00 43.69  ? 1023 THR A CG2 1 
ATOM   409  N N   . VAL A 1 46  ? -8.391  3.095   -18.740 1.00 28.99  ? 1024 VAL A N   1 
ATOM   410  C CA  . VAL A 1 46  ? -9.305  2.253   -17.943 1.00 28.33  ? 1024 VAL A CA  1 
ATOM   411  C C   . VAL A 1 46  ? -9.108  2.577   -16.438 1.00 23.34  ? 1024 VAL A C   1 
ATOM   412  O O   . VAL A 1 46  ? -10.066 2.568   -15.700 1.00 27.32  ? 1024 VAL A O   1 
ATOM   413  C CB  . VAL A 1 46  ? -8.987  0.765   -18.218 1.00 32.46  ? 1024 VAL A CB  1 
ATOM   414  C CG1 . VAL A 1 46  ? -9.867  -0.153  -17.377 1.00 30.84  ? 1024 VAL A CG1 1 
ATOM   415  C CG2 . VAL A 1 46  ? -9.086  0.484   -19.718 1.00 42.48  ? 1024 VAL A CG2 1 
ATOM   416  N N   . ILE A 1 47  ? -7.850  2.593   -15.998 1.00 23.26  ? 1025 ILE A N   1 
ATOM   417  C CA  . ILE A 1 47  ? -7.475  2.698   -14.570 1.00 21.33  ? 1025 ILE A CA  1 
ATOM   418  C C   . ILE A 1 47  ? -7.238  4.203   -14.243 1.00 16.81  ? 1025 ILE A C   1 
ATOM   419  O O   . ILE A 1 47  ? -6.219  4.770   -14.664 1.00 20.89  ? 1025 ILE A O   1 
ATOM   420  C CB  . ILE A 1 47  ? -6.281  1.772   -14.233 1.00 19.37  ? 1025 ILE A CB  1 
ATOM   421  C CG1 . ILE A 1 47  ? -6.645  0.286   -14.502 1.00 20.61  ? 1025 ILE A CG1 1 
ATOM   422  C CG2 . ILE A 1 47  ? -5.847  1.979   -12.782 1.00 20.05  ? 1025 ILE A CG2 1 
ATOM   423  C CD1 . ILE A 1 47  ? -7.727  -0.298  -13.687 1.00 21.82  ? 1025 ILE A CD1 1 
ATOM   424  N N   . LYS A 1 48  ? -8.148  4.716   -13.471 1.00 20.79  ? 1026 LYS A N   1 
ATOM   425  C CA  . LYS A 1 48  ? -8.174  6.201   -13.261 1.00 20.76  ? 1026 LYS A CA  1 
ATOM   426  C C   . LYS A 1 48  ? -7.199  6.631   -12.155 1.00 21.98  ? 1026 LYS A C   1 
ATOM   427  O O   . LYS A 1 48  ? -6.718  7.774   -12.221 1.00 21.34  ? 1026 LYS A O   1 
ATOM   428  C CB  . LYS A 1 48  ? -9.580  6.583   -12.877 1.00 22.31  ? 1026 LYS A CB  1 
ATOM   429  C CG  . LYS A 1 48  ? -10.611 6.297   -13.984 1.00 24.80  ? 1026 LYS A CG  1 
ATOM   430  C CD  . LYS A 1 48  ? -10.277 6.960   -15.259 1.00 26.63  ? 1026 LYS A CD  1 
ATOM   431  C CE  . LYS A 1 48  ? -11.368 6.745   -16.317 1.00 26.85  ? 1026 LYS A CE  1 
ATOM   432  N NZ  . LYS A 1 48  ? -10.856 7.223   -17.618 1.00 30.48  ? 1026 LYS A NZ  1 
ATOM   433  N N   . GLU A 1 49  ? -6.799  5.739   -11.235 1.00 18.76  ? 1027 GLU A N   1 
ATOM   434  C CA  . GLU A 1 49  ? -5.818  6.090   -10.161 1.00 17.46  ? 1027 GLU A CA  1 
ATOM   435  C C   . GLU A 1 49  ? -4.806  4.928   -10.048 1.00 16.18  ? 1027 GLU A C   1 
ATOM   436  O O   . GLU A 1 49  ? -4.941  4.065   -9.165  1.00 18.41  ? 1027 GLU A O   1 
ATOM   437  C CB  . GLU A 1 49  ? -6.480  6.423   -8.840  1.00 17.99  ? 1027 GLU A CB  1 
ATOM   438  C CG  . GLU A 1 49  ? -5.512  7.120   -7.867  1.00 18.54  ? 1027 GLU A CG  1 
ATOM   439  C CD  . GLU A 1 49  ? -5.969  7.599   -6.519  1.00 20.30  ? 1027 GLU A CD  1 
ATOM   440  O OE1 . GLU A 1 49  ? -7.150  7.425   -6.178  1.00 21.78  ? 1027 GLU A OE1 1 
ATOM   441  O OE2 . GLU A 1 49  ? -5.070  8.238   -5.811  1.00 21.00  ? 1027 GLU A OE2 1 
ATOM   442  N N   . PRO A 1 50  ? -3.815  4.929   -10.943 1.00 15.68  ? 1028 PRO A N   1 
ATOM   443  C CA  . PRO A 1 50  ? -2.757  3.908   -10.876 1.00 15.94  ? 1028 PRO A CA  1 
ATOM   444  C C   . PRO A 1 50  ? -2.040  3.960   -9.512  1.00 16.89  ? 1028 PRO A C   1 
ATOM   445  O O   . PRO A 1 50  ? -1.879  5.071   -8.863  1.00 18.49  ? 1028 PRO A O   1 
ATOM   446  C CB  . PRO A 1 50  ? -1.801  4.200   -11.992 1.00 18.63  ? 1028 PRO A CB  1 
ATOM   447  C CG  . PRO A 1 50  ? -2.603  5.063   -12.960 1.00 22.09  ? 1028 PRO A CG  1 
ATOM   448  C CD  . PRO A 1 50  ? -3.637  5.783   -12.122 1.00 19.14  ? 1028 PRO A CD  1 
ATOM   449  N N   . MET A 1 51  ? -1.532  2.782   -9.037  1.00 15.98  ? 1029 MET A N   1 
ATOM   450  C CA  . MET A 1 51  ? -0.747  2.771   -7.774  1.00 15.13  ? 1029 MET A CA  1 
ATOM   451  C C   . MET A 1 51  ? 0.213   1.567   -7.850  1.00 14.80  ? 1029 MET A C   1 
ATOM   452  O O   . MET A 1 51  ? -0.112  0.559   -8.505  1.00 16.64  ? 1029 MET A O   1 
ATOM   453  C CB  . MET A 1 51  ? -1.671  2.689   -6.561  1.00 16.06  ? 1029 MET A CB  1 
ATOM   454  C CG  . MET A 1 51  ? -0.989  2.913   -5.189  1.00 16.57  ? 1029 MET A CG  1 
ATOM   455  S SD  . MET A 1 51  ? 0.051   4.366   -4.972  1.00 17.61  ? 1029 MET A SD  1 
ATOM   456  C CE  . MET A 1 51  ? -1.131  5.707   -5.339  1.00 18.22  ? 1029 MET A CE  1 
ATOM   457  N N   . ASP A 1 52  ? 1.360   1.708   -7.201  1.00 14.63  ? 1030 ASP A N   1 
ATOM   458  C CA  . ASP A 1 52  ? 2.420   0.646   -7.201  1.00 14.72  ? 1030 ASP A CA  1 
ATOM   459  C C   . ASP A 1 52  ? 3.285   0.823   -5.956  1.00 15.76  ? 1030 ASP A C   1 
ATOM   460  O O   . ASP A 1 52  ? 3.229   1.902   -5.273  1.00 15.98  ? 1030 ASP A O   1 
ATOM   461  C CB  . ASP A 1 52  ? 3.257   0.749   -8.486  1.00 17.86  ? 1030 ASP A CB  1 
ATOM   462  C CG  . ASP A 1 52  ? 4.088   2.019   -8.468  1.00 20.42  ? 1030 ASP A CG  1 
ATOM   463  O OD1 . ASP A 1 52  ? 3.541   3.131   -8.795  1.00 24.81  ? 1030 ASP A OD1 1 
ATOM   464  O OD2 . ASP A 1 52  ? 5.195   2.003   -7.961  1.00 22.34  ? 1030 ASP A OD2 1 
ATOM   465  N N   . LEU A 1 53  ? 4.147   -0.151  -5.613  1.00 16.15  ? 1031 LEU A N   1 
ATOM   466  C CA  . LEU A 1 53  ? 4.917   -0.095  -4.343  1.00 15.64  ? 1031 LEU A CA  1 
ATOM   467  C C   . LEU A 1 53  ? 6.029   0.991   -4.316  1.00 16.62  ? 1031 LEU A C   1 
ATOM   468  O O   . LEU A 1 53  ? 6.361   1.476   -3.248  1.00 16.66  ? 1031 LEU A O   1 
ATOM   469  C CB  . LEU A 1 53  ? 5.467   -1.514  -4.031  1.00 15.84  ? 1031 LEU A CB  1 
ATOM   470  C CG  . LEU A 1 53  ? 4.420   -2.603  -3.799  1.00 14.95  ? 1031 LEU A CG  1 
ATOM   471  C CD1 . LEU A 1 53  ? 5.099   -3.965  -3.720  1.00 18.30  ? 1031 LEU A CD1 1 
ATOM   472  C CD2 . LEU A 1 53  ? 3.599   -2.342  -2.558  1.00 16.09  ? 1031 LEU A CD2 1 
ATOM   473  N N   A SER A 1 54  ? 6.599   1.346   -5.474  0.18 17.15  ? 1032 SER A N   1 
ATOM   474  N N   B SER A 1 54  ? 6.589   1.363   -5.472  0.10 16.58  ? 1032 SER A N   1 
ATOM   475  N N   C SER A 1 54  ? 6.602   1.353   -5.475  0.22 16.85  ? 1032 SER A N   1 
ATOM   476  C CA  A SER A 1 54  ? 7.577   2.463   -5.569  0.18 17.84  ? 1032 SER A CA  1 
ATOM   477  C CA  B SER A 1 54  ? 7.584   2.468   -5.556  0.10 16.78  ? 1032 SER A CA  1 
ATOM   478  C CA  C SER A 1 54  ? 7.581   2.475   -5.551  0.22 17.36  ? 1032 SER A CA  1 
ATOM   479  C C   A SER A 1 54  ? 6.875   3.785   -5.221  0.18 17.49  ? 1032 SER A C   1 
ATOM   480  C C   B SER A 1 54  ? 6.895   3.806   -5.255  0.10 16.89  ? 1032 SER A C   1 
ATOM   481  C C   C SER A 1 54  ? 6.866   3.788   -5.203  0.22 17.18  ? 1032 SER A C   1 
ATOM   482  O O   A SER A 1 54  ? 7.463   4.599   -4.471  0.18 18.70  ? 1032 SER A O   1 
ATOM   483  O O   B SER A 1 54  ? 7.524   4.656   -4.590  0.10 17.57  ? 1032 SER A O   1 
ATOM   484  O O   C SER A 1 54  ? 7.420   4.592   -4.412  0.22 18.44  ? 1032 SER A O   1 
ATOM   485  C CB  A SER A 1 54  ? 8.234   2.507   -6.937  0.18 19.76  ? 1032 SER A CB  1 
ATOM   486  C CB  B SER A 1 54  ? 8.294   2.498   -6.890  0.10 17.43  ? 1032 SER A CB  1 
ATOM   487  C CB  C SER A 1 54  ? 8.302   2.529   -6.903  0.22 19.26  ? 1032 SER A CB  1 
ATOM   488  O OG  A SER A 1 54  ? 9.178   1.456   -7.085  0.18 21.33  ? 1032 SER A OG  1 
ATOM   489  O OG  B SER A 1 54  ? 9.306   3.496   -6.896  0.10 17.39  ? 1032 SER A OG  1 
ATOM   490  O OG  C SER A 1 54  ? 7.467   3.001   -7.959  0.22 20.18  ? 1032 SER A OG  1 
ATOM   491  N N   . SER A 1 55  ? 5.662   3.993   -5.734  1.00 16.77  ? 1033 SER A N   1 
ATOM   492  C CA  . SER A 1 55  ? 4.870   5.210   -5.415  1.00 16.60  ? 1033 SER A CA  1 
ATOM   493  C C   . SER A 1 55  ? 4.546   5.183   -3.926  1.00 15.18  ? 1033 SER A C   1 
ATOM   494  O O   . SER A 1 55  ? 4.577   6.277   -3.273  1.00 15.17  ? 1033 SER A O   1 
ATOM   495  C CB  . SER A 1 55  ? 3.660   5.384   -6.249  1.00 18.27  ? 1033 SER A CB  1 
ATOM   496  O OG  . SER A 1 55  ? 4.053   5.430   -7.629  1.00 21.68  ? 1033 SER A OG  1 
ATOM   497  N N   . VAL A 1 56  ? 4.175   4.050   -3.346  1.00 14.80  ? 1034 VAL A N   1 
ATOM   498  C CA  . VAL A 1 56  ? 3.892   3.979   -1.873  1.00 15.28  ? 1034 VAL A CA  1 
ATOM   499  C C   . VAL A 1 56  ? 5.110   4.433   -1.053  1.00 14.70  ? 1034 VAL A C   1 
ATOM   500  O O   . VAL A 1 56  ? 4.946   5.189   -0.087  1.00 15.06  ? 1034 VAL A O   1 
ATOM   501  C CB  . VAL A 1 56  ? 3.358   2.562   -1.540  1.00 14.73  ? 1034 VAL A CB  1 
ATOM   502  C CG1 . VAL A 1 56  ? 3.318   2.362   -0.029  1.00 16.37  ? 1034 VAL A CG1 1 
ATOM   503  C CG2 . VAL A 1 56  ? 2.007   2.310   -2.107  1.00 15.04  ? 1034 VAL A CG2 1 
ATOM   504  N N   A ILE A 1 57  ? 6.305   3.952   -1.406  0.14 15.46  ? 1035 ILE A N   1 
ATOM   505  N N   B ILE A 1 57  ? 6.319   3.957   -1.348  0.22 15.23  ? 1035 ILE A N   1 
ATOM   506  N N   C ILE A 1 57  ? 6.305   3.952   -1.406  0.14 15.46  ? 1035 ILE A N   1 
ATOM   507  C CA  A ILE A 1 57  ? 7.587   4.340   -0.740  0.14 15.99  ? 1035 ILE A CA  1 
ATOM   508  C CA  B ILE A 1 57  ? 7.513   4.433   -0.582  0.22 15.86  ? 1035 ILE A CA  1 
ATOM   509  C CA  C ILE A 1 57  ? 7.587   4.340   -0.740  0.14 15.99  ? 1035 ILE A CA  1 
ATOM   510  C C   A ILE A 1 57  ? 7.754   5.867   -0.805  0.14 16.09  ? 1035 ILE A C   1 
ATOM   511  C C   B ILE A 1 57  ? 7.610   5.958   -0.741  0.22 15.63  ? 1035 ILE A C   1 
ATOM   512  C C   C ILE A 1 57  ? 7.754   5.867   -0.805  0.14 16.09  ? 1035 ILE A C   1 
ATOM   513  O O   A ILE A 1 57  ? 8.085   6.489   0.220   0.14 16.27  ? 1035 ILE A O   1 
ATOM   514  O O   B ILE A 1 57  ? 7.723   6.681   0.281   0.22 15.28  ? 1035 ILE A O   1 
ATOM   515  O O   C ILE A 1 57  ? 8.085   6.489   0.220   0.14 16.27  ? 1035 ILE A O   1 
ATOM   516  C CB  A ILE A 1 57  ? 8.772   3.599   -1.381  0.14 17.76  ? 1035 ILE A CB  1 
ATOM   517  C CB  B ILE A 1 57  ? 8.806   3.740   -1.020  0.22 17.86  ? 1035 ILE A CB  1 
ATOM   518  C CB  C ILE A 1 57  ? 8.772   3.599   -1.381  0.14 17.76  ? 1035 ILE A CB  1 
ATOM   519  C CG1 A ILE A 1 57  ? 8.818   2.158   -0.872  0.14 18.75  ? 1035 ILE A CG1 1 
ATOM   520  C CG1 B ILE A 1 57  ? 8.723   2.240   -0.728  0.22 19.24  ? 1035 ILE A CG1 1 
ATOM   521  C CG1 C ILE A 1 57  ? 8.818   2.158   -0.872  0.14 18.75  ? 1035 ILE A CG1 1 
ATOM   522  C CG2 A ILE A 1 57  ? 10.071  4.339   -1.115  0.14 18.23  ? 1035 ILE A CG2 1 
ATOM   523  C CG2 B ILE A 1 57  ? 10.005  4.425   -0.356  0.22 17.69  ? 1035 ILE A CG2 1 
ATOM   524  C CG2 C ILE A 1 57  ? 10.071  4.339   -1.115  0.14 18.23  ? 1035 ILE A CG2 1 
ATOM   525  C CD1 A ILE A 1 57  ? 8.889   2.055   0.636   0.14 19.03  ? 1035 ILE A CD1 1 
ATOM   526  C CD1 B ILE A 1 57  ? 9.553   1.367   -1.659  0.22 20.19  ? 1035 ILE A CD1 1 
ATOM   527  C CD1 C ILE A 1 57  ? 8.889   2.055   0.636   0.14 19.03  ? 1035 ILE A CD1 1 
ATOM   528  N N   . SER A 1 58  ? 7.520   6.453   -1.983  1.00 15.26  ? 1036 SER A N   1 
ATOM   529  C CA  . SER A 1 58  ? 7.607   7.925   -2.141  1.00 15.68  ? 1036 SER A CA  1 
ATOM   530  C C   . SER A 1 58  ? 6.568   8.635   -1.261  1.00 15.66  ? 1036 SER A C   1 
ATOM   531  O O   . SER A 1 58  ? 6.855   9.688   -0.609  1.00 16.31  ? 1036 SER A O   1 
ATOM   532  C CB  . SER A 1 58  ? 7.387   8.326   -3.606  1.00 16.34  ? 1036 SER A CB  1 
ATOM   533  O OG  . SER A 1 58  ? 8.513   7.924   -4.371  1.00 22.04  ? 1036 SER A OG  1 
ATOM   534  N N   . LYS A 1 59  ? 5.319   8.149   -1.178  1.00 14.78  ? 1037 LYS A N   1 
ATOM   535  C CA  . LYS A 1 59  ? 4.223   8.744   -0.378  1.00 14.26  ? 1037 LYS A CA  1 
ATOM   536  C C   . LYS A 1 59  ? 4.577   8.676   1.136   1.00 14.40  ? 1037 LYS A C   1 
ATOM   537  O O   . LYS A 1 59  ? 4.249   9.611   1.897   1.00 14.44  ? 1037 LYS A O   1 
ATOM   538  C CB  . LYS A 1 59  ? 2.899   8.111   -0.748  1.00 14.44  ? 1037 LYS A CB  1 
ATOM   539  C CG  . LYS A 1 59  ? 2.366   8.512   -2.132  1.00 14.42  ? 1037 LYS A CG  1 
ATOM   540  C CD  . LYS A 1 59  ? 0.970   7.989   -2.410  1.00 15.20  ? 1037 LYS A CD  1 
ATOM   541  C CE  . LYS A 1 59  ? -0.091  8.585   -1.535  1.00 16.56  ? 1037 LYS A CE  1 
ATOM   542  N NZ  . LYS A 1 59  ? -1.476  8.277   -1.971  1.00 17.96  ? 1037 LYS A NZ  1 
ATOM   543  N N   . ILE A 1 60  ? 5.154   7.561   1.606   1.00 14.72  ? 1038 ILE A N   1 
ATOM   544  C CA  . ILE A 1 60  ? 5.586   7.484   3.022   1.00 15.51  ? 1038 ILE A CA  1 
ATOM   545  C C   . ILE A 1 60  ? 6.508   8.696   3.337   1.00 13.99  ? 1038 ILE A C   1 
ATOM   546  O O   . ILE A 1 60  ? 6.304   9.396   4.363   1.00 14.86  ? 1038 ILE A O   1 
ATOM   547  C CB  . ILE A 1 60  ? 6.253   6.115   3.360   1.00 13.99  ? 1038 ILE A CB  1 
ATOM   548  C CG1 . ILE A 1 60  ? 5.271   4.954   3.236   1.00 14.55  ? 1038 ILE A CG1 1 
ATOM   549  C CG2 . ILE A 1 60  ? 6.835   6.199   4.763   1.00 15.28  ? 1038 ILE A CG2 1 
ATOM   550  C CD1 . ILE A 1 60  ? 5.985   3.586   3.212   1.00 15.92  ? 1038 ILE A CD1 1 
ATOM   551  N N   . ASP A 1 61  ? 7.512   8.884   2.517   1.00 14.21  ? 1039 ASP A N   1 
ATOM   552  C CA  . ASP A 1 61  ? 8.554   9.911   2.724   1.00 16.67  ? 1039 ASP A CA  1 
ATOM   553  C C   . ASP A 1 61  ? 7.954   11.321  2.579   1.00 18.10  ? 1039 ASP A C   1 
ATOM   554  O O   . ASP A 1 61  ? 8.511   12.272  3.182   1.00 20.05  ? 1039 ASP A O   1 
ATOM   555  C CB  . ASP A 1 61  ? 9.730   9.662   1.803   1.00 18.12  ? 1039 ASP A CB  1 
ATOM   556  C CG  . ASP A 1 61  ? 10.565  8.418   2.125   1.00 22.02  ? 1039 ASP A CG  1 
ATOM   557  O OD1 . ASP A 1 61  ? 10.430  7.958   3.306   1.00 24.42  ? 1039 ASP A OD1 1 
ATOM   558  O OD2 . ASP A 1 61  ? 11.341  7.920   1.252   1.00 23.27  ? 1039 ASP A OD2 1 
ATOM   559  N N   . LEU A 1 62  ? 6.888   11.517  1.823   1.00 15.32  ? 1040 LEU A N   1 
ATOM   560  C CA  . LEU A 1 62  ? 6.171   12.805  1.686   1.00 15.84  ? 1040 LEU A CA  1 
ATOM   561  C C   . LEU A 1 62  ? 5.186   13.019  2.823   1.00 17.13  ? 1040 LEU A C   1 
ATOM   562  O O   . LEU A 1 62  ? 4.445   14.065  2.888   1.00 19.03  ? 1040 LEU A O   1 
ATOM   563  C CB  . LEU A 1 62  ? 5.451   12.848  0.337   1.00 16.16  ? 1040 LEU A CB  1 
ATOM   564  C CG  . LEU A 1 62  ? 6.292   13.047  -0.895  1.00 17.79  ? 1040 LEU A CG  1 
ATOM   565  C CD1 . LEU A 1 62  ? 5.482   12.777  -2.144  1.00 17.91  ? 1040 LEU A CD1 1 
ATOM   566  C CD2 . LEU A 1 62  ? 6.867   14.479  -0.949  1.00 20.17  ? 1040 LEU A CD2 1 
ATOM   567  N N   . HIS A 1 63  ? 5.076   12.115  3.828   1.00 16.22  ? 1041 HIS A N   1 
ATOM   568  C CA  . HIS A 1 63  ? 4.185   12.240  4.987   1.00 15.59  ? 1041 HIS A CA  1 
ATOM   569  C C   . HIS A 1 63  ? 2.720   12.214  4.558   1.00 14.96  ? 1041 HIS A C   1 
ATOM   570  O O   . HIS A 1 63  ? 1.823   12.817  5.225   1.00 19.15  ? 1041 HIS A O   1 
ATOM   571  C CB  . HIS A 1 63  ? 4.551   13.469  5.861   1.00 18.07  ? 1041 HIS A CB  1 
ATOM   572  C CG  . HIS A 1 63  ? 5.920   13.469  6.393   1.00 17.91  ? 1041 HIS A CG  1 
ATOM   573  N ND1 . HIS A 1 63  ? 6.259   14.370  7.408   1.00 25.34  ? 1041 HIS A ND1 1 
ATOM   574  C CD2 . HIS A 1 63  ? 7.025   12.756  6.112   1.00 18.88  ? 1041 HIS A CD2 1 
ATOM   575  C CE1 . HIS A 1 63  ? 7.556   14.186  7.650   1.00 19.78  ? 1041 HIS A CE1 1 
ATOM   576  N NE2 . HIS A 1 63  ? 8.104   13.232  6.906   1.00 22.52  ? 1041 HIS A NE2 1 
ATOM   577  N N   . LYS A 1 64  ? 2.393   11.405  3.524   1.00 15.78  ? 1042 LYS A N   1 
ATOM   578  C CA  . LYS A 1 64  ? 1.008   11.255  3.054   1.00 16.02  ? 1042 LYS A CA  1 
ATOM   579  C C   . LYS A 1 64  ? 0.139   10.386  3.985   1.00 15.94  ? 1042 LYS A C   1 
ATOM   580  O O   . LYS A 1 64  ? -1.115  10.445  3.910   1.00 17.99  ? 1042 LYS A O   1 
ATOM   581  C CB  . LYS A 1 64  ? 0.975   10.746  1.630   1.00 15.79  ? 1042 LYS A CB  1 
ATOM   582  C CG  . LYS A 1 64  ? 1.619   11.570  0.530   1.00 17.92  ? 1042 LYS A CG  1 
ATOM   583  C CD  . LYS A 1 64  ? 0.755   12.619  -0.023  1.00 20.53  ? 1042 LYS A CD  1 
ATOM   584  C CE  . LYS A 1 64  ? 1.390   13.354  -1.191  1.00 20.43  ? 1042 LYS A CE  1 
ATOM   585  N NZ  . LYS A 1 64  ? 0.429   14.347  -1.734  1.00 23.07  ? 1042 LYS A NZ  1 
ATOM   586  N N   . TYR A 1 65  ? 0.785   9.448   4.708   1.00 15.14  ? 1043 TYR A N   1 
ATOM   587  C CA  . TYR A 1 65  ? 0.089   8.507   5.595   1.00 14.09  ? 1043 TYR A CA  1 
ATOM   588  C C   . TYR A 1 65  ? 0.294   8.894   7.078   1.00 15.76  ? 1043 TYR A C   1 
ATOM   589  O O   . TYR A 1 65  ? 1.450   8.959   7.558   1.00 18.02  ? 1043 TYR A O   1 
ATOM   590  C CB  . TYR A 1 65  ? 0.576   7.066   5.328   1.00 15.51  ? 1043 TYR A CB  1 
ATOM   591  C CG  . TYR A 1 65  ? 0.574   6.590   3.869   1.00 14.21  ? 1043 TYR A CG  1 
ATOM   592  C CD1 . TYR A 1 65  ? -0.589  6.572   3.115   1.00 14.94  ? 1043 TYR A CD1 1 
ATOM   593  C CD2 . TYR A 1 65  ? 1.754   6.175   3.279   1.00 13.72  ? 1043 TYR A CD2 1 
ATOM   594  C CE1 . TYR A 1 65  ? -0.568  6.146   1.791   1.00 15.69  ? 1043 TYR A CE1 1 
ATOM   595  C CE2 . TYR A 1 65  ? 1.802   5.749   1.945   1.00 13.93  ? 1043 TYR A CE2 1 
ATOM   596  C CZ  . TYR A 1 65  ? 0.638   5.740   1.226   1.00 14.85  ? 1043 TYR A CZ  1 
ATOM   597  O OH  . TYR A 1 65  ? 0.758   5.277   -0.085  1.00 15.60  ? 1043 TYR A OH  1 
ATOM   598  N N   A LEU A 1 66  ? -0.821  9.163   7.759   0.14 16.65  ? 1044 LEU A N   1 
ATOM   599  N N   B LEU A 1 66  ? -0.824  9.157   7.773   0.23 16.05  ? 1044 LEU A N   1 
ATOM   600  N N   C LEU A 1 66  ? -0.821  9.163   7.759   0.14 16.65  ? 1044 LEU A N   1 
ATOM   601  C CA  A LEU A 1 66  ? -0.852  9.460   9.216   0.14 16.88  ? 1044 LEU A CA  1 
ATOM   602  C CA  B LEU A 1 66  ? -0.877  9.445   9.244   0.23 15.68  ? 1044 LEU A CA  1 
ATOM   603  C CA  C LEU A 1 66  ? -0.852  9.460   9.216   0.14 16.88  ? 1044 LEU A CA  1 
ATOM   604  C C   A LEU A 1 66  ? -1.355  8.237   9.985   0.14 16.50  ? 1044 LEU A C   1 
ATOM   605  C C   B LEU A 1 66  ? -1.536  8.298   9.999   0.23 16.18  ? 1044 LEU A C   1 
ATOM   606  C C   C LEU A 1 66  ? -1.355  8.237   9.985   0.14 16.50  ? 1044 LEU A C   1 
ATOM   607  O O   A LEU A 1 66  ? -1.152  8.221   11.223  0.14 15.57  ? 1044 LEU A O   1 
ATOM   608  O O   B LEU A 1 66  ? -1.687  8.403   11.252  0.23 15.68  ? 1044 LEU A O   1 
ATOM   609  O O   C LEU A 1 66  ? -1.152  8.221   11.223  0.14 15.57  ? 1044 LEU A O   1 
ATOM   610  C CB  A LEU A 1 66  ? -1.736  10.690  9.464   0.14 19.01  ? 1044 LEU A CB  1 
ATOM   611  C CB  B LEU A 1 66  ? -1.672  10.733  9.512   0.23 17.14  ? 1044 LEU A CB  1 
ATOM   612  C CB  C LEU A 1 66  ? -1.736  10.690  9.464   0.14 19.01  ? 1044 LEU A CB  1 
ATOM   613  C CG  A LEU A 1 66  ? -1.332  11.959  8.709   0.14 21.33  ? 1044 LEU A CG  1 
ATOM   614  C CG  B LEU A 1 66  ? -0.892  12.032  9.349   0.23 18.63  ? 1044 LEU A CG  1 
ATOM   615  C CG  C LEU A 1 66  ? -1.332  11.959  8.709   0.14 21.33  ? 1044 LEU A CG  1 
ATOM   616  C CD1 A LEU A 1 66  ? -2.152  13.150  9.193   0.14 23.41  ? 1044 LEU A CD1 1 
ATOM   617  C CD1 B LEU A 1 66  ? -0.767  12.366  7.869   0.23 18.86  ? 1044 LEU A CD1 1 
ATOM   618  C CD1 C LEU A 1 66  ? -2.152  13.150  9.193   0.14 23.41  ? 1044 LEU A CD1 1 
ATOM   619  C CD2 A LEU A 1 66  ? 0.163   12.246  8.841   0.14 20.57  ? 1044 LEU A CD2 1 
ATOM   620  C CD2 B LEU A 1 66  ? -1.569  13.163  10.114  0.23 20.15  ? 1044 LEU A CD2 1 
ATOM   621  C CD2 C LEU A 1 66  ? 0.163   12.246  8.841   0.14 20.57  ? 1044 LEU A CD2 1 
ATOM   622  N N   . THR A 1 67  ? -1.947  7.240   9.299   1.00 15.49  ? 1045 THR A N   1 
ATOM   623  C CA  . THR A 1 67  ? -2.466  6.023   9.942   1.00 14.99  ? 1045 THR A CA  1 
ATOM   624  C C   . THR A 1 67  ? -2.166  4.790   9.076   1.00 16.00  ? 1045 THR A C   1 
ATOM   625  O O   . THR A 1 67  ? -1.954  4.970   7.840   1.00 15.93  ? 1045 THR A O   1 
ATOM   626  C CB  . THR A 1 67  ? -3.961  6.043   10.178  1.00 17.51  ? 1045 THR A CB  1 
ATOM   627  O OG1 . THR A 1 67  ? -4.706  6.044   8.963   1.00 17.79  ? 1045 THR A OG1 1 
ATOM   628  C CG2 . THR A 1 67  ? -4.407  7.249   11.004  1.00 18.64  ? 1045 THR A CG2 1 
ATOM   629  N N   . VAL A 1 68  ? -2.185  3.622   9.676   1.00 15.31  ? 1046 VAL A N   1 
ATOM   630  C CA  . VAL A 1 68  ? -2.036  2.372   8.882   1.00 14.85  ? 1046 VAL A CA  1 
ATOM   631  C C   . VAL A 1 68  ? -3.288  2.229   8.019   1.00 16.71  ? 1046 VAL A C   1 
ATOM   632  O O   . VAL A 1 68  ? -3.172  1.687   6.900   1.00 16.52  ? 1046 VAL A O   1 
ATOM   633  C CB  . VAL A 1 68  ? -1.691  1.140   9.742   1.00 16.83  ? 1046 VAL A CB  1 
ATOM   634  C CG1 . VAL A 1 68  ? -1.490  -0.071  8.848   1.00 18.27  ? 1046 VAL A CG1 1 
ATOM   635  C CG2 . VAL A 1 68  ? -0.384  1.372   10.506  1.00 17.29  ? 1046 VAL A CG2 1 
ATOM   636  N N   . LYS A 1 69  ? -4.477  2.609   8.460   1.00 16.71  ? 1047 LYS A N   1 
ATOM   637  C CA  . LYS A 1 69  ? -5.698  2.568   7.625   1.00 18.69  ? 1047 LYS A CA  1 
ATOM   638  C C   . LYS A 1 69  ? -5.507  3.327   6.279   1.00 18.43  ? 1047 LYS A C   1 
ATOM   639  O O   . LYS A 1 69  ? -5.890  2.803   5.197   1.00 19.47  ? 1047 LYS A O   1 
ATOM   640  C CB  . LYS A 1 69  ? -6.873  3.109   8.461   1.00 23.38  ? 1047 LYS A CB  1 
ATOM   641  C CG  . LYS A 1 69  ? -8.185  3.132   7.720   1.00 33.48  ? 1047 LYS A CG  1 
ATOM   642  C CD  . LYS A 1 69  ? -9.385  3.330   8.684   1.00 44.80  ? 1047 LYS A CD  1 
ATOM   643  C CE  . LYS A 1 69  ? -9.869  2.015   9.284   1.00 58.96  ? 1047 LYS A CE  1 
ATOM   644  N NZ  . LYS A 1 69  ? -9.283  1.723   10.619  1.00 66.47  ? 1047 LYS A NZ  1 
ATOM   645  N N   A ASP A 1 70  ? -4.866  4.476   6.256   0.24 16.40  ? 1048 ASP A N   1 
ATOM   646  N N   B ASP A 1 70  ? -4.925  4.536   6.341   0.13 17.73  ? 1048 ASP A N   1 
ATOM   647  N N   C ASP A 1 70  ? -4.925  4.536   6.341   0.13 17.73  ? 1048 ASP A N   1 
ATOM   648  C CA  A ASP A 1 70  ? -4.682  5.225   4.984   0.24 16.56  ? 1048 ASP A CA  1 
ATOM   649  C CA  B ASP A 1 70  ? -4.511  5.370   5.169   0.13 17.90  ? 1048 ASP A CA  1 
ATOM   650  C CA  C ASP A 1 70  ? -4.511  5.370   5.169   0.13 17.90  ? 1048 ASP A CA  1 
ATOM   651  C C   A ASP A 1 70  ? -3.598  4.559   4.090   0.24 16.11  ? 1048 ASP A C   1 
ATOM   652  C C   B ASP A 1 70  ? -3.696  4.496   4.195   0.13 16.88  ? 1048 ASP A C   1 
ATOM   653  C C   C ASP A 1 70  ? -3.696  4.496   4.195   0.13 16.88  ? 1048 ASP A C   1 
ATOM   654  O O   A ASP A 1 70  ? -3.655  4.653   2.825   0.24 15.29  ? 1048 ASP A O   1 
ATOM   655  O O   B ASP A 1 70  ? -4.092  4.371   3.024   0.13 17.16  ? 1048 ASP A O   1 
ATOM   656  O O   C ASP A 1 70  ? -4.092  4.371   3.024   0.13 17.16  ? 1048 ASP A O   1 
ATOM   657  C CB  A ASP A 1 70  ? -4.449  6.694   5.327   0.24 17.73  ? 1048 ASP A CB  1 
ATOM   658  C CB  B ASP A 1 70  ? -3.661  6.604   5.552   0.13 19.35  ? 1048 ASP A CB  1 
ATOM   659  C CB  C ASP A 1 70  ? -3.661  6.604   5.552   0.13 19.35  ? 1048 ASP A CB  1 
ATOM   660  C CG  A ASP A 1 70  ? -5.683  7.475   5.775   0.24 19.02  ? 1048 ASP A CG  1 
ATOM   661  C CG  B ASP A 1 70  ? -4.378  7.835   6.121   0.13 20.77  ? 1048 ASP A CG  1 
ATOM   662  C CG  C ASP A 1 70  ? -4.378  7.835   6.121   0.13 20.77  ? 1048 ASP A CG  1 
ATOM   663  O OD1 A ASP A 1 70  ? -6.827  6.942   5.735   0.24 21.72  ? 1048 ASP A OD1 1 
ATOM   664  O OD1 B ASP A 1 70  ? -5.627  7.778   6.208   0.13 22.39  ? 1048 ASP A OD1 1 
ATOM   665  O OD1 C ASP A 1 70  ? -5.627  7.778   6.208   0.13 22.39  ? 1048 ASP A OD1 1 
ATOM   666  O OD2 A ASP A 1 70  ? -5.480  8.630   6.177   0.24 21.42  ? 1048 ASP A OD2 1 
ATOM   667  O OD2 B ASP A 1 70  ? -3.665  8.876   6.466   0.13 20.91  ? 1048 ASP A OD2 1 
ATOM   668  O OD2 C ASP A 1 70  ? -3.665  8.876   6.466   0.13 20.91  ? 1048 ASP A OD2 1 
ATOM   669  N N   . TYR A 1 71  ? -2.587  3.923   4.677   1.00 15.34  ? 1049 TYR A N   1 
ATOM   670  C CA  . TYR A 1 71  ? -1.636  3.092   3.899   1.00 14.34  ? 1049 TYR A CA  1 
ATOM   671  C C   . TYR A 1 71  ? -2.401  1.926   3.265   1.00 15.08  ? 1049 TYR A C   1 
ATOM   672  O O   . TYR A 1 71  ? -2.142  1.640   2.029   1.00 14.08  ? 1049 TYR A O   1 
ATOM   673  C CB  . TYR A 1 71  ? -0.524  2.598   4.849   1.00 14.05  ? 1049 TYR A CB  1 
ATOM   674  C CG  . TYR A 1 71  ? 0.398   1.548   4.282   1.00 13.10  ? 1049 TYR A CG  1 
ATOM   675  C CD1 . TYR A 1 71  ? 1.547   1.840   3.569   1.00 13.46  ? 1049 TYR A CD1 1 
ATOM   676  C CD2 . TYR A 1 71  ? 0.153   0.188   4.595   1.00 15.18  ? 1049 TYR A CD2 1 
ATOM   677  C CE1 . TYR A 1 71  ? 2.413   0.858   3.117   1.00 12.93  ? 1049 TYR A CE1 1 
ATOM   678  C CE2 . TYR A 1 71  ? 0.995   -0.825  4.135   1.00 13.53  ? 1049 TYR A CE2 1 
ATOM   679  C CZ  . TYR A 1 71  ? 2.125   -0.496  3.397   1.00 13.49  ? 1049 TYR A CZ  1 
ATOM   680  O OH  . TYR A 1 71  ? 3.037   -1.442  2.954   1.00 14.82  ? 1049 TYR A OH  1 
ATOM   681  N N   . LEU A 1 72  ? -3.225  1.209   4.011   1.00 15.48  ? 1050 LEU A N   1 
ATOM   682  C CA  . LEU A 1 72  ? -3.915  -0.007  3.476   1.00 15.51  ? 1050 LEU A CA  1 
ATOM   683  C C   . LEU A 1 72  ? -4.875  0.436   2.363   1.00 15.71  ? 1050 LEU A C   1 
ATOM   684  O O   . LEU A 1 72  ? -5.108  -0.413  1.420   1.00 16.91  ? 1050 LEU A O   1 
ATOM   685  C CB  . LEU A 1 72  ? -4.604  -0.788  4.569   1.00 15.51  ? 1050 LEU A CB  1 
ATOM   686  C CG  . LEU A 1 72  ? -3.657  -1.612  5.420   1.00 17.43  ? 1050 LEU A CG  1 
ATOM   687  C CD1 . LEU A 1 72  ? -4.409  -2.126  6.657   1.00 20.60  ? 1050 LEU A CD1 1 
ATOM   688  C CD2 . LEU A 1 72  ? -2.991  -2.760  4.684   1.00 20.54  ? 1050 LEU A CD2 1 
ATOM   689  N N   . ARG A 1 73  ? -5.397  1.658   2.350   1.00 15.06  ? 1051 ARG A N   1 
ATOM   690  C CA  . ARG A 1 73  ? -6.250  2.081   1.204   1.00 16.60  ? 1051 ARG A CA  1 
ATOM   691  C C   . ARG A 1 73  ? -5.405  1.996   -0.083  1.00 15.62  ? 1051 ARG A C   1 
ATOM   692  O O   . ARG A 1 73  ? -5.971  1.608   -1.179  1.00 15.67  ? 1051 ARG A O   1 
ATOM   693  C CB  . ARG A 1 73  ? -6.768  3.520   1.329   1.00 21.02  ? 1051 ARG A CB  1 
ATOM   694  C CG  . ARG A 1 73  ? -7.800  3.699   2.407   1.00 28.82  ? 1051 ARG A CG  1 
ATOM   695  C CD  . ARG A 1 73  ? -8.342  5.164   2.504   1.00 33.96  ? 1051 ARG A CD  1 
ATOM   696  N NE  . ARG A 1 73  ? -8.634  5.450   3.912   1.00 45.66  ? 1051 ARG A NE  1 
ATOM   697  C CZ  . ARG A 1 73  ? -9.809  5.230   4.499   1.00 60.85  ? 1051 ARG A CZ  1 
ATOM   698  N NH1 . ARG A 1 73  ? -10.844 4.801   3.791   1.00 70.48  ? 1051 ARG A NH1 1 
ATOM   699  N NH2 . ARG A 1 73  ? -9.970  5.501   5.781   1.00 70.31  ? 1051 ARG A NH2 1 
ATOM   700  N N   . ASP A 1 74  ? -4.129  2.365   -0.084  1.00 14.75  ? 1052 ASP A N   1 
ATOM   701  C CA  . ASP A 1 74  ? -3.269  2.325   -1.274  1.00 14.36  ? 1052 ASP A CA  1 
ATOM   702  C C   . ASP A 1 74  ? -2.935  0.834   -1.618  1.00 15.13  ? 1052 ASP A C   1 
ATOM   703  O O   . ASP A 1 74  ? -2.814  0.489   -2.835  1.00 14.82  ? 1052 ASP A O   1 
ATOM   704  C CB  . ASP A 1 74  ? -2.086  3.261   -1.227  1.00 14.57  ? 1052 ASP A CB  1 
ATOM   705  C CG  . ASP A 1 74  ? -2.429  4.706   -1.645  1.00 17.01  ? 1052 ASP A CG  1 
ATOM   706  O OD1 . ASP A 1 74  ? -3.464  4.878   -2.370  1.00 18.08  ? 1052 ASP A OD1 1 
ATOM   707  O OD2 . ASP A 1 74  ? -1.558  5.573   -1.422  1.00 15.80  ? 1052 ASP A OD2 1 
ATOM   708  N N   . ILE A 1 75  ? -2.646  -0.024  -0.634  1.00 14.45  ? 1053 ILE A N   1 
ATOM   709  C CA  . ILE A 1 75  ? -2.403  -1.481  -0.943  1.00 14.27  ? 1053 ILE A CA  1 
ATOM   710  C C   . ILE A 1 75  ? -3.702  -2.045  -1.546  1.00 15.11  ? 1053 ILE A C   1 
ATOM   711  O O   . ILE A 1 75  ? -3.589  -2.770  -2.609  1.00 14.32  ? 1053 ILE A O   1 
ATOM   712  C CB  . ILE A 1 75  ? -2.027  -2.240  0.341   1.00 16.12  ? 1053 ILE A CB  1 
ATOM   713  C CG1 . ILE A 1 75  ? -0.726  -1.716  0.977   1.00 16.47  ? 1053 ILE A CG1 1 
ATOM   714  C CG2 . ILE A 1 75  ? -1.964  -3.740  0.071   1.00 18.48  ? 1053 ILE A CG2 1 
ATOM   715  C CD1 . ILE A 1 75  ? 0.504   -1.708  0.118   1.00 18.79  ? 1053 ILE A CD1 1 
ATOM   716  N N   . ASP A 1 76  ? -4.877  -1.743  -1.026  1.00 14.35  ? 1054 ASP A N   1 
ATOM   717  C CA  . ASP A 1 76  ? -6.151  -2.204  -1.615  1.00 14.97  ? 1054 ASP A CA  1 
ATOM   718  C C   . ASP A 1 76  ? -6.293  -1.678  -3.052  1.00 16.22  ? 1054 ASP A C   1 
ATOM   719  O O   . ASP A 1 76  ? -6.855  -2.459  -3.883  1.00 16.31  ? 1054 ASP A O   1 
ATOM   720  C CB  . ASP A 1 76  ? -7.326  -1.859  -0.701  1.00 17.58  ? 1054 ASP A CB  1 
ATOM   721  C CG  . ASP A 1 76  ? -7.381  -2.814  0.500   1.00 19.82  ? 1054 ASP A CG  1 
ATOM   722  O OD1 . ASP A 1 76  ? -7.256  -4.037  0.269   1.00 25.77  ? 1054 ASP A OD1 1 
ATOM   723  O OD2 . ASP A 1 76  ? -7.792  -2.403  1.542   1.00 27.35  ? 1054 ASP A OD2 1 
ATOM   724  N N   . LEU A 1 77  ? -5.894  -0.452  -3.366  1.00 14.73  ? 1055 LEU A N   1 
ATOM   725  C CA  . LEU A 1 77  ? -5.986  0.106   -4.743  1.00 15.14  ? 1055 LEU A CA  1 
ATOM   726  C C   . LEU A 1 77  ? -5.045  -0.630  -5.703  1.00 16.67  ? 1055 LEU A C   1 
ATOM   727  O O   . LEU A 1 77  ? -5.453  -0.931  -6.890  1.00 15.44  ? 1055 LEU A O   1 
ATOM   728  C CB  . LEU A 1 77  ? -5.662  1.618   -4.645  1.00 15.48  ? 1055 LEU A CB  1 
ATOM   729  C CG  . LEU A 1 77  ? -5.717  2.428   -5.948  1.00 17.98  ? 1055 LEU A CG  1 
ATOM   730  C CD1 . LEU A 1 77  ? -7.110  2.425   -6.553  1.00 18.60  ? 1055 LEU A CD1 1 
ATOM   731  C CD2 . LEU A 1 77  ? -5.311  3.947   -5.659  1.00 17.08  ? 1055 LEU A CD2 1 
ATOM   732  N N   . ILE A 1 78  ? -3.833  -0.982  -5.264  1.00 15.00  ? 1056 ILE A N   1 
ATOM   733  C CA  . ILE A 1 78  ? -2.953  -1.827  -6.126  1.00 14.64  ? 1056 ILE A CA  1 
ATOM   734  C C   . ILE A 1 78  ? -3.690  -3.094  -6.546  1.00 15.45  ? 1056 ILE A C   1 
ATOM   735  O O   . ILE A 1 78  ? -3.675  -3.461  -7.785  1.00 15.84  ? 1056 ILE A O   1 
ATOM   736  C CB  . ILE A 1 78  ? -1.606  -2.134  -5.438  1.00 15.21  ? 1056 ILE A CB  1 
ATOM   737  C CG1 . ILE A 1 78  ? -0.784  -0.880  -5.186  1.00 15.23  ? 1056 ILE A CG1 1 
ATOM   738  C CG2 . ILE A 1 78  ? -0.776  -3.116  -6.293  1.00 16.78  ? 1056 ILE A CG2 1 
ATOM   739  C CD1 . ILE A 1 78  ? 0.454   -1.073  -4.342  1.00 16.06  ? 1056 ILE A CD1 1 
ATOM   740  N N   A CYS A 1 79  ? -4.280  -3.790  -5.580  0.15 15.25  ? 1057 CYS A N   1 
ATOM   741  N N   B CYS A 1 79  ? -4.382  -3.763  -5.624  0.18 14.37  ? 1057 CYS A N   1 
ATOM   742  N N   C CYS A 1 79  ? -4.280  -3.790  -5.580  0.15 15.25  ? 1057 CYS A N   1 
ATOM   743  C CA  A CYS A 1 79  ? -4.988  -5.081  -5.784  0.15 16.02  ? 1057 CYS A CA  1 
ATOM   744  C CA  B CYS A 1 79  ? -5.003  -5.115  -5.812  0.18 14.71  ? 1057 CYS A CA  1 
ATOM   745  C CA  C CYS A 1 79  ? -4.988  -5.081  -5.784  0.15 16.02  ? 1057 CYS A CA  1 
ATOM   746  C C   A CYS A 1 79  ? -6.214  -4.852  -6.680  0.15 17.35  ? 1057 CYS A C   1 
ATOM   747  C C   B CYS A 1 79  ? -6.386  -5.003  -6.513  0.18 15.78  ? 1057 CYS A C   1 
ATOM   748  C C   C CYS A 1 79  ? -6.214  -4.852  -6.680  0.15 17.35  ? 1057 CYS A C   1 
ATOM   749  O O   A CYS A 1 79  ? -6.294  -5.510  -7.751  0.15 16.32  ? 1057 CYS A O   1 
ATOM   750  O O   B CYS A 1 79  ? -6.829  -5.867  -7.319  0.18 12.64  ? 1057 CYS A O   1 
ATOM   751  O O   C CYS A 1 79  ? -6.294  -5.510  -7.751  0.15 16.32  ? 1057 CYS A O   1 
ATOM   752  C CB  A CYS A 1 79  ? -5.377  -5.707  -4.456  0.15 16.41  ? 1057 CYS A CB  1 
ATOM   753  C CB  B CYS A 1 79  ? -5.097  -5.811  -4.460  0.18 14.68  ? 1057 CYS A CB  1 
ATOM   754  C CB  C CYS A 1 79  ? -5.377  -5.707  -4.456  0.15 16.41  ? 1057 CYS A CB  1 
ATOM   755  S SG  A CYS A 1 79  ? -6.226  -7.299  -4.652  0.15 17.28  ? 1057 CYS A SG  1 
ATOM   756  S SG  B CYS A 1 79  ? -3.552  -6.010  -3.524  0.18 16.69  ? 1057 CYS A SG  1 
ATOM   757  S SG  C CYS A 1 79  ? -6.226  -7.299  -4.652  0.15 17.28  ? 1057 CYS A SG  1 
ATOM   758  N N   . SER A 1 80  ? -7.095  -3.906  -6.316  1.00 15.98  ? 1058 SER A N   1 
ATOM   759  C CA  . SER A 1 80  ? -8.379  -3.711  -7.056  1.00 16.66  ? 1058 SER A CA  1 
ATOM   760  C C   . SER A 1 80  ? -8.044  -3.290  -8.491  1.00 17.20  ? 1058 SER A C   1 
ATOM   761  O O   . SER A 1 80  ? -8.740  -3.759  -9.482  1.00 17.27  ? 1058 SER A O   1 
ATOM   762  C CB  . SER A 1 80  ? -9.326  -2.781  -6.311  1.00 19.52  ? 1058 SER A CB  1 
ATOM   763  O OG  . SER A 1 80  ? -8.828  -1.479  -6.279  1.00 22.47  ? 1058 SER A OG  1 
ATOM   764  N N   . ASN A 1 81  ? -7.058  -2.494  -8.785  1.00 15.40  ? 1059 ASN A N   1 
ATOM   765  C CA  . ASN A 1 81  ? -6.642  -2.042  -10.131 1.00 14.19  ? 1059 ASN A CA  1 
ATOM   766  C C   . ASN A 1 81  ? -6.291  -3.314  -10.966 1.00 16.79  ? 1059 ASN A C   1 
ATOM   767  O O   . ASN A 1 81  ? -6.697  -3.463  -12.128 1.00 18.53  ? 1059 ASN A O   1 
ATOM   768  C CB  . ASN A 1 81  ? -5.513  -1.035  -10.177 1.00 15.20  ? 1059 ASN A CB  1 
ATOM   769  C CG  . ASN A 1 81  ? -5.886  0.394   -9.715  1.00 14.65  ? 1059 ASN A CG  1 
ATOM   770  O OD1 . ASN A 1 81  ? -7.068  0.701   -9.666  1.00 17.21  ? 1059 ASN A OD1 1 
ATOM   771  N ND2 . ASN A 1 81  ? -4.834  1.206   -9.461  1.00 16.38  ? 1059 ASN A ND2 1 
ATOM   772  N N   . ALA A 1 82  ? -5.514  -4.248  -10.386 1.00 16.05  ? 1060 ALA A N   1 
ATOM   773  C CA  . ALA A 1 82  ? -5.112  -5.465  -11.128 1.00 17.51  ? 1060 ALA A CA  1 
ATOM   774  C C   . ALA A 1 82  ? -6.338  -6.348  -11.343 1.00 17.51  ? 1060 ALA A C   1 
ATOM   775  O O   . ALA A 1 82  ? -6.407  -6.955  -12.490 1.00 19.12  ? 1060 ALA A O   1 
ATOM   776  C CB  . ALA A 1 82  ? -4.037  -6.197  -10.336 1.00 17.51  ? 1060 ALA A CB  1 
ATOM   777  N N   . LEU A 1 83  ? -7.270  -6.535  -10.443 1.00 17.38  ? 1061 LEU A N   1 
ATOM   778  C CA  . LEU A 1 83  ? -8.478  -7.353  -10.627 1.00 17.97  ? 1061 LEU A CA  1 
ATOM   779  C C   . LEU A 1 83  ? -9.330  -6.766  -11.759 1.00 22.32  ? 1061 LEU A C   1 
ATOM   780  O O   . LEU A 1 83  ? -9.881  -7.526  -12.579 1.00 22.88  ? 1061 LEU A O   1 
ATOM   781  C CB  . LEU A 1 83  ? -9.273  -7.544  -9.373  1.00 19.17  ? 1061 LEU A CB  1 
ATOM   782  C CG  . LEU A 1 83  ? -8.533  -8.101  -8.154  1.00 23.07  ? 1061 LEU A CG  1 
ATOM   783  C CD1 . LEU A 1 83  ? -9.503  -8.224  -7.002  1.00 24.31  ? 1061 LEU A CD1 1 
ATOM   784  C CD2 . LEU A 1 83  ? -7.880  -9.445  -8.386  1.00 25.25  ? 1061 LEU A CD2 1 
ATOM   785  N N   . GLU A 1 84  ? -9.414  -5.441  -11.849 0.48 20.05  ? 1062 GLU A N   1 
ATOM   786  C CA  . GLU A 1 84  ? -10.331 -4.774  -12.814 0.48 21.33  ? 1062 GLU A CA  1 
ATOM   787  C C   . GLU A 1 84  ? -9.704  -4.765  -14.212 0.48 20.57  ? 1062 GLU A C   1 
ATOM   788  O O   . GLU A 1 84  ? -10.459 -4.927  -15.203 0.48 21.59  ? 1062 GLU A O   1 
ATOM   789  C CB  . GLU A 1 84  ? -10.691 -3.375  -12.298 0.48 22.92  ? 1062 GLU A CB  1 
ATOM   790  C CG  . GLU A 1 84  ? -11.561 -3.411  -11.059 0.48 25.31  ? 1062 GLU A CG  1 
ATOM   791  C CD  . GLU A 1 84  ? -11.618 -2.130  -10.230 0.48 27.92  ? 1062 GLU A CD  1 
ATOM   792  O OE1 . GLU A 1 84  ? -11.150 -1.079  -10.713 0.48 27.65  ? 1062 GLU A OE1 1 
ATOM   793  O OE2 . GLU A 1 84  ? -12.152 -2.191  -9.100  0.48 30.97  ? 1062 GLU A OE2 1 
ATOM   794  N N   . TYR A 1 85  ? -8.396  -4.566  -14.330 1.00 19.64  ? 1063 TYR A N   1 
ATOM   795  C CA  . TYR A 1 85  ? -7.727  -4.472  -15.632 1.00 20.17  ? 1063 TYR A CA  1 
ATOM   796  C C   . TYR A 1 85  ? -7.609  -5.898  -16.260 1.00 21.88  ? 1063 TYR A C   1 
ATOM   797  O O   . TYR A 1 85  ? -7.407  -5.959  -17.530 1.00 22.24  ? 1063 TYR A O   1 
ATOM   798  C CB  . TYR A 1 85  ? -6.397  -3.753  -15.614 1.00 21.09  ? 1063 TYR A CB  1 
ATOM   799  C CG  . TYR A 1 85  ? -5.878  -3.410  -16.983 1.00 24.89  ? 1063 TYR A CG  1 
ATOM   800  C CD1 . TYR A 1 85  ? -6.502  -2.395  -17.694 1.00 25.65  ? 1063 TYR A CD1 1 
ATOM   801  C CD2 . TYR A 1 85  ? -4.787  -4.040  -17.543 1.00 26.40  ? 1063 TYR A CD2 1 
ATOM   802  C CE1 . TYR A 1 85  ? -6.073  -2.089  -18.989 1.00 27.88  ? 1063 TYR A CE1 1 
ATOM   803  C CE2 . TYR A 1 85  ? -4.352  -3.762  -18.840 1.00 30.01  ? 1063 TYR A CE2 1 
ATOM   804  C CZ  . TYR A 1 85  ? -4.991  -2.753  -19.540 1.00 34.12  ? 1063 TYR A CZ  1 
ATOM   805  O OH  . TYR A 1 85  ? -4.557  -2.403  -20.803 1.00 40.28  ? 1063 TYR A OH  1 
ATOM   806  N N   . ASN A 1 86  ? -7.492  -6.917  -15.428 1.00 19.48  ? 1064 ASN A N   1 
ATOM   807  C CA  . ASN A 1 86  ? -7.150  -8.314  -15.947 1.00 20.08  ? 1064 ASN A CA  1 
ATOM   808  C C   . ASN A 1 86  ? -8.246  -9.269  -15.565 1.00 18.91  ? 1064 ASN A C   1 
ATOM   809  O O   . ASN A 1 86  ? -8.036  -10.159 -14.675 1.00 19.65  ? 1064 ASN A O   1 
ATOM   810  C CB  . ASN A 1 86  ? -5.758  -8.716  -15.431 1.00 19.37  ? 1064 ASN A CB  1 
ATOM   811  C CG  . ASN A 1 86  ? -4.650  -7.770  -15.795 1.00 20.62  ? 1064 ASN A CG  1 
ATOM   812  O OD1 . ASN A 1 86  ? -4.072  -7.755  -16.857 1.00 26.44  ? 1064 ASN A OD1 1 
ATOM   813  N ND2 . ASN A 1 86  ? -4.280  -6.935  -14.796 1.00 21.61  ? 1064 ASN A ND2 1 
ATOM   814  N N   . PRO A 1 87  ? -9.530  -9.162  -16.029 1.00 20.13  ? 1065 PRO A N   1 
ATOM   815  C CA  . PRO A 1 87  ? -10.665 -9.922  -15.524 1.00 18.78  ? 1065 PRO A CA  1 
ATOM   816  C C   . PRO A 1 87  ? -11.059 -11.266 -16.217 1.00 17.65  ? 1065 PRO A C   1 
ATOM   817  O O   . PRO A 1 87  ? -12.024 -11.874 -15.768 1.00 22.78  ? 1065 PRO A O   1 
ATOM   818  C CB  . PRO A 1 87  ? -11.830 -8.939  -15.772 1.00 22.63  ? 1065 PRO A CB  1 
ATOM   819  C CG  . PRO A 1 87  ? -11.415 -8.283  -17.009 1.00 20.99  ? 1065 PRO A CG  1 
ATOM   820  C CD  . PRO A 1 87  ? -9.945  -8.122  -17.013 1.00 22.34  ? 1065 PRO A CD  1 
ATOM   821  N N   . ASP A 1 88  ? -10.228 -11.628 -17.182 1.00 21.34  ? 1066 ASP A N   1 
ATOM   822  C CA  . ASP A 1 88  ? -10.601 -12.716 -18.161 1.00 20.95  ? 1066 ASP A CA  1 
ATOM   823  C C   . ASP A 1 88  ? -10.236 -14.119 -17.603 1.00 22.27  ? 1066 ASP A C   1 
ATOM   824  O O   . ASP A 1 88  ? -9.456  -14.268 -16.601 1.00 20.02  ? 1066 ASP A O   1 
ATOM   825  C CB  . ASP A 1 88  ? -9.952  -12.419 -19.508 1.00 22.28  ? 1066 ASP A CB  1 
ATOM   826  C CG  . ASP A 1 88  ? -10.523 -11.212 -20.271 1.00 24.18  ? 1066 ASP A CG  1 
ATOM   827  O OD1 . ASP A 1 88  ? -11.602 -10.663 -19.822 1.00 26.55  ? 1066 ASP A OD1 1 
ATOM   828  O OD2 . ASP A 1 88  ? -9.848  -10.838 -21.277 1.00 30.69  ? 1066 ASP A OD2 1 
ATOM   829  N N   . ARG A 1 89  ? -10.634 -15.193 -18.322 1.00 21.23  ? 1067 ARG A N   1 
ATOM   830  C CA  . ARG A 1 89  ? -10.417 -16.597 -17.847 1.00 20.92  ? 1067 ARG A CA  1 
ATOM   831  C C   . ARG A 1 89  ? -9.042  -17.116 -18.283 1.00 19.96  ? 1067 ARG A C   1 
ATOM   832  O O   . ARG A 1 89  ? -8.693  -18.201 -17.770 1.00 21.11  ? 1067 ARG A O   1 
ATOM   833  C CB  . ARG A 1 89  ? -11.547 -17.587 -18.249 1.00 23.81  ? 1067 ARG A CB  1 
ATOM   834  C CG  . ARG A 1 89  ? -11.629 -18.013 -19.724 1.00 29.57  ? 1067 ARG A CG  1 
ATOM   835  C CD  . ARG A 1 89  ? -10.893 -19.327 -20.174 1.00 22.54  ? 1067 ARG A CD  1 
ATOM   836  N NE  . ARG A 1 89  ? -11.033 -20.381 -19.190 1.00 24.63  ? 1067 ARG A NE  1 
ATOM   837  C CZ  . ARG A 1 89  ? -10.045 -21.337 -19.060 1.00 23.77  ? 1067 ARG A CZ  1 
ATOM   838  N NH1 . ARG A 1 89  ? -10.128 -22.358 -18.183 1.00 19.02  ? 1067 ARG A NH1 1 
ATOM   839  N NH2 . ARG A 1 89  ? -9.009  -21.184 -19.864 1.00 20.81  ? 1067 ARG A NH2 1 
ATOM   840  N N   . ASP A 1 90  ? -8.348  -16.455 -19.131 1.00 20.40  ? 1068 ASP A N   1 
ATOM   841  C CA  . ASP A 1 90  ? -7.103  -17.016 -19.634 1.00 23.99  ? 1068 ASP A CA  1 
ATOM   842  C C   . ASP A 1 90  ? -6.017  -16.998 -18.546 1.00 23.46  ? 1068 ASP A C   1 
ATOM   843  O O   . ASP A 1 90  ? -6.111  -16.265 -17.547 1.00 21.86  ? 1068 ASP A O   1 
ATOM   844  C CB  . ASP A 1 90  ? -6.553  -16.279 -20.797 1.00 24.93  ? 1068 ASP A CB  1 
ATOM   845  C CG  . ASP A 1 90  ? -6.229  -14.857 -20.502 1.00 29.63  ? 1068 ASP A CG  1 
ATOM   846  O OD1 . ASP A 1 90  ? -7.171  -14.060 -20.641 1.00 43.62  ? 1068 ASP A OD1 1 
ATOM   847  O OD2 . ASP A 1 90  ? -5.065  -14.588 -20.131 1.00 37.46  ? 1068 ASP A OD2 1 
ATOM   848  N N   . PRO A 1 91  ? -5.049  -17.888 -18.685 1.00 19.71  ? 1069 PRO A N   1 
ATOM   849  C CA  . PRO A 1 91  ? -4.043  -18.110 -17.663 1.00 18.68  ? 1069 PRO A CA  1 
ATOM   850  C C   . PRO A 1 91  ? -3.305  -16.812 -17.288 1.00 18.10  ? 1069 PRO A C   1 
ATOM   851  O O   . PRO A 1 91  ? -2.892  -16.715 -16.093 1.00 17.28  ? 1069 PRO A O   1 
ATOM   852  C CB  . PRO A 1 91  ? -3.110  -19.189 -18.221 1.00 20.26  ? 1069 PRO A CB  1 
ATOM   853  C CG  . PRO A 1 91  ? -4.005  -19.928 -19.202 1.00 24.89  ? 1069 PRO A CG  1 
ATOM   854  C CD  . PRO A 1 91  ? -4.903  -18.883 -19.805 1.00 21.25  ? 1069 PRO A CD  1 
ATOM   855  N N   . GLY A 1 92  ? -2.946  -15.921 -18.205 1.00 17.69  ? 1070 GLY A N   1 
ATOM   856  C CA  . GLY A 1 92  ? -2.144  -14.741 -17.860 1.00 18.62  ? 1070 GLY A CA  1 
ATOM   857  C C   . GLY A 1 92  ? -2.984  -13.866 -16.923 1.00 18.53  ? 1070 GLY A C   1 
ATOM   858  O O   . GLY A 1 92  ? -2.441  -13.384 -15.830 1.00 18.24  ? 1070 GLY A O   1 
ATOM   859  N N   . ASP A 1 93  ? -4.261  -13.666 -17.167 1.00 18.63  ? 1071 ASP A N   1 
ATOM   860  C CA  . ASP A 1 93  ? -5.133  -12.840 -16.268 1.00 17.81  ? 1071 ASP A CA  1 
ATOM   861  C C   . ASP A 1 93  ? -5.293  -13.544 -14.944 1.00 18.14  ? 1071 ASP A C   1 
ATOM   862  O O   . ASP A 1 93  ? -5.204  -12.897 -13.816 1.00 18.00  ? 1071 ASP A O   1 
ATOM   863  C CB  . ASP A 1 93  ? -6.482  -12.465 -16.849 1.00 19.56  ? 1071 ASP A CB  1 
ATOM   864  C CG  . ASP A 1 93  ? -6.408  -11.405 -17.974 1.00 19.74  ? 1071 ASP A CG  1 
ATOM   865  O OD1 . ASP A 1 93  ? -5.329  -11.078 -18.481 1.00 24.22  ? 1071 ASP A OD1 1 
ATOM   866  O OD2 . ASP A 1 93  ? -7.528  -10.791 -18.195 1.00 21.95  ? 1071 ASP A OD2 1 
ATOM   867  N N   . ARG A 1 94  ? -5.570  -14.838 -14.889 1.00 16.81  ? 1072 ARG A N   1 
ATOM   868  C CA  . ARG A 1 94  ? -5.763  -15.573 -13.644 1.00 17.71  ? 1072 ARG A CA  1 
ATOM   869  C C   . ARG A 1 94  ? -4.465  -15.520 -12.768 1.00 15.33  ? 1072 ARG A C   1 
ATOM   870  O O   . ARG A 1 94  ? -4.640  -15.444 -11.528 1.00 17.42  ? 1072 ARG A O   1 
ATOM   871  C CB  . ARG A 1 94  ? -6.263  -17.027 -13.847 1.00 17.26  ? 1072 ARG A CB  1 
ATOM   872  C CG  . ARG A 1 94  ? -7.700  -17.062 -14.344 1.00 21.01  ? 1072 ARG A CG  1 
ATOM   873  C CD  . ARG A 1 94  ? -8.257  -18.492 -14.532 1.00 23.37  ? 1072 ARG A CD  1 
ATOM   874  N NE  . ARG A 1 94  ? -9.733  -18.550 -14.746 1.00 29.06  ? 1072 ARG A NE  1 
ATOM   875  C CZ  . ARG A 1 94  ? -10.453 -19.685 -15.013 1.00 42.06  ? 1072 ARG A CZ  1 
ATOM   876  N NH1 . ARG A 1 94  ? -9.847  -20.859 -15.085 1.00 43.72  ? 1072 ARG A NH1 1 
ATOM   877  N NH2 . ARG A 1 94  ? -11.786 -19.663 -15.133 1.00 36.19  ? 1072 ARG A NH2 1 
ATOM   878  N N   . LEU A 1 95  ? -3.312  -15.585 -13.351 1.00 15.56  ? 1073 LEU A N   1 
ATOM   879  C CA  . LEU A 1 95  ? -2.039  -15.561 -12.594 1.00 15.22  ? 1073 LEU A CA  1 
ATOM   880  C C   . LEU A 1 95  ? -1.878  -14.179 -11.930 1.00 16.52  ? 1073 LEU A C   1 
ATOM   881  O O   . LEU A 1 95  ? -1.567  -14.130 -10.714 1.00 16.10  ? 1073 LEU A O   1 
ATOM   882  C CB  . LEU A 1 95  ? -0.847  -15.925 -13.431 1.00 14.72  ? 1073 LEU A CB  1 
ATOM   883  C CG  . LEU A 1 95  ? 0.536   -15.887 -12.779 1.00 15.75  ? 1073 LEU A CG  1 
ATOM   884  C CD1 . LEU A 1 95  ? 0.645   -16.869 -11.629 1.00 17.56  ? 1073 LEU A CD1 1 
ATOM   885  C CD2 . LEU A 1 95  ? 1.617   -16.130 -13.806 1.00 18.30  ? 1073 LEU A CD2 1 
ATOM   886  N N   A ILE A 1 96  ? -2.102  -13.091 -12.677 0.15 16.50  ? 1074 ILE A N   1 
ATOM   887  N N   B ILE A 1 96  ? -2.121  -13.076 -12.640 0.18 15.16  ? 1074 ILE A N   1 
ATOM   888  N N   C ILE A 1 96  ? -2.102  -13.091 -12.677 0.15 16.50  ? 1074 ILE A N   1 
ATOM   889  C CA  A ILE A 1 96  ? -2.002  -11.702 -12.125 0.15 17.03  ? 1074 ILE A CA  1 
ATOM   890  C CA  B ILE A 1 96  ? -1.944  -11.745 -11.982 0.18 14.66  ? 1074 ILE A CA  1 
ATOM   891  C CA  C ILE A 1 96  ? -2.002  -11.702 -12.125 0.15 17.03  ? 1074 ILE A CA  1 
ATOM   892  C C   A ILE A 1 96  ? -2.983  -11.551 -10.951 0.15 16.91  ? 1074 ILE A C   1 
ATOM   893  C C   B ILE A 1 96  ? -3.014  -11.573 -10.886 0.18 15.29  ? 1074 ILE A C   1 
ATOM   894  C C   C ILE A 1 96  ? -2.983  -11.551 -10.951 0.15 16.91  ? 1074 ILE A C   1 
ATOM   895  O O   A ILE A 1 96  ? -2.561  -10.955 -9.921  0.15 17.49  ? 1074 ILE A O   1 
ATOM   896  O O   B ILE A 1 96  ? -2.695  -11.011 -9.794  0.18 14.55  ? 1074 ILE A O   1 
ATOM   897  O O   C ILE A 1 96  ? -2.561  -10.955 -9.921  0.15 17.49  ? 1074 ILE A O   1 
ATOM   898  C CB  A ILE A 1 96  ? -2.221  -10.638 -13.221 0.15 17.63  ? 1074 ILE A CB  1 
ATOM   899  C CB  B ILE A 1 96  ? -1.906  -10.592 -13.009 0.18 14.26  ? 1074 ILE A CB  1 
ATOM   900  C CB  C ILE A 1 96  ? -2.221  -10.638 -13.221 0.15 17.63  ? 1074 ILE A CB  1 
ATOM   901  C CG1 A ILE A 1 96  ? -1.051  -10.611 -14.209 0.15 18.48  ? 1074 ILE A CG1 1 
ATOM   902  C CG1 B ILE A 1 96  ? -1.325  -9.332  -12.351 0.18 14.02  ? 1074 ILE A CG1 1 
ATOM   903  C CG1 C ILE A 1 96  ? -1.051  -10.611 -14.209 0.15 18.48  ? 1074 ILE A CG1 1 
ATOM   904  C CG2 A ILE A 1 96  ? -2.467  -9.260  -12.600 0.15 17.66  ? 1074 ILE A CG2 1 
ATOM   905  C CG2 B ILE A 1 96  ? -3.292  -10.337 -13.605 0.18 14.38  ? 1074 ILE A CG2 1 
ATOM   906  C CG2 C ILE A 1 96  ? -2.467  -9.260  -12.600 0.15 17.66  ? 1074 ILE A CG2 1 
ATOM   907  C CD1 A ILE A 1 96  ? -1.346  -9.919  -15.535 0.15 19.95  ? 1074 ILE A CD1 1 
ATOM   908  C CD1 B ILE A 1 96  ? -1.001  -8.248  -13.295 0.18 14.70  ? 1074 ILE A CD1 1 
ATOM   909  C CD1 C ILE A 1 96  ? -1.346  -9.919  -15.535 0.15 19.95  ? 1074 ILE A CD1 1 
ATOM   910  N N   . ARG A 1 97  ? -4.231  -12.054 -11.053 0.48 16.76  ? 1075 ARG A N   1 
ATOM   911  C CA  . ARG A 1 97  ? -5.312  -11.893 -10.031 0.48 16.42  ? 1075 ARG A CA  1 
ATOM   912  C C   . ARG A 1 97  ? -5.025  -12.711 -8.751  0.48 15.94  ? 1075 ARG A C   1 
ATOM   913  O O   . ARG A 1 97  ? -5.312  -12.220 -7.627  0.48 15.21  ? 1075 ARG A O   1 
ATOM   914  C CB  . ARG A 1 97  ? -6.690  -12.284 -10.571 0.48 17.18  ? 1075 ARG A CB  1 
ATOM   915  C CG  . ARG A 1 97  ? -7.214  -11.389 -11.687 0.48 17.89  ? 1075 ARG A CG  1 
ATOM   916  C CD  . ARG A 1 97  ? -8.728  -11.311 -11.714 0.48 18.79  ? 1075 ARG A CD  1 
ATOM   917  N NE  . ARG A 1 97  ? -9.433  -12.599 -11.704 0.48 17.91  ? 1075 ARG A NE  1 
ATOM   918  C CZ  . ARG A 1 97  ? -9.693  -13.353 -12.785 0.48 18.11  ? 1075 ARG A CZ  1 
ATOM   919  N NH1 . ARG A 1 97  ? -9.309  -12.953 -13.987 0.48 17.06  ? 1075 ARG A NH1 1 
ATOM   920  N NH2 . ARG A 1 97  ? -10.343 -14.501 -12.658 0.48 18.75  ? 1075 ARG A NH2 1 
ATOM   921  N N   . HIS A 1 98  ? -4.551  -13.961 -8.865  0.48 14.55  ? 1076 HIS A N   1 
ATOM   922  C CA  . HIS A 1 98  ? -4.183  -14.781 -7.681  0.48 14.16  ? 1076 HIS A CA  1 
ATOM   923  C C   . HIS A 1 98  ? -3.069  -14.062 -6.898  0.48 14.03  ? 1076 HIS A C   1 
ATOM   924  O O   . HIS A 1 98  ? -3.140  -14.037 -5.651  0.48 13.89  ? 1076 HIS A O   1 
ATOM   925  C CB  . HIS A 1 98  ? -3.784  -16.193 -8.139  0.48 14.17  ? 1076 HIS A CB  1 
ATOM   926  C CG  . HIS A 1 98  ? -3.653  -17.188 -7.038  0.48 14.41  ? 1076 HIS A CG  1 
ATOM   927  N ND1 . HIS A 1 98  ? -2.432  -17.523 -6.486  0.48 14.53  ? 1076 HIS A ND1 1 
ATOM   928  C CD2 . HIS A 1 98  ? -4.569  -17.969 -6.425  0.48 14.10  ? 1076 HIS A CD2 1 
ATOM   929  C CE1 . HIS A 1 98  ? -2.611  -18.446 -5.553  0.48 15.11  ? 1076 HIS A CE1 1 
ATOM   930  N NE2 . HIS A 1 98  ? -3.920  -18.742 -5.504  0.48 14.13  ? 1076 HIS A NE2 1 
ATOM   931  N N   . ARG A 1 99  ? -2.092  -13.483 -7.609  0.48 13.35  ? 1077 ARG A N   1 
ATOM   932  C CA  . ARG A 1 99  ? -0.948  -12.746 -7.010  0.48 13.57  ? 1077 ARG A CA  1 
ATOM   933  C C   . ARG A 1 99  ? -1.406  -11.405 -6.428  0.48 13.81  ? 1077 ARG A C   1 
ATOM   934  O O   . ARG A 1 99  ? -1.032  -11.131 -5.259  0.48 13.07  ? 1077 ARG A O   1 
ATOM   935  C CB  . ARG A 1 99  ? 0.160   -12.491 -8.032  0.48 14.39  ? 1077 ARG A CB  1 
ATOM   936  C CG  . ARG A 1 99  ? 0.894   -13.750 -8.482  0.48 14.49  ? 1077 ARG A CG  1 
ATOM   937  C CD  . ARG A 1 99  ? 1.747   -13.451 -9.692  0.48 15.08  ? 1077 ARG A CD  1 
ATOM   938  N NE  . ARG A 1 99  ? 2.710   -14.496 -9.994  0.48 15.43  ? 1077 ARG A NE  1 
ATOM   939  C CZ  . ARG A 1 99  ? 3.528   -14.494 -11.041 0.48 16.53  ? 1077 ARG A CZ  1 
ATOM   940  N NH1 . ARG A 1 99  ? 3.485   -13.513 -11.927 0.48 17.15  ? 1077 ARG A NH1 1 
ATOM   941  N NH2 . ARG A 1 99  ? 4.354   -15.513 -11.233 0.48 18.60  ? 1077 ARG A NH2 1 
ATOM   942  N N   . ALA A 1 100 ? -2.041  -10.532 -7.229  0.48 13.61  ? 1078 ALA A N   1 
ATOM   943  C CA  . ALA A 1 100 ? -2.589  -9.265  -6.686  0.48 14.35  ? 1078 ALA A CA  1 
ATOM   944  C C   . ALA A 1 100 ? -3.283  -9.596  -5.360  0.48 14.36  ? 1078 ALA A C   1 
ATOM   945  O O   . ALA A 1 100 ? -3.031  -8.839  -4.373  0.48 14.91  ? 1078 ALA A O   1 
ATOM   946  C CB  . ALA A 1 100 ? -3.523  -8.607  -7.673  0.48 14.55  ? 1078 ALA A CB  1 
ATOM   947  N N   . CYS A 1 101 ? -4.090  -10.676 -5.324  0.48 14.66  ? 1079 CYS A N   1 
ATOM   948  C CA  . CYS A 1 101 ? -4.783  -11.248 -4.129  0.48 15.57  ? 1079 CYS A CA  1 
ATOM   949  C C   . CYS A 1 101 ? -3.723  -11.573 -3.053  0.48 15.15  ? 1079 CYS A C   1 
ATOM   950  O O   . CYS A 1 101 ? -3.926  -11.216 -1.864  0.48 15.60  ? 1079 CYS A O   1 
ATOM   951  C CB  . CYS A 1 101 ? -5.607  -12.506 -4.449  0.48 16.78  ? 1079 CYS A CB  1 
ATOM   952  S SG  . CYS A 1 101 ? -7.368  -12.300 -4.908  0.48 20.44  ? 1079 CYS A SG  1 
ATOM   953  N N   . ALA A 1 102 ? -2.609  -12.217 -3.417  0.48 15.12  ? 1080 ALA A N   1 
ATOM   954  C CA  . ALA A 1 102 ? -1.581  -12.667 -2.440  0.48 15.91  ? 1080 ALA A CA  1 
ATOM   955  C C   . ALA A 1 102 ? -0.909  -11.441 -1.803  0.48 15.93  ? 1080 ALA A C   1 
ATOM   956  O O   . ALA A 1 102 ? -0.521  -11.492 -0.609  0.48 17.41  ? 1080 ALA A O   1 
ATOM   957  C CB  . ALA A 1 102 ? -0.584  -13.603 -3.089  0.48 15.90  ? 1080 ALA A CB  1 
ATOM   958  N N   . LEU A 1 103 ? -0.792  -10.365 -2.572  1.00 16.18  ? 1081 LEU A N   1 
ATOM   959  C CA  . LEU A 1 103 ? -0.154  -9.092  -2.104  1.00 15.80  ? 1081 LEU A CA  1 
ATOM   960  C C   . LEU A 1 103 ? -1.071  -8.496  -1.032  1.00 16.89  ? 1081 LEU A C   1 
ATOM   961  O O   . LEU A 1 103 ? -0.551  -8.169  0.116   1.00 15.34  ? 1081 LEU A O   1 
ATOM   962  C CB  . LEU A 1 103 ? 0.052   -8.120  -3.270  1.00 16.08  ? 1081 LEU A CB  1 
ATOM   963  C CG  . LEU A 1 103 ? 0.441   -6.712  -2.834  1.00 18.98  ? 1081 LEU A CG  1 
ATOM   964  C CD1 . LEU A 1 103 ? 1.845   -6.724  -2.399  1.00 22.90  ? 1081 LEU A CD1 1 
ATOM   965  C CD2 . LEU A 1 103 ? 0.246   -5.722  -3.988  1.00 23.61  ? 1081 LEU A CD2 1 
ATOM   966  N N   . ARG A 1 104 ? -2.357  -8.394  -1.253  1.00 15.10  ? 1082 ARG A N   1 
ATOM   967  C CA  . ARG A 1 104 ? -3.327  -7.838  -0.290  1.00 15.53  ? 1082 ARG A CA  1 
ATOM   968  C C   . ARG A 1 104 ? -3.311  -8.666  0.982   1.00 16.57  ? 1082 ARG A C   1 
ATOM   969  O O   . ARG A 1 104 ? -3.159  -8.120  2.141   1.00 16.11  ? 1082 ARG A O   1 
ATOM   970  C CB  . ARG A 1 104 ? -4.715  -7.765  -0.939  1.00 17.36  ? 1082 ARG A CB  1 
ATOM   971  C CG  . ARG A 1 104 ? -5.873  -7.323  -0.024  1.00 20.87  ? 1082 ARG A CG  1 
ATOM   972  C CD  . ARG A 1 104 ? -7.238  -7.792  -0.684  1.00 26.52  ? 1082 ARG A CD  1 
ATOM   973  N NE  . ARG A 1 104 ? -7.313  -9.302  -0.695  1.00 28.95  ? 1082 ARG A NE  1 
ATOM   974  C CZ  . ARG A 1 104 ? -8.061  -10.059 -1.516  1.00 28.57  ? 1082 ARG A CZ  1 
ATOM   975  N NH1 . ARG A 1 104 ? -8.006  -11.372 -1.389  1.00 30.21  ? 1082 ARG A NH1 1 
ATOM   976  N NH2 . ARG A 1 104 ? -8.806  -9.486  -2.452  1.00 31.18  ? 1082 ARG A NH2 1 
ATOM   977  N N   . ASP A 1 105 ? -3.502  -9.992  0.867   1.00 16.67  ? 1083 ASP A N   1 
ATOM   978  C CA  . ASP A 1 105 ? -3.605  -10.869 2.035   1.00 16.95  ? 1083 ASP A CA  1 
ATOM   979  C C   . ASP A 1 105 ? -2.289  -10.849 2.848   1.00 16.68  ? 1083 ASP A C   1 
ATOM   980  O O   . ASP A 1 105 ? -2.371  -10.914 4.132   1.00 17.11  ? 1083 ASP A O   1 
ATOM   981  C CB  . ASP A 1 105 ? -3.994  -12.280 1.607   1.00 18.94  ? 1083 ASP A CB  1 
ATOM   982  C CG  . ASP A 1 105 ? -5.407  -12.376 1.036   1.00 22.09  ? 1083 ASP A CG  1 
ATOM   983  O OD1 . ASP A 1 105 ? -6.225  -11.423 1.119   1.00 23.84  ? 1083 ASP A OD1 1 
ATOM   984  O OD2 . ASP A 1 105 ? -5.635  -13.452 0.380   1.00 27.63  ? 1083 ASP A OD2 1 
ATOM   985  N N   . THR A 1 106 ? -1.143  -10.827 2.181   1.00 14.44  ? 1084 THR A N   1 
ATOM   986  C CA  . THR A 1 106 ? 0.169   -10.827 2.869   1.00 15.60  ? 1084 THR A CA  1 
ATOM   987  C C   . THR A 1 106 ? 0.301   -9.495  3.663   1.00 16.26  ? 1084 THR A C   1 
ATOM   988  O O   . THR A 1 106 ? 0.757   -9.513  4.869   1.00 16.42  ? 1084 THR A O   1 
ATOM   989  C CB  . THR A 1 106 ? 1.330   -11.052 1.897   1.00 17.04  ? 1084 THR A CB  1 
ATOM   990  O OG1 . THR A 1 106 ? 1.132   -12.353 1.269   1.00 18.97  ? 1084 THR A OG1 1 
ATOM   991  C CG2 . THR A 1 106 ? 2.684   -11.010 2.559   1.00 17.36  ? 1084 THR A CG2 1 
ATOM   992  N N   . ALA A 1 107 ? -0.024  -8.352  3.064   1.00 15.68  ? 1085 ALA A N   1 
ATOM   993  C CA  . ALA A 1 107 ? 0.088   -7.056  3.772   1.00 14.09  ? 1085 ALA A CA  1 
ATOM   994  C C   . ALA A 1 107 ? -0.803  -7.113  5.001   1.00 15.50  ? 1085 ALA A C   1 
ATOM   995  O O   . ALA A 1 107 ? -0.368  -6.675  6.128   1.00 14.65  ? 1085 ALA A O   1 
ATOM   996  C CB  . ALA A 1 107 ? -0.307  -5.930  2.835   1.00 14.34  ? 1085 ALA A CB  1 
ATOM   997  N N   . TYR A 1 108 ? -2.055  -7.506  4.876   1.00 14.56  ? 1086 TYR A N   1 
ATOM   998  C CA  . TYR A 1 108 ? -2.966  -7.544  6.036   1.00 14.57  ? 1086 TYR A CA  1 
ATOM   999  C C   . TYR A 1 108 ? -2.452  -8.539  7.079   1.00 16.64  ? 1086 TYR A C   1 
ATOM   1000 O O   . TYR A 1 108 ? -2.610  -8.199  8.276   1.00 16.91  ? 1086 TYR A O   1 
ATOM   1001 C CB  . TYR A 1 108 ? -4.423  -7.874  5.629   1.00 16.19  ? 1086 TYR A CB  1 
ATOM   1002 C CG  . TYR A 1 108 ? -5.244  -6.721  5.146   1.00 16.01  ? 1086 TYR A CG  1 
ATOM   1003 C CD1 . TYR A 1 108 ? -5.145  -6.208  3.869   1.00 17.29  ? 1086 TYR A CD1 1 
ATOM   1004 C CD2 . TYR A 1 108 ? -6.111  -6.036  5.992   1.00 19.08  ? 1086 TYR A CD2 1 
ATOM   1005 C CE1 . TYR A 1 108 ? -5.952  -5.150  3.426   1.00 18.45  ? 1086 TYR A CE1 1 
ATOM   1006 C CE2 . TYR A 1 108 ? -6.885  -4.967  5.596   1.00 20.49  ? 1086 TYR A CE2 1 
ATOM   1007 C CZ  . TYR A 1 108 ? -6.827  -4.526  4.292   1.00 20.32  ? 1086 TYR A CZ  1 
ATOM   1008 O OH  . TYR A 1 108 ? -7.609  -3.446  3.869   1.00 21.85  ? 1086 TYR A OH  1 
ATOM   1009 N N   . ALA A 1 109 ? -1.858  -9.665  6.715   1.00 15.28  ? 1087 ALA A N   1 
ATOM   1010 C CA  . ALA A 1 109 ? -1.402  -10.635 7.727   1.00 16.55  ? 1087 ALA A CA  1 
ATOM   1011 C C   . ALA A 1 109 ? -0.174  -10.094 8.487   1.00 16.37  ? 1087 ALA A C   1 
ATOM   1012 O O   . ALA A 1 109 ? -0.095  -10.308 9.766   1.00 17.44  ? 1087 ALA A O   1 
ATOM   1013 C CB  . ALA A 1 109 ? -1.129  -11.962 7.068   1.00 18.31  ? 1087 ALA A CB  1 
ATOM   1014 N N   . ILE A 1 110 ? 0.747   -9.400  7.833   1.00 15.50  ? 1088 ILE A N   1 
ATOM   1015 C CA  . ILE A 1 110 ? 1.924   -8.808  8.547   1.00 13.69  ? 1088 ILE A CA  1 
ATOM   1016 C C   . ILE A 1 110 ? 1.380   -7.767  9.515   1.00 15.05  ? 1088 ILE A C   1 
ATOM   1017 O O   . ILE A 1 110 ? 1.845   -7.747  10.688  1.00 15.98  ? 1088 ILE A O   1 
ATOM   1018 C CB  . ILE A 1 110 ? 2.897   -8.193  7.558   1.00 14.71  ? 1088 ILE A CB  1 
ATOM   1019 C CG1 . ILE A 1 110 ? 3.572   -9.251  6.692   1.00 15.94  ? 1088 ILE A CG1 1 
ATOM   1020 C CG2 . ILE A 1 110 ? 3.935   -7.313  8.272   1.00 16.02  ? 1088 ILE A CG2 1 
ATOM   1021 C CD1 . ILE A 1 110 ? 4.439   -8.720  5.553   1.00 18.80  ? 1088 ILE A CD1 1 
ATOM   1022 N N   . ILE A 1 111 ? 0.484   -6.907  9.094   1.00 15.29  ? 1089 ILE A N   1 
ATOM   1023 C CA  . ILE A 1 111 ? -0.083  -5.851  9.977   1.00 15.81  ? 1089 ILE A CA  1 
ATOM   1024 C C   . ILE A 1 111 ? -0.843  -6.477  11.149  1.00 17.82  ? 1089 ILE A C   1 
ATOM   1025 O O   . ILE A 1 111 ? -0.693  -6.044  12.341  1.00 17.31  ? 1089 ILE A O   1 
ATOM   1026 C CB  . ILE A 1 111 ? -0.860  -4.830  9.124   1.00 17.11  ? 1089 ILE A CB  1 
ATOM   1027 C CG1 . ILE A 1 111 ? 0.169   -3.996  8.311   1.00 19.02  ? 1089 ILE A CG1 1 
ATOM   1028 C CG2 . ILE A 1 111 ? -1.841  -4.041  9.972   1.00 22.09  ? 1089 ILE A CG2 1 
ATOM   1029 C CD1 . ILE A 1 111 ? -0.430  -3.225  7.157   1.00 25.11  ? 1089 ILE A CD1 1 
ATOM   1030 N N   . LYS A 1 112 ? -1.632  -7.529  10.948  1.00 17.21  ? 1090 LYS A N   1 
ATOM   1031 C CA  . LYS A 1 112 ? -2.379  -8.160  12.060  1.00 20.14  ? 1090 LYS A CA  1 
ATOM   1032 C C   . LYS A 1 112 ? -1.362  -8.682  13.092  1.00 19.56  ? 1090 LYS A C   1 
ATOM   1033 O O   . LYS A 1 112 ? -1.666  -8.468  14.323  1.00 22.95  ? 1090 LYS A O   1 
ATOM   1034 C CB  . LYS A 1 112 ? -3.234  -9.328  11.515  1.00 24.45  ? 1090 LYS A CB  1 
ATOM   1035 C CG  . LYS A 1 112 ? -4.109  -9.947  12.628  1.00 29.26  ? 1090 LYS A CG  1 
ATOM   1036 C CD  . LYS A 1 112 ? -5.061  -11.004 12.133  1.00 38.81  ? 1090 LYS A CD  1 
ATOM   1037 C CE  . LYS A 1 112 ? -6.096  -11.360 13.201  1.00 46.51  ? 1090 LYS A CE  1 
ATOM   1038 N NZ  . LYS A 1 112 ? -6.408  -12.799 13.083  1.00 53.47  ? 1090 LYS A NZ  1 
ATOM   1039 N N   . GLU A 1 113 ? -0.249  -9.277  12.724  1.00 17.93  ? 1091 GLU A N   1 
ATOM   1040 C CA  . GLU A 1 113 ? 0.749   -9.856  13.650  1.00 19.22  ? 1091 GLU A CA  1 
ATOM   1041 C C   . GLU A 1 113 ? 1.563   -8.738  14.304  1.00 23.64  ? 1091 GLU A C   1 
ATOM   1042 O O   . GLU A 1 113 ? 1.982   -8.933  15.490  1.00 27.74  ? 1091 GLU A O   1 
ATOM   1043 C CB  . GLU A 1 113 ? 1.717   -10.842 13.011  1.00 26.77  ? 1091 GLU A CB  1 
ATOM   1044 C CG  . GLU A 1 113 ? 1.213   -12.203 12.559  1.00 41.49  ? 1091 GLU A CG  1 
ATOM   1045 C CD  . GLU A 1 113 ? 2.273   -13.331 12.473  1.00 53.62  ? 1091 GLU A CD  1 
ATOM   1046 O OE1 . GLU A 1 113 ? 3.462   -13.113 11.977  1.00 46.83  ? 1091 GLU A OE1 1 
ATOM   1047 O OE2 . GLU A 1 113 ? 1.921   -14.473 12.881  1.00 54.47  ? 1091 GLU A OE2 1 
ATOM   1048 N N   . GLU A 1 114 ? 1.941   -7.673  13.603  1.00 15.37  ? 1092 GLU A N   1 
ATOM   1049 C CA  . GLU A 1 114 ? 3.087   -6.788  14.024  1.00 16.24  ? 1092 GLU A CA  1 
ATOM   1050 C C   . GLU A 1 114 ? 2.606   -5.387  14.396  1.00 16.20  ? 1092 GLU A C   1 
ATOM   1051 O O   . GLU A 1 114 ? 3.460   -4.655  14.965  1.00 18.84  ? 1092 GLU A O   1 
ATOM   1052 C CB  . GLU A 1 114 ? 4.165   -6.735  12.930  1.00 15.13  ? 1092 GLU A CB  1 
ATOM   1053 C CG  . GLU A 1 114 ? 4.742   -8.119  12.573  1.00 16.55  ? 1092 GLU A CG  1 
ATOM   1054 C CD  . GLU A 1 114 ? 5.803   -8.152  11.525  1.00 16.52  ? 1092 GLU A CD  1 
ATOM   1055 O OE1 . GLU A 1 114 ? 6.523   -7.168  11.270  1.00 18.43  ? 1092 GLU A OE1 1 
ATOM   1056 O OE2 . GLU A 1 114 ? 5.925   -9.276  10.851  1.00 17.97  ? 1092 GLU A OE2 1 
ATOM   1057 N N   . LEU A 1 115 ? 1.433   -4.923  14.059  1.00 15.80  ? 1093 LEU A N   1 
ATOM   1058 C CA  . LEU A 1 115 ? 0.912   -3.581  14.472  1.00 16.04  ? 1093 LEU A CA  1 
ATOM   1059 C C   . LEU A 1 115 ? 0.217   -3.710  15.841  1.00 17.42  ? 1093 LEU A C   1 
ATOM   1060 O O   . LEU A 1 115 ? -0.737  -4.432  15.962  1.00 19.49  ? 1093 LEU A O   1 
ATOM   1061 C CB  . LEU A 1 115 ? -0.079  -3.059  13.422  1.00 17.68  ? 1093 LEU A CB  1 
ATOM   1062 C CG  . LEU A 1 115 ? -0.892  -1.786  13.747  1.00 20.35  ? 1093 LEU A CG  1 
ATOM   1063 C CD1 . LEU A 1 115 ? 0.080   -0.655  13.959  1.00 18.75  ? 1093 LEU A CD1 1 
ATOM   1064 C CD2 . LEU A 1 115 ? -1.959  -1.446  12.703  1.00 20.02  ? 1093 LEU A CD2 1 
ATOM   1065 N N   . ASP A 1 116 ? 0.605   -2.879  16.830  1.00 16.79  ? 1094 ASP A N   1 
ATOM   1066 C CA  . ASP A 1 116 ? -0.131  -2.794  18.096  1.00 18.16  ? 1094 ASP A CA  1 
ATOM   1067 C C   . ASP A 1 116 ? -1.392  -1.961  17.863  1.00 17.95  ? 1094 ASP A C   1 
ATOM   1068 O O   . ASP A 1 116 ? -1.298  -0.835  17.382  1.00 16.73  ? 1094 ASP A O   1 
ATOM   1069 C CB  . ASP A 1 116 ? 0.815   -2.172  19.122  1.00 18.80  ? 1094 ASP A CB  1 
ATOM   1070 C CG  . ASP A 1 116 ? 0.216   -2.223  20.535  1.00 23.98  ? 1094 ASP A CG  1 
ATOM   1071 O OD1 . ASP A 1 116 ? -0.877  -1.705  20.717  1.00 27.29  ? 1094 ASP A OD1 1 
ATOM   1072 O OD2 . ASP A 1 116 ? 0.858   -2.787  21.464  1.00 24.32  ? 1094 ASP A OD2 1 
ATOM   1073 N N   A GLU A 1 117 ? -2.564  -2.494  18.224  0.15 19.03  ? 1095 GLU A N   1 
ATOM   1074 N N   B GLU A 1 117 ? -2.561  -2.493  18.245  0.19 18.08  ? 1095 GLU A N   1 
ATOM   1075 N N   C GLU A 1 117 ? -2.564  -2.494  18.224  0.15 19.03  ? 1095 GLU A N   1 
ATOM   1076 C CA  A GLU A 1 117 ? -3.869  -1.807  18.039  0.15 20.39  ? 1095 GLU A CA  1 
ATOM   1077 C CA  B GLU A 1 117 ? -3.873  -1.827  18.044  0.19 18.76  ? 1095 GLU A CA  1 
ATOM   1078 C CA  C GLU A 1 117 ? -3.869  -1.807  18.039  0.15 20.39  ? 1095 GLU A CA  1 
ATOM   1079 C C   A GLU A 1 117 ? -3.861  -0.446  18.756  0.15 18.13  ? 1095 GLU A C   1 
ATOM   1080 C C   B GLU A 1 117 ? -3.905  -0.474  18.777  0.19 17.15  ? 1095 GLU A C   1 
ATOM   1081 C C   C GLU A 1 117 ? -3.861  -0.446  18.756  0.15 18.13  ? 1095 GLU A C   1 
ATOM   1082 O O   A GLU A 1 117 ? -4.469  0.511   18.228  0.15 18.10  ? 1095 GLU A O   1 
ATOM   1083 O O   B GLU A 1 117 ? -4.603  0.444   18.284  0.19 17.43  ? 1095 GLU A O   1 
ATOM   1084 O O   C GLU A 1 117 ? -4.469  0.511   18.228  0.15 18.10  ? 1095 GLU A O   1 
ATOM   1085 C CB  A GLU A 1 117 ? -5.021  -2.707  18.506  0.15 24.34  ? 1095 GLU A CB  1 
ATOM   1086 C CB  B GLU A 1 117 ? -5.038  -2.759  18.428  0.19 21.36  ? 1095 GLU A CB  1 
ATOM   1087 C CB  C GLU A 1 117 ? -5.021  -2.707  18.506  0.15 24.34  ? 1095 GLU A CB  1 
ATOM   1088 C CG  A GLU A 1 117 ? -5.325  -3.842  17.542  0.15 28.36  ? 1095 GLU A CG  1 
ATOM   1089 C CG  B GLU A 1 117 ? -5.106  -3.130  19.902  0.19 23.79  ? 1095 GLU A CG  1 
ATOM   1090 C CG  C GLU A 1 117 ? -5.325  -3.842  17.542  0.15 28.36  ? 1095 GLU A CG  1 
ATOM   1091 C CD  A GLU A 1 117 ? -6.498  -4.735  17.931  0.15 33.67  ? 1095 GLU A CD  1 
ATOM   1092 C CD  B GLU A 1 117 ? -6.184  -4.145  20.279  0.19 27.36  ? 1095 GLU A CD  1 
ATOM   1093 C CD  C GLU A 1 117 ? -6.498  -4.735  17.931  0.15 33.67  ? 1095 GLU A CD  1 
ATOM   1094 O OE1 A GLU A 1 117 ? -7.482  -4.215  18.518  0.15 34.66  ? 1095 GLU A OE1 1 
ATOM   1095 O OE1 B GLU A 1 117 ? -6.628  -4.902  19.398  0.19 29.00  ? 1095 GLU A OE1 1 
ATOM   1096 O OE1 C GLU A 1 117 ? -7.482  -4.215  18.518  0.15 34.66  ? 1095 GLU A OE1 1 
ATOM   1097 O OE2 A GLU A 1 117 ? -6.428  -5.955  17.647  0.15 38.18  ? 1095 GLU A OE2 1 
ATOM   1098 O OE2 B GLU A 1 117 ? -6.562  -4.197  21.459  0.19 30.82  ? 1095 GLU A OE2 1 
ATOM   1099 O OE2 C GLU A 1 117 ? -6.428  -5.955  17.647  0.15 38.18  ? 1095 GLU A OE2 1 
ATOM   1100 N N   . ASP A 1 118 ? -3.220  -0.349  19.924  1.00 18.03  ? 1096 ASP A N   1 
ATOM   1101 C CA  . ASP A 1 118 ? -3.205  0.948   20.658  1.00 17.44  ? 1096 ASP A CA  1 
ATOM   1102 C C   . ASP A 1 118 ? -2.323  1.991   19.954  1.00 16.41  ? 1096 ASP A C   1 
ATOM   1103 O O   . ASP A 1 118 ? -2.525  3.212   20.120  1.00 16.27  ? 1096 ASP A O   1 
ATOM   1104 C CB  . ASP A 1 118 ? -2.824  0.760   22.120  1.00 18.60  ? 1096 ASP A CB  1 
ATOM   1105 C CG  . ASP A 1 118 ? -3.889  0.026   22.951  1.00 22.88  ? 1096 ASP A CG  1 
ATOM   1106 O OD1 . ASP A 1 118 ? -5.054  0.009   22.582  1.00 24.04  ? 1096 ASP A OD1 1 
ATOM   1107 O OD2 . ASP A 1 118 ? -3.446  -0.636  23.856  1.00 30.96  ? 1096 ASP A OD2 1 
ATOM   1108 N N   . PHE A 1 119 ? -1.263  1.547   19.263  1.00 16.55  ? 1097 PHE A N   1 
ATOM   1109 C CA  . PHE A 1 119 ? -0.435  2.456   18.429  1.00 14.39  ? 1097 PHE A CA  1 
ATOM   1110 C C   . PHE A 1 119 ? -1.289  3.005   17.283  1.00 15.24  ? 1097 PHE A C   1 
ATOM   1111 O O   . PHE A 1 119 ? -1.288  4.269   17.066  1.00 15.68  ? 1097 PHE A O   1 
ATOM   1112 C CB  . PHE A 1 119 ? 0.822   1.734   17.901  1.00 14.67  ? 1097 PHE A CB  1 
ATOM   1113 C CG  . PHE A 1 119 ? 1.709   2.629   17.077  1.00 14.29  ? 1097 PHE A CG  1 
ATOM   1114 C CD1 . PHE A 1 119 ? 2.682   3.437   17.665  1.00 15.77  ? 1097 PHE A CD1 1 
ATOM   1115 C CD2 . PHE A 1 119 ? 1.551   2.741   15.686  1.00 15.05  ? 1097 PHE A CD2 1 
ATOM   1116 C CE1 . PHE A 1 119 ? 3.440   4.323   16.936  1.00 17.40  ? 1097 PHE A CE1 1 
ATOM   1117 C CE2 . PHE A 1 119 ? 2.364   3.616   14.968  1.00 15.26  ? 1097 PHE A CE2 1 
ATOM   1118 C CZ  . PHE A 1 119 ? 3.300   4.389   15.576  1.00 15.39  ? 1097 PHE A CZ  1 
ATOM   1119 N N   . GLU A 1 120 ? -2.014  2.148   16.570  1.00 15.65  ? 1098 GLU A N   1 
ATOM   1120 C CA  . GLU A 1 120 ? -2.892  2.635   15.499  1.00 15.99  ? 1098 GLU A CA  1 
ATOM   1121 C C   . GLU A 1 120 ? -3.935  3.621   16.079  1.00 16.40  ? 1098 GLU A C   1 
ATOM   1122 O O   . GLU A 1 120 ? -4.267  4.596   15.432  1.00 16.34  ? 1098 GLU A O   1 
ATOM   1123 C CB  . GLU A 1 120 ? -3.556  1.454   14.776  1.00 17.18  ? 1098 GLU A CB  1 
ATOM   1124 C CG  . GLU A 1 120 ? -4.563  1.857   13.728  1.00 18.64  ? 1098 GLU A CG  1 
ATOM   1125 C CD  . GLU A 1 120 ? -4.068  2.590   12.463  1.00 20.64  ? 1098 GLU A CD  1 
ATOM   1126 O OE1 . GLU A 1 120 ? -2.877  2.862   12.350  1.00 20.22  ? 1098 GLU A OE1 1 
ATOM   1127 O OE2 . GLU A 1 120 ? -4.953  2.990   11.637  1.00 23.08  ? 1098 GLU A OE2 1 
ATOM   1128 N N   . GLN A 1 121 ? -4.594  3.268   17.211  1.00 16.28  ? 1099 GLN A N   1 
ATOM   1129 C CA  . GLN A 1 121 ? -5.666  4.149   17.793  1.00 17.33  ? 1099 GLN A CA  1 
ATOM   1130 C C   . GLN A 1 121 ? -5.080  5.518   18.158  1.00 17.42  ? 1099 GLN A C   1 
ATOM   1131 O O   . GLN A 1 121 ? -5.713  6.544   17.900  1.00 17.90  ? 1099 GLN A O   1 
ATOM   1132 C CB  . GLN A 1 121 ? -6.296  3.443   18.976  1.00 19.24  ? 1099 GLN A CB  1 
ATOM   1133 C CG  . GLN A 1 121 ? -7.462  4.235   19.574  1.00 20.51  ? 1099 GLN A CG  1 
ATOM   1134 C CD  . GLN A 1 121 ? -8.634  4.274   18.638  1.00 26.27  ? 1099 GLN A CD  1 
ATOM   1135 O OE1 . GLN A 1 121 ? -8.826  3.323   17.854  1.00 28.96  ? 1099 GLN A OE1 1 
ATOM   1136 N NE2 . GLN A 1 121 ? -9.361  5.404   18.667  1.00 25.98  ? 1099 GLN A NE2 1 
ATOM   1137 N N   . LEU A 1 122 ? -3.840  5.575   18.689  1.00 15.10  ? 1100 LEU A N   1 
ATOM   1138 C CA  . LEU A 1 122 ? -3.147  6.833   18.966  1.00 15.50  ? 1100 LEU A CA  1 
ATOM   1139 C C   . LEU A 1 122 ? -3.017  7.665   17.664  1.00 18.17  ? 1100 LEU A C   1 
ATOM   1140 O O   . LEU A 1 122 ? -3.275  8.880   17.674  1.00 17.81  ? 1100 LEU A O   1 
ATOM   1141 C CB  . LEU A 1 122 ? -1.826  6.621   19.715  1.00 15.36  ? 1100 LEU A CB  1 
ATOM   1142 C CG  . LEU A 1 122 ? -1.010  7.876   19.929  1.00 15.28  ? 1100 LEU A CG  1 
ATOM   1143 C CD1 . LEU A 1 122 ? -1.741  8.915   20.856  1.00 17.87  ? 1100 LEU A CD1 1 
ATOM   1144 C CD2 . LEU A 1 122 ? 0.349   7.554   20.518  1.00 16.86  ? 1100 LEU A CD2 1 
ATOM   1145 N N   . CYS A 1 123 ? -2.489  7.046   16.585  1.00 15.79  ? 1101 CYS A N   1 
ATOM   1146 C CA  . CYS A 1 123 ? -2.332  7.786   15.312  1.00 16.59  ? 1101 CYS A CA  1 
ATOM   1147 C C   . CYS A 1 123 ? -3.707  8.337   14.890  1.00 18.57  ? 1101 CYS A C   1 
ATOM   1148 O O   . CYS A 1 123 ? -3.732  9.459   14.445  1.00 17.58  ? 1101 CYS A O   1 
ATOM   1149 C CB  . CYS A 1 123 ? -1.764  6.838   14.250  1.00 16.08  ? 1101 CYS A CB  1 
ATOM   1150 S SG  . CYS A 1 123 ? -0.044  6.325   14.445  1.00 16.97  ? 1101 CYS A SG  1 
ATOM   1151 N N   . GLU A 1 124 ? -4.765  7.554   14.960  1.00 17.02  ? 1102 GLU A N   1 
ATOM   1152 C CA  . GLU A 1 124 ? -6.132  7.951   14.528  1.00 18.37  ? 1102 GLU A CA  1 
ATOM   1153 C C   . GLU A 1 124 ? -6.558  9.159   15.379  1.00 22.24  ? 1102 GLU A C   1 
ATOM   1154 O O   . GLU A 1 124 ? -7.116  10.158  14.815  1.00 23.07  ? 1102 GLU A O   1 
ATOM   1155 C CB  . GLU A 1 124 ? -7.101  6.769   14.548  1.00 19.71  ? 1102 GLU A CB  1 
ATOM   1156 C CG  . GLU A 1 124 ? -6.810  5.705   13.471  1.00 27.48  ? 1102 GLU A CG  1 
ATOM   1157 C CD  . GLU A 1 124 ? -7.707  4.458   13.316  1.00 36.24  ? 1102 GLU A CD  1 
ATOM   1158 O OE1 . GLU A 1 124 ? -8.804  4.541   13.888  1.00 38.87  ? 1102 GLU A OE1 1 
ATOM   1159 O OE2 . GLU A 1 124 ? -7.324  3.345   12.621  1.00 28.09  ? 1102 GLU A OE2 1 
ATOM   1160 N N   . GLU A 1 125 ? -6.293  9.150   16.697  1.00 19.30  ? 1103 GLU A N   1 
ATOM   1161 C CA  . GLU A 1 125 ? -6.770  10.269  17.552  1.00 19.25  ? 1103 GLU A CA  1 
ATOM   1162 C C   . GLU A 1 125 ? -5.948  11.507  17.305  1.00 22.05  ? 1103 GLU A C   1 
ATOM   1163 O O   . GLU A 1 125 ? -6.581  12.651  17.319  1.00 23.38  ? 1103 GLU A O   1 
ATOM   1164 C CB  . GLU A 1 125 ? -6.831  9.772   19.019  1.00 17.84  ? 1103 GLU A CB  1 
ATOM   1165 C CG  . GLU A 1 125 ? -7.938  8.796   19.277  1.00 18.48  ? 1103 GLU A CG  1 
ATOM   1166 C CD  . GLU A 1 125 ? -8.221  8.225   20.685  1.00 19.41  ? 1103 GLU A CD  1 
ATOM   1167 O OE1 . GLU A 1 125 ? -7.573  8.708   21.657  1.00 20.12  ? 1103 GLU A OE1 1 
ATOM   1168 O OE2 . GLU A 1 125 ? -9.064  7.296   20.775  1.00 22.19  ? 1103 GLU A OE2 1 
ATOM   1169 N N   . ILE A 1 126 ? -4.641  11.459  17.071  1.00 19.35  ? 1104 ILE A N   1 
ATOM   1170 C CA  . ILE A 1 126 ? -3.849  12.638  16.700  1.00 20.24  ? 1104 ILE A CA  1 
ATOM   1171 C C   . ILE A 1 126 ? -4.418  13.166  15.354  1.00 25.31  ? 1104 ILE A C   1 
ATOM   1172 O O   . ILE A 1 126 ? -4.659  14.379  15.272  1.00 25.43  ? 1104 ILE A O   1 
ATOM   1173 C CB  . ILE A 1 126 ? -2.344  12.325  16.580  1.00 19.62  ? 1104 ILE A CB  1 
ATOM   1174 C CG1 . ILE A 1 126 ? -1.775  11.718  17.860  1.00 19.31  ? 1104 ILE A CG1 1 
ATOM   1175 C CG2 . ILE A 1 126 ? -1.621  13.580  16.162  1.00 21.07  ? 1104 ILE A CG2 1 
ATOM   1176 C CD1 . ILE A 1 126 ? -0.407  11.095  17.709  1.00 20.14  ? 1104 ILE A CD1 1 
ATOM   1177 N N   . GLN A 1 127 ? -4.606  12.316  14.330  1.00 24.15  ? 1105 GLN A N   1 
ATOM   1178 C CA  . GLN A 1 127 ? -5.131  12.781  12.980  1.00 25.36  ? 1105 GLN A CA  1 
ATOM   1179 C C   . GLN A 1 127 ? -6.480  13.532  13.171  1.00 29.79  ? 1105 GLN A C   1 
ATOM   1180 O O   . GLN A 1 127 ? -6.649  14.628  12.582  1.00 28.67  ? 1105 GLN A O   1 
ATOM   1181 C CB  . GLN A 1 127 ? -5.220  11.585  12.017  1.00 24.88  ? 1105 GLN A CB  1 
ATOM   1182 C CG  . GLN A 1 127 ? -5.903  11.834  10.634  1.00 26.90  ? 1105 GLN A CG  1 
ATOM   1183 C CD  . GLN A 1 127 ? -6.105  10.552  9.845   1.00 27.52  ? 1105 GLN A CD  1 
ATOM   1184 O OE1 . GLN A 1 127 ? -6.830  9.597   10.242  1.00 31.88  ? 1105 GLN A OE1 1 
ATOM   1185 N NE2 . GLN A 1 127 ? -5.516  10.534  8.634   1.00 28.71  ? 1105 GLN A NE2 1 
ATOM   1186 N N   A GLU A 1 128 ? -7.413  12.948  13.930  0.15 28.98  ? 1106 GLU A N   1 
ATOM   1187 N N   B GLU A 1 128 ? -7.391  12.964  13.976  0.20 26.98  ? 1106 GLU A N   1 
ATOM   1188 N N   C GLU A 1 128 ? -7.413  12.948  13.930  0.15 28.98  ? 1106 GLU A N   1 
ATOM   1189 C CA  A GLU A 1 128 ? -8.765  13.524  14.199  0.15 31.11  ? 1106 GLU A CA  1 
ATOM   1190 C CA  B GLU A 1 128 ? -8.774  13.487  14.211  0.20 28.78  ? 1106 GLU A CA  1 
ATOM   1191 C CA  C GLU A 1 128 ? -8.765  13.524  14.199  0.15 31.11  ? 1106 GLU A CA  1 
ATOM   1192 C C   A GLU A 1 128 ? -8.622  14.931  14.800  0.15 31.57  ? 1106 GLU A C   1 
ATOM   1193 C C   B GLU A 1 128 ? -8.749  14.810  14.989  0.20 30.71  ? 1106 GLU A C   1 
ATOM   1194 C C   C GLU A 1 128 ? -8.622  14.931  14.800  0.15 31.57  ? 1106 GLU A C   1 
ATOM   1195 O O   A GLU A 1 128 ? -9.393  15.852  14.398  0.15 30.80  ? 1106 GLU A O   1 
ATOM   1196 O O   B GLU A 1 128 ? -9.809  15.503  14.962  0.20 32.67  ? 1106 GLU A O   1 
ATOM   1197 O O   C GLU A 1 128 ? -9.393  15.852  14.398  0.15 30.80  ? 1106 GLU A O   1 
ATOM   1198 C CB  A GLU A 1 128 ? -9.554  12.574  15.101  0.15 33.04  ? 1106 GLU A CB  1 
ATOM   1199 C CB  B GLU A 1 128 ? -9.638  12.488  14.983  0.20 28.68  ? 1106 GLU A CB  1 
ATOM   1200 C CB  C GLU A 1 128 ? -9.554  12.574  15.101  0.15 33.04  ? 1106 GLU A CB  1 
ATOM   1201 C CG  A GLU A 1 128 ? -10.389 11.581  14.314  0.15 36.03  ? 1106 GLU A CG  1 
ATOM   1202 C CG  B GLU A 1 128 ? -10.995 13.055  15.389  0.20 30.31  ? 1106 GLU A CG  1 
ATOM   1203 C CG  C GLU A 1 128 ? -10.389 11.581  14.314  0.15 36.03  ? 1106 GLU A CG  1 
ATOM   1204 C CD  A GLU A 1 128 ? -10.554 10.199  14.925  0.15 40.75  ? 1106 GLU A CD  1 
ATOM   1205 C CD  B GLU A 1 128 ? -11.856 13.504  14.220  0.20 32.94  ? 1106 GLU A CD  1 
ATOM   1206 C CD  C GLU A 1 128 ? -10.554 10.199  14.925  0.15 40.75  ? 1106 GLU A CD  1 
ATOM   1207 O OE1 A GLU A 1 128 ? -10.437 10.066  16.165  0.15 41.86  ? 1106 GLU A OE1 1 
ATOM   1208 O OE1 B GLU A 1 128 ? -12.627 14.478  14.385  0.20 34.24  ? 1106 GLU A OE1 1 
ATOM   1209 O OE1 C GLU A 1 128 ? -10.437 10.066  16.165  0.15 41.86  ? 1106 GLU A OE1 1 
ATOM   1210 O OE2 A GLU A 1 128 ? -10.800 9.253   14.151  0.15 43.34  ? 1106 GLU A OE2 1 
ATOM   1211 O OE2 B GLU A 1 128 ? -11.770 12.872  13.158  0.20 34.47  ? 1106 GLU A OE2 1 
ATOM   1212 O OE2 C GLU A 1 128 ? -10.800 9.253   14.151  0.15 43.34  ? 1106 GLU A OE2 1 
ATOM   1213 N N   . SER A 1 129 ? -7.646  15.123  15.686  1.00 30.24  ? 1107 SER A N   1 
ATOM   1214 C CA  . SER A 1 129 ? -7.434  16.412  16.402  1.00 33.21  ? 1107 SER A CA  1 
ATOM   1215 C C   . SER A 1 129 ? -6.905  17.515  15.489  1.00 39.84  ? 1107 SER A C   1 
ATOM   1216 O O   . SER A 1 129 ? -6.805  18.652  15.987  1.00 41.03  ? 1107 SER A O   1 
ATOM   1217 C CB  . SER A 1 129 ? -6.505  16.240  17.574  1.00 33.26  ? 1107 SER A CB  1 
ATOM   1218 O OG  . SER A 1 129 ? -5.138  16.220  17.129  1.00 31.84  ? 1107 SER A OG  1 
ATOM   1219 N N   . ARG A 1 130 ? -6.499  17.221  14.257  1.00 37.88  ? 1108 ARG A N   1 
ATOM   1220 C CA  . ARG A 1 130 ? -5.756  18.214  13.439  1.00 44.11  ? 1108 ARG A CA  1 
ATOM   1221 C C   . ARG A 1 130 ? -6.733  18.885  12.469  1.00 47.73  ? 1108 ARG A C   1 
ATOM   1222 O O   . ARG A 1 130 ? -7.872  18.420  12.281  1.00 50.25  ? 1108 ARG A O   1 
ATOM   1223 C CB  . ARG A 1 130 ? -4.550  17.584  12.745  1.00 43.21  ? 1108 ARG A CB  1 
ATOM   1224 C CG  . ARG A 1 130 ? -3.574  17.071  13.791  1.00 50.34  ? 1108 ARG A CG  1 
ATOM   1225 C CD  . ARG A 1 130 ? -2.148  17.012  13.335  1.00 43.84  ? 1108 ARG A CD  1 
ATOM   1226 N NE  . ARG A 1 130 ? -1.230  16.937  14.479  1.00 39.79  ? 1108 ARG A NE  1 
ATOM   1227 C CZ  . ARG A 1 130 ? 0.039   16.625  14.354  1.00 35.87  ? 1108 ARG A CZ  1 
ATOM   1228 N NH1 . ARG A 1 130 ? 0.499   16.418  13.123  1.00 44.58  ? 1108 ARG A NH1 1 
ATOM   1229 N NH2 . ARG A 1 130 ? 0.857   16.570  15.403  1.00 33.10  ? 1108 ARG A NH2 1 
ATOM   1230 O OXT . ARG A 1 130 ? -6.295  19.927  11.924  1.00 57.04  ? 1108 ARG A OXT 1 
HETATM 1231 C C10 . RHV B 2 .   ? -11.313 -13.231 -7.603  0.48 46.47  ? 1201 RHV A C10 1 
HETATM 1232 C C13 . RHV B 2 .   ? -12.332 -12.868 -9.917  0.48 52.19  ? 1201 RHV A C13 1 
HETATM 1233 C C15 . RHV B 2 .   ? -13.350 -12.579 -12.240 0.48 51.07  ? 1201 RHV A C15 1 
HETATM 1234 C C17 . RHV B 2 .   ? -12.534 -10.207 -9.351  0.48 52.89  ? 1201 RHV A C17 1 
HETATM 1235 C C01 . RHV B 2 .   ? -6.802  -19.191 -8.884  0.48 27.03  ? 1201 RHV A C01 1 
HETATM 1236 C C02 . RHV B 2 .   ? -6.733  -17.900 -9.693  0.48 27.24  ? 1201 RHV A C02 1 
HETATM 1237 C C04 . RHV B 2 .   ? -8.076  -16.404 -8.346  0.48 33.25  ? 1201 RHV A C04 1 
HETATM 1238 C C06 . RHV B 2 .   ? -8.032  -15.326 -7.263  0.48 35.75  ? 1201 RHV A C06 1 
HETATM 1239 C C08 . RHV B 2 .   ? -9.982  -13.861 -8.021  0.48 41.78  ? 1201 RHV A C08 1 
HETATM 1240 C C11 . RHV B 2 .   ? -12.315 -14.336 -7.239  0.48 46.84  ? 1201 RHV A C11 1 
HETATM 1241 C C12 . RHV B 2 .   ? -11.903 -12.335 -8.699  0.48 50.44  ? 1201 RHV A C12 1 
HETATM 1242 C C14 . RHV B 2 .   ? -12.876 -12.036 -10.892 0.48 52.55  ? 1201 RHV A C14 1 
HETATM 1243 C C16 . RHV B 2 .   ? -12.970 -10.680 -10.586 0.48 54.20  ? 1201 RHV A C16 1 
HETATM 1244 N N07 . RHV B 2 .   ? -9.306  -14.670 -7.024  0.48 36.98  ? 1201 RHV A N07 1 
HETATM 1245 N N18 . RHV B 2 .   ? -12.020 -11.036 -8.450  0.48 53.01  ? 1201 RHV A N18 1 
HETATM 1246 O O03 . RHV B 2 .   ? -6.822  -16.829 -8.795  0.48 29.62  ? 1201 RHV A O03 1 
HETATM 1247 O O05 . RHV B 2 .   ? -9.103  -16.840 -8.777  0.48 32.96  ? 1201 RHV A O05 1 
HETATM 1248 O O09 . RHV B 2 .   ? -9.535  -13.709 -9.112  0.48 39.31  ? 1201 RHV A O09 1 
HETATM 1249 S S   . SO4 C 3 .   ? -13.944 -21.885 -17.470 1.00 27.82  ? 1202 SO4 A S   1 
HETATM 1250 O O1  . SO4 C 3 .   ? -13.999 -22.724 -18.662 1.00 29.87  ? 1202 SO4 A O1  1 
HETATM 1251 O O2  . SO4 C 3 .   ? -13.499 -20.597 -17.984 1.00 30.31  ? 1202 SO4 A O2  1 
HETATM 1252 O O3  . SO4 C 3 .   ? -15.124 -21.930 -16.679 1.00 27.93  ? 1202 SO4 A O3  1 
HETATM 1253 O O4  . SO4 C 3 .   ? -12.814 -22.434 -16.694 1.00 36.62  ? 1202 SO4 A O4  1 
HETATM 1254 S S   . SO4 D 3 .   ? -3.058  12.657  -2.590  0.50 26.88  ? 1203 SO4 A S   1 
HETATM 1255 O O1  . SO4 D 3 .   ? -4.296  13.416  -2.396  0.50 28.83  ? 1203 SO4 A O1  1 
HETATM 1256 O O2  . SO4 D 3 .   ? -3.339  11.555  -3.499  0.50 27.77  ? 1203 SO4 A O2  1 
HETATM 1257 O O3  . SO4 D 3 .   ? -2.569  12.143  -1.307  0.50 29.24  ? 1203 SO4 A O3  1 
HETATM 1258 O O4  . SO4 D 3 .   ? -2.030  13.526  -3.154  0.50 27.15  ? 1203 SO4 A O4  1 
HETATM 1259 C C1  . EDO E 4 .   ? 3.570   -0.599  15.195  1.00 24.46  ? 1204 EDO A C1  1 
HETATM 1260 O O1  . EDO E 4 .   ? 3.054   -1.089  16.454  1.00 22.39  ? 1204 EDO A O1  1 
HETATM 1261 C C2  . EDO E 4 .   ? 4.489   0.568   15.346  1.00 18.47  ? 1204 EDO A C2  1 
HETATM 1262 O O2  . EDO E 4 .   ? 5.800   0.179   15.764  1.00 19.90  ? 1204 EDO A O2  1 
HETATM 1263 C C1  . EDO F 4 .   ? 3.857   -5.399  18.261  1.00 46.85  ? 1205 EDO A C1  1 
HETATM 1264 O O1  . EDO F 4 .   ? 4.464   -6.668  18.421  1.00 53.89  ? 1205 EDO A O1  1 
HETATM 1265 C C2  . EDO F 4 .   ? 2.399   -5.471  17.999  1.00 52.35  ? 1205 EDO A C2  1 
HETATM 1266 O O2  . EDO F 4 .   ? 1.852   -6.754  17.990  1.00 53.42  ? 1205 EDO A O2  1 
HETATM 1267 C C1  . EDO G 4 .   ? 4.426   9.674   -5.269  1.00 29.76  ? 1206 EDO A C1  1 
HETATM 1268 O O1  . EDO G 4 .   ? 3.080   9.442   -5.748  1.00 28.70  ? 1206 EDO A O1  1 
HETATM 1269 C C2  . EDO G 4 .   ? 4.923   11.071  -5.450  1.00 27.41  ? 1206 EDO A C2  1 
HETATM 1270 O O2  . EDO G 4 .   ? 5.066   11.388  -6.817  1.00 30.83  ? 1206 EDO A O2  1 
HETATM 1271 O O   . HOH H 5 .   ? -8.356  -2.178  -22.087 1.00 45.40  ? 1301 HOH A O   1 
HETATM 1272 O O   . HOH H 5 .   ? -13.751 -11.063 -18.951 1.00 44.52  ? 1302 HOH A O   1 
HETATM 1273 O O   . HOH H 5 .   ? 4.719   -11.544 10.728  1.00 40.06  ? 1303 HOH A O   1 
HETATM 1274 O O   . HOH H 5 .   ? -12.152 -8.233  -12.403 0.48 42.83  ? 1304 HOH A O   1 
HETATM 1275 O O   . HOH H 5 .   ? 5.290   14.295  10.993  1.00 40.57  ? 1305 HOH A O   1 
HETATM 1276 O O   . HOH H 5 .   ? 11.791  -5.011  5.790   1.00 37.31  ? 1306 HOH A O   1 
HETATM 1277 O O   . HOH H 5 .   ? -12.958 -24.939 -18.542 1.00 28.54  ? 1307 HOH A O   1 
HETATM 1278 O O   . HOH H 5 .   ? -0.583  7.698   -14.394 1.00 47.65  ? 1308 HOH A O   1 
HETATM 1279 O O   . HOH H 5 .   ? 16.989  7.470   11.883  1.00 24.20  ? 1309 HOH A O   1 
HETATM 1280 O O   . HOH H 5 .   ? 10.374  13.761  11.953  1.00 66.96  ? 1310 HOH A O   1 
HETATM 1281 O O   . HOH H 5 .   ? -12.944 -5.148  -15.522 1.00 38.87  ? 1311 HOH A O   1 
HETATM 1282 O O   . HOH H 5 .   ? -10.720 11.214  18.420  1.00 34.67  ? 1312 HOH A O   1 
HETATM 1283 O O   . HOH H 5 .   ? 11.088  -3.525  -9.683  1.00 47.91  ? 1313 HOH A O   1 
HETATM 1284 O O   . HOH H 5 .   ? -8.436  9.212   12.207  1.00 48.72  ? 1314 HOH A O   1 
HETATM 1285 O O   . HOH H 5 .   ? 5.567   -1.690  -14.477 1.00 57.08  ? 1315 HOH A O   1 
HETATM 1286 O O   . HOH H 5 .   ? -2.881  -3.233  -12.421 1.00 26.92  ? 1316 HOH A O   1 
HETATM 1287 O O   . HOH H 5 .   ? 9.355   9.526   21.590  1.00 33.81  ? 1317 HOH A O   1 
HETATM 1288 O O   . HOH H 5 .   ? -2.802  9.076   -6.737  1.00 22.11  ? 1318 HOH A O   1 
HETATM 1289 O O   . HOH H 5 .   ? -6.488  13.261  -1.001  1.00 36.19  ? 1319 HOH A O   1 
HETATM 1290 O O   . HOH H 5 .   ? -9.335  6.021   -6.483  1.00 31.78  ? 1320 HOH A O   1 
HETATM 1291 O O   . HOH H 5 .   ? -3.777  15.449  19.394  1.00 30.81  ? 1321 HOH A O   1 
HETATM 1292 O O   . HOH H 5 .   ? -7.613  -8.975  -20.092 1.00 32.44  ? 1322 HOH A O   1 
HETATM 1293 O O   . HOH H 5 .   ? -3.671  -15.711 -3.696  1.00 23.58  ? 1323 HOH A O   1 
HETATM 1294 O O   . HOH H 5 .   ? -3.039  9.814   -0.174  1.00 27.69  ? 1324 HOH A O   1 
HETATM 1295 O O   . HOH H 5 .   ? 11.424  8.938   -1.175  1.00 26.15  ? 1325 HOH A O   1 
HETATM 1296 O O   . HOH H 5 .   ? -8.772  -0.077  2.309   1.00 28.84  ? 1326 HOH A O   1 
HETATM 1297 O O   . HOH H 5 .   ? -2.022  17.635  16.905  1.00 42.04  ? 1327 HOH A O   1 
HETATM 1298 O O   . HOH H 5 .   ? 1.444   15.134  6.447   1.00 50.16  ? 1328 HOH A O   1 
HETATM 1299 O O   . HOH H 5 .   ? -8.620  13.261  18.893  1.00 27.10  ? 1329 HOH A O   1 
HETATM 1300 O O   . HOH H 5 .   ? -10.868 -16.193 -10.643 0.48 38.41  ? 1330 HOH A O   1 
HETATM 1301 O O   . HOH H 5 .   ? -9.200  -14.843 -22.161 1.00 42.92  ? 1331 HOH A O   1 
HETATM 1302 O O   . HOH H 5 .   ? 8.600   -12.666 -10.692 1.00 42.29  ? 1332 HOH A O   1 
HETATM 1303 O O   . HOH H 5 .   ? 12.028  9.357   16.345  0.50 31.36  ? 1333 HOH A O   1 
HETATM 1304 O O   . HOH H 5 .   ? 3.297   13.128  -7.813  1.00 24.67  ? 1334 HOH A O   1 
HETATM 1305 O O   . HOH H 5 .   ? 13.764  6.856   1.727   1.00 41.75  ? 1335 HOH A O   1 
HETATM 1306 O O   . HOH H 5 .   ? 5.497   1.265   19.773  1.00 20.86  ? 1336 HOH A O   1 
HETATM 1307 O O   . HOH H 5 .   ? -4.553  6.807   1.465   1.00 35.51  ? 1337 HOH A O   1 
HETATM 1308 O O   . HOH H 5 .   ? -2.652  -11.276 -18.793 1.00 48.64  ? 1338 HOH A O   1 
HETATM 1309 O O   . HOH H 5 .   ? -2.212  0.295   -10.737 1.00 19.02  ? 1339 HOH A O   1 
HETATM 1310 O O   . HOH H 5 .   ? 1.371   3.515   -10.378 1.00 24.26  ? 1340 HOH A O   1 
HETATM 1311 O O   . HOH H 5 .   ? 2.691   -14.552 1.599   1.00 27.09  ? 1341 HOH A O   1 
HETATM 1312 O O   . HOH H 5 .   ? 3.357   16.114  1.471   1.00 47.46  ? 1342 HOH A O   1 
HETATM 1313 O O   . HOH H 5 .   ? -7.284  6.890   9.140   1.00 29.14  ? 1343 HOH A O   1 
HETATM 1314 O O   . HOH H 5 .   ? -7.222  0.889   21.193  1.00 35.95  ? 1344 HOH A O   1 
HETATM 1315 O O   . HOH H 5 .   ? -5.161  7.205   -15.268 1.00 34.52  ? 1345 HOH A O   1 
HETATM 1316 O O   . HOH H 5 .   ? -4.439  12.401  6.970   1.00 62.93  ? 1346 HOH A O   1 
HETATM 1317 O O   . HOH H 5 .   ? 1.390   14.915  23.060  1.00 30.14  ? 1347 HOH A O   1 
HETATM 1318 O O   . HOH H 5 .   ? -11.767 7.313   21.148  1.00 33.88  ? 1348 HOH A O   1 
HETATM 1319 O O   . HOH H 5 .   ? 6.152   -4.149  14.952  1.00 19.35  ? 1349 HOH A O   1 
HETATM 1320 O O   . HOH H 5 .   ? -4.678  -11.727 5.372   1.00 23.69  ? 1350 HOH A O   1 
HETATM 1321 O O   . HOH H 5 .   ? -3.729  -15.024 -0.819  1.00 31.56  ? 1351 HOH A O   1 
HETATM 1322 O O   . HOH H 5 .   ? -8.608  1.453   -1.933  1.00 22.08  ? 1352 HOH A O   1 
HETATM 1323 O O   . HOH H 5 .   ? 9.363   -8.283  -6.458  1.00 23.57  ? 1353 HOH A O   1 
HETATM 1324 O O   . HOH H 5 .   ? 7.593   1.953   -15.114 1.00 58.56  ? 1354 HOH A O   1 
HETATM 1325 O O   . HOH H 5 .   ? -5.112  -8.241  -19.356 1.00 44.43  ? 1355 HOH A O   1 
HETATM 1326 O O   . HOH H 5 .   ? -1.406  9.843   -4.448  1.00 20.34  ? 1356 HOH A O   1 
HETATM 1327 O O   . HOH H 5 .   ? -10.235 -14.601 -4.432  0.48 39.85  ? 1357 HOH A O   1 
HETATM 1328 O O   . HOH H 5 .   ? 10.521  0.320   1.807   1.00 35.79  ? 1358 HOH A O   1 
HETATM 1329 O O   . HOH H 5 .   ? -15.376 -21.412 -13.986 1.00 47.51  ? 1359 HOH A O   1 
HETATM 1330 O O   . HOH H 5 .   ? -3.966  7.417   -3.321  1.00 21.59  ? 1360 HOH A O   1 
HETATM 1331 O O   . HOH H 5 .   ? 7.432   -1.716  14.602  1.00 15.34  ? 1361 HOH A O   1 
HETATM 1332 O O   . HOH H 5 .   ? -2.025  -2.558  -9.804  1.00 19.74  ? 1362 HOH A O   1 
HETATM 1333 O O   . HOH H 5 .   ? -2.705  -19.084 -14.689 1.00 19.31  ? 1363 HOH A O   1 
HETATM 1334 O O   . HOH H 5 .   ? 9.686   -10.907 1.503   1.00 31.75  ? 1364 HOH A O   1 
HETATM 1335 O O   . HOH H 5 .   ? 4.093   6.928   20.266  1.00 26.26  ? 1365 HOH A O   1 
HETATM 1336 O O   . HOH H 5 .   ? -9.527  -0.041  -8.638  1.00 23.64  ? 1366 HOH A O   1 
HETATM 1337 O O   . HOH H 5 .   ? -8.168  8.315   -17.637 1.00 53.17  ? 1367 HOH A O   1 
HETATM 1338 O O   . HOH H 5 .   ? -12.657 2.632   -16.682 1.00 49.85  ? 1368 HOH A O   1 
HETATM 1339 O O   . HOH H 5 .   ? 7.037   13.176  12.346  1.00 27.37  ? 1369 HOH A O   1 
HETATM 1340 O O   . HOH H 5 .   ? -13.039 -14.454 -16.000 1.00 34.33  ? 1370 HOH A O   1 
HETATM 1341 O O   . HOH H 5 .   ? -1.461  -12.499 10.817  1.00 29.09  ? 1371 HOH A O   1 
HETATM 1342 O O   . HOH H 5 .   ? 7.682   7.723   -7.028  1.00 32.81  ? 1372 HOH A O   1 
HETATM 1343 O O   . HOH H 5 .   ? 2.261   -11.059 -12.453 1.00 31.43  ? 1373 HOH A O   1 
HETATM 1344 O O   . HOH H 5 .   ? -6.333  11.052  22.542  1.00 22.28  ? 1374 HOH A O   1 
HETATM 1345 O O   . HOH H 5 .   ? 0.619   -1.983  -9.413  1.00 19.00  ? 1375 HOH A O   1 
HETATM 1346 O O   . HOH H 5 .   ? 12.012  1.010   8.075   1.00 14.33  ? 1376 HOH A O   1 
HETATM 1347 O O   . HOH H 5 .   ? 3.592   -3.285  21.037  1.00 30.13  ? 1377 HOH A O   1 
HETATM 1348 O O   . HOH H 5 .   ? -9.556  -0.260  -3.848  1.00 24.08  ? 1378 HOH A O   1 
HETATM 1349 O O   . HOH H 5 .   ? 1.201   11.065  -4.410  1.00 23.01  ? 1379 HOH A O   1 
HETATM 1350 O O   . HOH H 5 .   ? 10.308  5.147   -4.578  1.00 28.05  ? 1380 HOH A O   1 
HETATM 1351 O O   . HOH H 5 .   ? 3.554   18.912  16.545  1.00 49.13  ? 1381 HOH A O   1 
HETATM 1352 O O   . HOH H 5 .   ? -12.931 -1.158  -6.581  1.00 52.19  ? 1382 HOH A O   1 
HETATM 1353 O O   . HOH H 5 .   ? -1.578  -6.668  -17.659 1.00 51.35  ? 1383 HOH A O   1 
HETATM 1354 O O   . HOH H 5 .   ? 8.115   -15.537 -3.388  1.00 48.06  ? 1384 HOH A O   1 
HETATM 1355 O O   . HOH H 5 .   ? 1.837   16.464  -0.472  1.00 46.29  ? 1385 HOH A O   1 
HETATM 1356 O O   . HOH H 5 .   ? 1.931   -1.355  -11.720 1.00 29.57  ? 1386 HOH A O   1 
HETATM 1357 O O   . HOH H 5 .   ? -8.065  1.021   4.779   1.00 25.27  ? 1387 HOH A O   1 
HETATM 1358 O O   . HOH H 5 .   ? -11.425 -7.981  -20.789 1.00 37.61  ? 1388 HOH A O   1 
HETATM 1359 O O   . HOH H 5 .   ? -2.287  -4.893  -14.635 1.00 34.03  ? 1389 HOH A O   1 
HETATM 1360 O O   . HOH H 5 .   ? -6.659  0.182   16.313  1.00 33.53  ? 1390 HOH A O   1 
HETATM 1361 O O   . HOH H 5 .   ? -7.222  9.529   -14.425 1.00 25.78  ? 1391 HOH A O   1 
HETATM 1362 O O   . HOH H 5 .   ? -6.871  -20.342 -17.230 1.00 23.40  ? 1392 HOH A O   1 
HETATM 1363 O O   . HOH H 5 .   ? 4.812   -10.350 -10.537 1.00 24.73  ? 1393 HOH A O   1 
HETATM 1364 O O   . HOH H 5 .   ? 13.276  -9.978  -5.537  1.00 48.88  ? 1394 HOH A O   1 
HETATM 1365 O O   . HOH H 5 .   ? 0.394   -12.948 -15.992 1.00 39.03  ? 1395 HOH A O   1 
HETATM 1366 O O   . HOH H 5 .   ? 8.863   0.073   18.638  1.00 15.87  ? 1396 HOH A O   1 
HETATM 1367 O O   . HOH H 5 .   ? 7.576   -8.589  -13.803 1.00 56.65  ? 1397 HOH A O   1 
HETATM 1368 O O   . HOH H 5 .   ? -8.181  3.268   -10.334 1.00 18.23  ? 1398 HOH A O   1 
HETATM 1369 O O   . HOH H 5 .   ? -8.212  -19.500 -22.059 1.00 25.06  ? 1399 HOH A O   1 
HETATM 1370 O O   . HOH H 5 .   ? 7.515   -3.200  10.249  1.00 27.17  ? 1400 HOH A O   1 
HETATM 1371 O O   . HOH H 5 .   ? -2.573  -5.154  19.377  1.00 31.27  ? 1401 HOH A O   1 
HETATM 1372 O O   . HOH H 5 .   ? -0.884  -2.497  23.757  1.00 40.06  ? 1402 HOH A O   1 
HETATM 1373 O O   . HOH H 5 .   ? 12.071  -4.989  -5.638  1.00 37.39  ? 1403 HOH A O   1 
HETATM 1374 O O   . HOH H 5 .   ? -7.667  2.120   15.489  1.00 39.99  ? 1404 HOH A O   1 
HETATM 1375 O O   . HOH H 5 .   ? -0.977  15.951  0.224   1.00 42.12  ? 1405 HOH A O   1 
HETATM 1376 O O   . HOH H 5 .   ? -6.308  5.145   -1.876  1.00 29.57  ? 1406 HOH A O   1 
HETATM 1377 O O   . HOH H 5 .   ? -2.170  13.092  3.360   1.00 36.54  ? 1407 HOH A O   1 
HETATM 1378 O O   . HOH H 5 .   ? -15.571 -19.768 -19.840 1.00 29.68  ? 1408 HOH A O   1 
HETATM 1379 O O   . HOH H 5 .   ? -7.549  7.019   -3.332  1.00 52.05  ? 1409 HOH A O   1 
HETATM 1380 O O   . HOH H 5 .   ? -1.171  3.945   -19.872 1.00 41.06  ? 1410 HOH A O   1 
HETATM 1381 O O   . HOH H 5 .   ? -2.809  -16.421 -21.073 1.00 39.38  ? 1411 HOH A O   1 
HETATM 1382 O O   . HOH H 5 .   ? -3.326  9.294   2.389   1.00 27.50  ? 1412 HOH A O   1 
HETATM 1383 O O   . HOH H 5 .   ? -11.720 9.989   -17.239 1.00 34.56  ? 1413 HOH A O   1 
HETATM 1384 O O   . HOH H 5 .   ? -9.195  -5.742  1.667   1.00 32.91  ? 1414 HOH A O   1 
HETATM 1385 O O   . HOH H 5 .   ? -9.841  -6.782  -2.960  0.48 25.20  ? 1415 HOH A O   1 
HETATM 1386 O O   . HOH H 5 .   ? 8.485   15.193  3.526   1.00 36.59  ? 1416 HOH A O   1 
HETATM 1387 O O   . HOH H 5 .   ? 6.858   -11.757 6.779   1.00 42.01  ? 1417 HOH A O   1 
HETATM 1388 O O   . HOH H 5 .   ? -6.521  -6.714  -20.238 1.00 49.50  ? 1418 HOH A O   1 
HETATM 1389 O O   . HOH H 5 .   ? 7.610   10.374  -7.908  1.00 31.98  ? 1419 HOH A O   1 
HETATM 1390 O O   . HOH H 5 .   ? 6.983   5.864   -8.475  1.00 39.37  ? 1420 HOH A O   1 
HETATM 1391 O O   . HOH H 5 .   ? 0.260   -16.643 -0.164  1.00 38.88  ? 1421 HOH A O   1 
HETATM 1392 O O   . HOH H 5 .   ? -8.449  -4.622  -2.652  1.00 30.20  ? 1422 HOH A O   1 
HETATM 1393 O O   . HOH H 5 .   ? -4.922  -6.754  9.421   1.00 30.42  ? 1423 HOH A O   1 
HETATM 1394 O O   . HOH H 5 .   ? 3.639   8.826   5.519   1.00 15.99  ? 1424 HOH A O   1 
HETATM 1395 O O   . HOH H 5 .   ? -6.910  -10.242 3.749   1.00 44.67  ? 1425 HOH A O   1 
HETATM 1396 O O   . HOH H 5 .   ? 4.240   -2.023  -17.937 1.00 47.89  ? 1426 HOH A O   1 
HETATM 1397 O O   . HOH H 5 .   ? 6.450   -3.236  -11.993 1.00 48.47  ? 1427 HOH A O   1 
HETATM 1398 O O   . HOH H 5 .   ? 9.397   10.954  -1.497  1.00 23.51  ? 1428 HOH A O   1 
HETATM 1399 O O   . HOH H 5 .   ? -8.247  -1.373  5.917   1.00 32.93  ? 1429 HOH A O   1 
HETATM 1400 O O   . HOH H 5 .   ? 11.430  12.567  3.726   1.00 34.61  ? 1430 HOH A O   1 
HETATM 1401 O O   . HOH H 5 .   ? -17.232 -19.812 -16.558 1.00 42.17  ? 1431 HOH A O   1 
HETATM 1402 O O   . HOH H 5 .   ? 10.704  -14.201 -3.258  1.00 34.64  ? 1432 HOH A O   1 
HETATM 1403 O O   . HOH H 5 .   ? -1.178  17.715  21.589  1.00 37.69  ? 1433 HOH A O   1 
HETATM 1404 O O   . HOH H 5 .   ? 0.927   -17.304 -3.946  1.00 21.87  ? 1434 HOH A O   1 
HETATM 1405 O O   . HOH H 5 .   ? 3.757   10.809  8.331   1.00 19.93  ? 1435 HOH A O   1 
HETATM 1406 O O   . HOH H 5 .   ? -0.775  16.959  10.442  1.00 49.29  ? 1436 HOH A O   1 
HETATM 1407 O O   . HOH H 5 .   ? -10.188 2.862   -12.243 1.00 26.45  ? 1437 HOH A O   1 
HETATM 1408 O O   . HOH H 5 .   ? 8.762   -10.910 5.433   1.00 31.13  ? 1438 HOH A O   1 
HETATM 1409 O O   . HOH H 5 .   ? 9.130   -1.146  -5.416  1.00 34.99  ? 1439 HOH A O   1 
HETATM 1410 O O   . HOH H 5 .   ? 4.402   16.639  8.167   1.00 51.61  ? 1440 HOH A O   1 
HETATM 1411 O O   . HOH H 5 .   ? 6.359   19.571  22.304  1.00 46.83  ? 1441 HOH A O   1 
HETATM 1412 O O   . HOH H 5 .   ? 4.536   -1.375  19.128  1.00 32.53  ? 1442 HOH A O   1 
HETATM 1413 O O   . HOH H 5 .   ? -3.306  -5.153  14.433  1.00 50.47  ? 1443 HOH A O   1 
HETATM 1414 O O   . HOH H 5 .   ? 6.284   -10.989 1.192   1.00 33.19  ? 1444 HOH A O   1 
HETATM 1415 O O   A HOH H 5 .   ? -11.592 -16.068 -15.106 0.15 17.07  ? 1445 HOH A O   1 
HETATM 1416 O O   B HOH H 5 .   ? -11.378 -16.730 -14.444 0.18 24.40  ? 1445 HOH A O   1 
HETATM 1417 O O   C HOH H 5 .   ? -11.592 -16.068 -15.106 0.15 17.07  ? 1445 HOH A O   1 
HETATM 1418 O O   . HOH H 5 .   ? -10.545 -3.647  2.356   1.00 65.10  ? 1446 HOH A O   1 
HETATM 1419 O O   . HOH H 5 .   ? 5.077   9.286   21.821  1.00 32.33  ? 1447 HOH A O   1 
HETATM 1420 O O   . HOH H 5 .   ? 12.387  13.635  20.141  1.00 63.86  ? 1448 HOH A O   1 
HETATM 1421 O O   . HOH H 5 .   ? 0.630   -14.179 9.987   1.00 50.67  ? 1449 HOH A O   1 
HETATM 1422 O O   . HOH H 5 .   ? -10.594 -12.351 -3.019  0.48 37.37  ? 1450 HOH A O   1 
HETATM 1423 O O   . HOH H 5 .   ? -11.721 1.988   17.399  1.00 67.18  ? 1451 HOH A O   1 
HETATM 1424 O O   . HOH H 5 .   ? -1.108  -14.600 0.720   1.00 35.05  ? 1452 HOH A O   1 
HETATM 1425 O O   . HOH H 5 .   ? 9.015   -0.346  -3.039  1.00 39.69  ? 1453 HOH A O   1 
HETATM 1426 O O   . HOH H 5 .   ? 6.624   -13.685 11.493  1.00 38.89  ? 1454 HOH A O   1 
HETATM 1427 O O   . HOH H 5 .   ? -13.075 -14.648 -20.474 1.00 25.37  ? 1455 HOH A O   1 
HETATM 1428 O O   . HOH H 5 .   ? 5.835   -15.348 -14.184 1.00 40.68  ? 1456 HOH A O   1 
HETATM 1429 O O   . HOH H 5 .   ? -11.796 -5.335  -7.936  0.48 36.42  ? 1457 HOH A O   1 
HETATM 1430 O O   . HOH H 5 .   ? -1.759  16.874  -2.172  1.00 32.21  ? 1458 HOH A O   1 
HETATM 1431 O O   . HOH H 5 .   ? 2.348   -12.505 8.623   1.00 41.13  ? 1459 HOH A O   1 
HETATM 1432 O O   . HOH H 5 .   ? 0.481   1.292   -11.901 1.00 22.28  ? 1460 HOH A O   1 
HETATM 1433 O O   . HOH H 5 .   ? -9.620  15.865  18.523  1.00 45.06  ? 1461 HOH A O   1 
HETATM 1434 O O   . HOH H 5 .   ? 12.757  -0.419  5.740   1.00 25.47  ? 1462 HOH A O   1 
HETATM 1435 O O   . HOH H 5 .   ? 11.739  7.007   -3.186  1.00 35.44  ? 1463 HOH A O   1 
HETATM 1436 O O   . HOH H 5 .   ? -12.745 -17.074 -12.111 0.48 34.25  ? 1464 HOH A O   1 
HETATM 1437 O O   . HOH H 5 .   ? 3.406   13.370  9.373   1.00 30.57  ? 1465 HOH A O   1 
HETATM 1438 O O   . HOH H 5 .   ? 11.291  2.283   -4.137  1.00 58.60  ? 1466 HOH A O   1 
HETATM 1439 O O   . HOH H 5 .   ? 8.959   -3.619  -13.180 1.00 61.10  ? 1467 HOH A O   1 
HETATM 1440 O O   . HOH H 5 .   ? 10.511  12.861  0.136   1.00 24.39  ? 1468 HOH A O   1 
HETATM 1441 O O   . HOH H 5 .   ? -6.200  -16.519 -3.602  1.00 42.88  ? 1469 HOH A O   1 
HETATM 1442 O O   . HOH H 5 .   ? -1.454  -14.461 3.540   1.00 35.01  ? 1470 HOH A O   1 
HETATM 1443 O O   . HOH H 5 .   ? 2.156   -12.743 6.117   1.00 53.09  ? 1471 HOH A O   1 
HETATM 1444 O O   . HOH H 5 .   ? -4.982  -11.201 8.120   1.00 28.36  ? 1472 HOH A O   1 
HETATM 1445 O O   . HOH H 5 .   ? -1.806  -12.523 13.823  1.00 37.17  ? 1473 HOH A O   1 
HETATM 1446 O O   . HOH H 5 .   ? -4.966  -5.894  11.858  1.00 50.20  ? 1474 HOH A O   1 
HETATM 1447 O O   . HOH H 5 .   ? -4.630  -16.536 -23.441 1.00 50.94  ? 1475 HOH A O   1 
HETATM 1448 O O   . HOH H 5 .   ? 11.109  -12.720 -0.210  1.00 48.38  ? 1476 HOH A O   1 
HETATM 1449 O O   . HOH H 5 .   ? 1.647   -18.175 0.969   1.00 61.67  ? 1477 HOH A O   1 
HETATM 1450 O O   A HOH H 5 .   ? -8.324  -14.925 -2.952  0.15 36.92  ? 1478 HOH A O   1 
HETATM 1451 O O   B HOH H 5 .   ? -8.116  -14.485 -0.241  0.18 17.60  ? 1478 HOH A O   1 
HETATM 1452 O O   C HOH H 5 .   ? -8.324  -14.925 -2.952  0.15 36.92  ? 1478 HOH A O   1 
HETATM 1453 O O   . HOH H 5 .   ? 7.306   10.446  22.832  0.48 32.07  ? 1479 HOH A O   1 
HETATM 1454 O O   . HOH H 5 .   ? 6.798   -11.452 -12.322 1.00 39.35  ? 1480 HOH A O   1 
HETATM 1455 O O   . HOH H 5 .   ? -4.164  -14.346 5.084   1.00 35.72  ? 1481 HOH A O   1 
HETATM 1456 O O   . HOH H 5 .   ? -8.780  4.112   -2.634  1.00 37.24  ? 1482 HOH A O   1 
HETATM 1457 O O   . HOH H 5 .   ? -1.478  -17.461 -2.555  1.00 26.08  ? 1483 HOH A O   1 
HETATM 1458 O O   . HOH H 5 .   ? -8.291  -8.207  3.087   1.00 56.56  ? 1484 HOH A O   1 
HETATM 1459 O O   . HOH H 5 .   ? -15.379 -9.238  -19.261 1.00 50.22  ? 1485 HOH A O   1 
HETATM 1460 O O   . HOH H 5 .   ? 8.970   -1.724  12.171  1.00 17.44  ? 1486 HOH A O   1 
HETATM 1461 O O   . HOH H 5 .   ? 8.392   -15.565 -10.400 1.00 48.71  ? 1487 HOH A O   1 
HETATM 1462 O O   . HOH H 5 .   ? 5.032   -13.992 3.115   1.00 45.43  ? 1488 HOH A O   1 
HETATM 1463 O O   . HOH H 5 .   ? -11.212 1.768   -5.291  1.00 42.79  ? 1489 HOH A O   1 
HETATM 1464 O O   . HOH H 5 .   ? 12.127  -0.967  -0.002  1.00 42.01  ? 1490 HOH A O   1 
HETATM 1465 O O   . HOH H 5 .   ? 9.894   15.612  10.158  1.00 52.96  ? 1491 HOH A O   1 
HETATM 1466 O O   . HOH H 5 .   ? -10.775 -2.488  -2.424  1.00 47.72  ? 1492 HOH A O   1 
HETATM 1467 O O   . HOH H 5 .   ? -6.648  -9.062  8.962   1.00 35.66  ? 1493 HOH A O   1 
HETATM 1468 O O   . HOH H 5 .   ? -10.175 0.846   0.280   1.00 27.77  ? 1494 HOH A O   1 
HETATM 1469 O O   . HOH H 5 .   ? 10.048  15.392  0.769   1.00 31.56  ? 1495 HOH A O   1 
HETATM 1470 O O   . HOH H 5 .   ? -12.874 9.582   19.610  1.00 46.06  ? 1496 HOH A O   1 
HETATM 1471 O O   . HOH H 5 .   ? -9.970  4.500   -8.577  1.00 26.09  ? 1497 HOH A O   1 
HETATM 1472 O O   . HOH H 5 .   ? 0.545   -14.468 5.038   1.00 42.14  ? 1498 HOH A O   1 
HETATM 1473 O O   . HOH H 5 .   ? -11.009 2.090   -7.598  1.00 29.98  ? 1499 HOH A O   1 
HETATM 1474 O O   . HOH H 5 .   ? 11.506  -9.243  -7.586  1.00 42.46  ? 1500 HOH A O   1 
HETATM 1475 O O   . HOH H 5 .   ? -3.812  -13.275 9.555   1.00 32.87  ? 1501 HOH A O   1 
HETATM 1476 O O   . HOH H 5 .   ? 5.410   17.946  1.033   1.00 42.79  ? 1502 HOH A O   1 
HETATM 1477 O O   . HOH H 5 .   ? 13.771  5.205   -1.313  1.00 56.65  ? 1503 HOH A O   1 
HETATM 1478 O O   . HOH H 5 .   ? 11.846  2.833   2.068   1.00 34.52  ? 1504 HOH A O   1 
HETATM 1479 O O   . HOH H 5 .   ? -5.280  -2.051  14.624  1.00 41.78  ? 1505 HOH A O   1 
HETATM 1480 O O   . HOH H 5 .   ? -5.189  -20.469 -15.014 1.00 21.42  ? 1506 HOH A O   1 
HETATM 1481 O O   . HOH H 5 .   ? -10.248 4.488   -4.703  1.00 43.66  ? 1507 HOH A O   1 
HETATM 1482 O O   . HOH H 5 .   ? 11.461  -2.455  -5.885  1.00 44.10  ? 1508 HOH A O   1 
HETATM 1483 O O   . HOH H 5 .   ? 2.790   -10.279 -15.067 1.00 49.00  ? 1509 HOH A O   1 
HETATM 1484 O O   . HOH H 5 .   ? 4.967   -3.288  23.396  1.00 46.61  ? 1510 HOH A O   1 
HETATM 1485 O O   . HOH H 5 .   ? -12.413 4.049   -11.961 1.00 58.74  ? 1511 HOH A O   1 
HETATM 1486 O O   . HOH H 5 .   ? 6.242   -11.595 3.638   1.00 42.91  ? 1512 HOH A O   1 
HETATM 1487 O O   . HOH H 5 .   ? -1.042  -4.062  -16.794 1.00 46.55  ? 1513 HOH A O   1 
HETATM 1488 O O   . HOH H 5 .   ? -11.581 -5.452  -5.610  1.00 49.18  ? 1514 HOH A O   1 
HETATM 1489 O O   . HOH H 5 .   ? -12.929 -3.455  -4.503  1.00 52.17  ? 1515 HOH A O   1 
HETATM 1490 O O   . HOH H 5 .   ? -3.053  16.617  9.453   1.00 47.39  ? 1516 HOH A O   1 
HETATM 1491 O O   . HOH H 5 .   ? 5.467   -6.178  -16.533 1.00 66.33  ? 1517 HOH A O   1 
HETATM 1492 O O   . HOH H 5 .   ? -12.112 5.688   -9.914  1.00 36.96  ? 1518 HOH A O   1 
HETATM 1493 O O   . HOH H 5 .   ? -3.233  -15.317 7.620   1.00 40.32  ? 1519 HOH A O   1 
HETATM 1494 O O   . HOH H 5 .   ? -0.646  -15.639 7.408   1.00 50.52  ? 1520 HOH A O   1 
HETATM 1495 O O   . HOH H 5 .   ? 12.925  2.278   -1.696  1.00 56.46  ? 1521 HOH A O   1 
# 
